data_8PFW
# 
_entry.id   8PFW 
# 
_audit_conform.dict_name       mmcif_pdbx.dic 
_audit_conform.dict_version    5.398 
_audit_conform.dict_location   http://mmcif.pdb.org/dictionaries/ascii/mmcif_pdbx.dic 
# 
loop_
_database_2.database_id 
_database_2.database_code 
_database_2.pdbx_database_accession 
_database_2.pdbx_DOI 
PDB   8PFW         pdb_00008pfw 10.2210/pdb8pfw/pdb 
WWPDB D_1292131272 ?            ?                   
# 
loop_
_pdbx_audit_revision_history.ordinal 
_pdbx_audit_revision_history.data_content_type 
_pdbx_audit_revision_history.major_revision 
_pdbx_audit_revision_history.minor_revision 
_pdbx_audit_revision_history.revision_date 
1 'Structure model' 1 0 2023-07-19 
2 'Structure model' 1 1 2024-11-13 
# 
_pdbx_audit_revision_details.ordinal             1 
_pdbx_audit_revision_details.revision_ordinal    1 
_pdbx_audit_revision_details.data_content_type   'Structure model' 
_pdbx_audit_revision_details.provider            repository 
_pdbx_audit_revision_details.type                'Initial release' 
_pdbx_audit_revision_details.description         ? 
_pdbx_audit_revision_details.details             ? 
# 
loop_
_pdbx_audit_revision_group.ordinal 
_pdbx_audit_revision_group.revision_ordinal 
_pdbx_audit_revision_group.data_content_type 
_pdbx_audit_revision_group.group 
1 2 'Structure model' 'Data collection'     
2 2 'Structure model' 'Database references' 
3 2 'Structure model' 'Structure summary'   
# 
loop_
_pdbx_audit_revision_category.ordinal 
_pdbx_audit_revision_category.revision_ordinal 
_pdbx_audit_revision_category.data_content_type 
_pdbx_audit_revision_category.category 
1 2 'Structure model' chem_comp_atom            
2 2 'Structure model' chem_comp_bond            
3 2 'Structure model' citation                  
4 2 'Structure model' pdbx_entry_details        
5 2 'Structure model' pdbx_modification_feature 
6 2 'Structure model' pdbx_validate_planes      
# 
loop_
_pdbx_audit_revision_item.ordinal 
_pdbx_audit_revision_item.revision_ordinal 
_pdbx_audit_revision_item.data_content_type 
_pdbx_audit_revision_item.item 
1 2 'Structure model' '_citation.country'                            
2 2 'Structure model' '_citation.journal_id_ISSN'                    
3 2 'Structure model' '_pdbx_entry_details.has_protein_modification' 
4 2 'Structure model' '_pdbx_validate_planes.type'                   
# 
_pdbx_database_status.status_code                     REL 
_pdbx_database_status.status_code_sf                  REL 
_pdbx_database_status.status_code_mr                  ? 
_pdbx_database_status.entry_id                        8PFW 
_pdbx_database_status.recvd_initial_deposition_date   2023-06-16 
_pdbx_database_status.SG_entry                        N 
_pdbx_database_status.deposit_site                    PDBE 
_pdbx_database_status.process_site                    PDBE 
_pdbx_database_status.status_code_cs                  ? 
_pdbx_database_status.status_code_nmr_data            ? 
_pdbx_database_status.methods_development_category    ? 
_pdbx_database_status.pdb_format_compatible           Y 
# 
_pdbx_contact_author.id                 4 
_pdbx_contact_author.email              aaronter@ucm.es 
_pdbx_contact_author.name_first         Aaron 
_pdbx_contact_author.name_last          Teran 
_pdbx_contact_author.name_mi            ? 
_pdbx_contact_author.role               'principal investigator/group leader' 
_pdbx_contact_author.identifier_ORCID   0000-0001-6126-6230 
# 
loop_
_audit_author.name 
_audit_author.pdbx_ordinal 
_audit_author.identifier_ORCID 
'Teran, A.'   1 ? 
'Ferraro, G.' 2 ? 
'Merlino, A.' 3 ? 
# 
_citation.abstract                  ? 
_citation.abstract_id_CAS           ? 
_citation.book_id_ISBN              ? 
_citation.book_publisher            ? 
_citation.book_publisher_city       ? 
_citation.book_title                ? 
_citation.coordinate_linkage        ? 
_citation.country                   UK 
_citation.database_id_Medline       ? 
_citation.details                   ? 
_citation.id                        primary 
_citation.journal_abbrev            'Inorg Chem Front' 
_citation.journal_id_ASTM           ? 
_citation.journal_id_CSD            ? 
_citation.journal_id_ISSN           2052-1553 
_citation.journal_full              ? 
_citation.journal_issue             ? 
_citation.journal_volume            ? 
_citation.language                  ? 
_citation.page_first                ? 
_citation.page_last                 ? 
_citation.title                     'Charge effect in protein metalation reactions by diruthenium complexes' 
_citation.year                      2023 
_citation.database_id_CSD           ? 
_citation.pdbx_database_id_DOI      10.1039/D3QI01192E 
_citation.pdbx_database_id_PubMed   ? 
_citation.pdbx_database_id_patent   ? 
_citation.unpublished_flag          ? 
# 
loop_
_citation_author.citation_id 
_citation_author.name 
_citation_author.ordinal 
_citation_author.identifier_ORCID 
primary 'Herrero Dominguez, S.' 1 ? 
primary 'Teran, A.'             2 ? 
primary 'Ferraro, G.'           3 ? 
primary 'Sanchez-Pelaez, A.E.'  4 ? 
primary 'Merlino, A.'           5 ? 
# 
loop_
_entity.id 
_entity.type 
_entity.src_method 
_entity.pdbx_description 
_entity.formula_weight 
_entity.pdbx_number_of_molecules 
_entity.pdbx_ec 
_entity.pdbx_mutation 
_entity.pdbx_fragment 
_entity.details 
1 polymer     nat 'Lysozyme C'           14331.160 1  3.2.1.17 ? ? ? 
2 non-polymer syn 'CHLORIDE ION'         35.453    1  ?        ? ? ? 
3 non-polymer syn 'SODIUM ION'           22.990    1  ?        ? ? ? 
4 non-polymer syn 'NITRATE ION'          62.005    3  ?        ? ? ? 
5 non-polymer syn 'K2[Ru2(DAniF)(CO3)3]' 638.466   3  ?        ? ? ? 
6 water       nat water                  18.015    87 ?        ? ? ? 
# 
_entity_name_com.entity_id   1 
_entity_name_com.name        '1,4-beta-N-acetylmuramidase C,Allergen Gal d IV' 
# 
_entity_poly.entity_id                      1 
_entity_poly.type                           'polypeptide(L)' 
_entity_poly.nstd_linkage                   no 
_entity_poly.nstd_monomer                   no 
_entity_poly.pdbx_seq_one_letter_code       
;KVFGRCELAAAMKRHGLDNYRGYSLGNWVCAAKFESNFNTQATNRNTDGSTDYGILQINSRWWCNDGRTPGSRNLCNIPC
SALLSSDITASVNCAKKIVSDGNGMNAWVAWRNRCKGTDVQAWIRGCRL
;
_entity_poly.pdbx_seq_one_letter_code_can   
;KVFGRCELAAAMKRHGLDNYRGYSLGNWVCAAKFESNFNTQATNRNTDGSTDYGILQINSRWWCNDGRTPGSRNLCNIPC
SALLSSDITASVNCAKKIVSDGNGMNAWVAWRNRCKGTDVQAWIRGCRL
;
_entity_poly.pdbx_strand_id                 A 
_entity_poly.pdbx_target_identifier         ? 
# 
loop_
_pdbx_entity_nonpoly.entity_id 
_pdbx_entity_nonpoly.name 
_pdbx_entity_nonpoly.comp_id 
2 'CHLORIDE ION'         CL  
3 'SODIUM ION'           NA  
4 'NITRATE ION'          NO3 
5 'K2[Ru2(DAniF)(CO3)3]' YWR 
6 water                  HOH 
# 
loop_
_entity_poly_seq.entity_id 
_entity_poly_seq.num 
_entity_poly_seq.mon_id 
_entity_poly_seq.hetero 
1 1   LYS n 
1 2   VAL n 
1 3   PHE n 
1 4   GLY n 
1 5   ARG n 
1 6   CYS n 
1 7   GLU n 
1 8   LEU n 
1 9   ALA n 
1 10  ALA n 
1 11  ALA n 
1 12  MET n 
1 13  LYS n 
1 14  ARG n 
1 15  HIS n 
1 16  GLY n 
1 17  LEU n 
1 18  ASP n 
1 19  ASN n 
1 20  TYR n 
1 21  ARG n 
1 22  GLY n 
1 23  TYR n 
1 24  SER n 
1 25  LEU n 
1 26  GLY n 
1 27  ASN n 
1 28  TRP n 
1 29  VAL n 
1 30  CYS n 
1 31  ALA n 
1 32  ALA n 
1 33  LYS n 
1 34  PHE n 
1 35  GLU n 
1 36  SER n 
1 37  ASN n 
1 38  PHE n 
1 39  ASN n 
1 40  THR n 
1 41  GLN n 
1 42  ALA n 
1 43  THR n 
1 44  ASN n 
1 45  ARG n 
1 46  ASN n 
1 47  THR n 
1 48  ASP n 
1 49  GLY n 
1 50  SER n 
1 51  THR n 
1 52  ASP n 
1 53  TYR n 
1 54  GLY n 
1 55  ILE n 
1 56  LEU n 
1 57  GLN n 
1 58  ILE n 
1 59  ASN n 
1 60  SER n 
1 61  ARG n 
1 62  TRP n 
1 63  TRP n 
1 64  CYS n 
1 65  ASN n 
1 66  ASP n 
1 67  GLY n 
1 68  ARG n 
1 69  THR n 
1 70  PRO n 
1 71  GLY n 
1 72  SER n 
1 73  ARG n 
1 74  ASN n 
1 75  LEU n 
1 76  CYS n 
1 77  ASN n 
1 78  ILE n 
1 79  PRO n 
1 80  CYS n 
1 81  SER n 
1 82  ALA n 
1 83  LEU n 
1 84  LEU n 
1 85  SER n 
1 86  SER n 
1 87  ASP n 
1 88  ILE n 
1 89  THR n 
1 90  ALA n 
1 91  SER n 
1 92  VAL n 
1 93  ASN n 
1 94  CYS n 
1 95  ALA n 
1 96  LYS n 
1 97  LYS n 
1 98  ILE n 
1 99  VAL n 
1 100 SER n 
1 101 ASP n 
1 102 GLY n 
1 103 ASN n 
1 104 GLY n 
1 105 MET n 
1 106 ASN n 
1 107 ALA n 
1 108 TRP n 
1 109 VAL n 
1 110 ALA n 
1 111 TRP n 
1 112 ARG n 
1 113 ASN n 
1 114 ARG n 
1 115 CYS n 
1 116 LYS n 
1 117 GLY n 
1 118 THR n 
1 119 ASP n 
1 120 VAL n 
1 121 GLN n 
1 122 ALA n 
1 123 TRP n 
1 124 ILE n 
1 125 ARG n 
1 126 GLY n 
1 127 CYS n 
1 128 ARG n 
1 129 LEU n 
# 
_entity_src_nat.entity_id                  1 
_entity_src_nat.pdbx_src_id                1 
_entity_src_nat.pdbx_alt_source_flag       sample 
_entity_src_nat.pdbx_beg_seq_num           1 
_entity_src_nat.pdbx_end_seq_num           129 
_entity_src_nat.common_name                chicken 
_entity_src_nat.pdbx_organism_scientific   'Gallus gallus' 
_entity_src_nat.pdbx_ncbi_taxonomy_id      9031 
_entity_src_nat.genus                      ? 
_entity_src_nat.species                    ? 
_entity_src_nat.strain                     ? 
_entity_src_nat.tissue                     ? 
_entity_src_nat.tissue_fraction            ? 
_entity_src_nat.pdbx_secretion             ? 
_entity_src_nat.pdbx_fragment              ? 
_entity_src_nat.pdbx_variant               ? 
_entity_src_nat.pdbx_cell_line             ? 
_entity_src_nat.pdbx_atcc                  ? 
_entity_src_nat.pdbx_cellular_location     ? 
_entity_src_nat.pdbx_organ                 ? 
_entity_src_nat.pdbx_organelle             ? 
_entity_src_nat.pdbx_cell                  ? 
_entity_src_nat.pdbx_plasmid_name          ? 
_entity_src_nat.pdbx_plasmid_details       ? 
_entity_src_nat.details                    ? 
# 
loop_
_chem_comp.id 
_chem_comp.type 
_chem_comp.mon_nstd_flag 
_chem_comp.name 
_chem_comp.pdbx_synonyms 
_chem_comp.formula 
_chem_comp.formula_weight 
ALA 'L-peptide linking' y ALANINE                ? 'C3 H7 N O2'         89.093  
ARG 'L-peptide linking' y ARGININE               ? 'C6 H15 N4 O2 1'     175.209 
ASN 'L-peptide linking' y ASPARAGINE             ? 'C4 H8 N2 O3'        132.118 
ASP 'L-peptide linking' y 'ASPARTIC ACID'        ? 'C4 H7 N O4'         133.103 
CL  non-polymer         . 'CHLORIDE ION'         ? 'Cl -1'              35.453  
CYS 'L-peptide linking' y CYSTEINE               ? 'C3 H7 N O2 S'       121.158 
GLN 'L-peptide linking' y GLUTAMINE              ? 'C5 H10 N2 O3'       146.144 
GLU 'L-peptide linking' y 'GLUTAMIC ACID'        ? 'C5 H9 N O4'         147.129 
GLY 'peptide linking'   y GLYCINE                ? 'C2 H5 N O2'         75.067  
HIS 'L-peptide linking' y HISTIDINE              ? 'C6 H10 N3 O2 1'     156.162 
HOH non-polymer         . WATER                  ? 'H2 O'               18.015  
ILE 'L-peptide linking' y ISOLEUCINE             ? 'C6 H13 N O2'        131.173 
LEU 'L-peptide linking' y LEUCINE                ? 'C6 H13 N O2'        131.173 
LYS 'L-peptide linking' y LYSINE                 ? 'C6 H15 N2 O2 1'     147.195 
MET 'L-peptide linking' y METHIONINE             ? 'C5 H11 N O2 S'      149.211 
NA  non-polymer         . 'SODIUM ION'           ? 'Na 1'               22.990  
NO3 non-polymer         . 'NITRATE ION'          ? 'N O3 -1'            62.005  
PHE 'L-peptide linking' y PHENYLALANINE          ? 'C9 H11 N O2'        165.189 
PRO 'L-peptide linking' y PROLINE                ? 'C5 H9 N O2'         115.130 
SER 'L-peptide linking' y SERINE                 ? 'C3 H7 N O3'         105.093 
THR 'L-peptide linking' y THREONINE              ? 'C4 H9 N O3'         119.119 
TRP 'L-peptide linking' y TRYPTOPHAN             ? 'C11 H12 N2 O2'      204.225 
TYR 'L-peptide linking' y TYROSINE               ? 'C9 H11 N O3'        181.189 
VAL 'L-peptide linking' y VALINE                 ? 'C5 H11 N O2'        117.146 
YWR non-polymer         . 'K2[Ru2(DAniF)(CO3)3]' ? 'C18 H16 N2 O11 Ru2' 638.466 
# 
loop_
_pdbx_poly_seq_scheme.asym_id 
_pdbx_poly_seq_scheme.entity_id 
_pdbx_poly_seq_scheme.seq_id 
_pdbx_poly_seq_scheme.mon_id 
_pdbx_poly_seq_scheme.ndb_seq_num 
_pdbx_poly_seq_scheme.pdb_seq_num 
_pdbx_poly_seq_scheme.auth_seq_num 
_pdbx_poly_seq_scheme.pdb_mon_id 
_pdbx_poly_seq_scheme.auth_mon_id 
_pdbx_poly_seq_scheme.pdb_strand_id 
_pdbx_poly_seq_scheme.pdb_ins_code 
_pdbx_poly_seq_scheme.hetero 
A 1 1   LYS 1   1   1   LYS LYS A . n 
A 1 2   VAL 2   2   2   VAL VAL A . n 
A 1 3   PHE 3   3   3   PHE PHE A . n 
A 1 4   GLY 4   4   4   GLY GLY A . n 
A 1 5   ARG 5   5   5   ARG ARG A . n 
A 1 6   CYS 6   6   6   CYS CYS A . n 
A 1 7   GLU 7   7   7   GLU GLU A . n 
A 1 8   LEU 8   8   8   LEU LEU A . n 
A 1 9   ALA 9   9   9   ALA ALA A . n 
A 1 10  ALA 10  10  10  ALA ALA A . n 
A 1 11  ALA 11  11  11  ALA ALA A . n 
A 1 12  MET 12  12  12  MET MET A . n 
A 1 13  LYS 13  13  13  LYS LYS A . n 
A 1 14  ARG 14  14  14  ARG ARG A . n 
A 1 15  HIS 15  15  15  HIS HIS A . n 
A 1 16  GLY 16  16  16  GLY GLY A . n 
A 1 17  LEU 17  17  17  LEU LEU A . n 
A 1 18  ASP 18  18  18  ASP ASP A . n 
A 1 19  ASN 19  19  19  ASN ASN A . n 
A 1 20  TYR 20  20  20  TYR TYR A . n 
A 1 21  ARG 21  21  21  ARG ARG A . n 
A 1 22  GLY 22  22  22  GLY GLY A . n 
A 1 23  TYR 23  23  23  TYR TYR A . n 
A 1 24  SER 24  24  24  SER SER A . n 
A 1 25  LEU 25  25  25  LEU LEU A . n 
A 1 26  GLY 26  26  26  GLY GLY A . n 
A 1 27  ASN 27  27  27  ASN ASN A . n 
A 1 28  TRP 28  28  28  TRP TRP A . n 
A 1 29  VAL 29  29  29  VAL VAL A . n 
A 1 30  CYS 30  30  30  CYS CYS A . n 
A 1 31  ALA 31  31  31  ALA ALA A . n 
A 1 32  ALA 32  32  32  ALA ALA A . n 
A 1 33  LYS 33  33  33  LYS LYS A . n 
A 1 34  PHE 34  34  34  PHE PHE A . n 
A 1 35  GLU 35  35  35  GLU GLU A . n 
A 1 36  SER 36  36  36  SER SER A . n 
A 1 37  ASN 37  37  37  ASN ASN A . n 
A 1 38  PHE 38  38  38  PHE PHE A . n 
A 1 39  ASN 39  39  39  ASN ASN A . n 
A 1 40  THR 40  40  40  THR THR A . n 
A 1 41  GLN 41  41  41  GLN GLN A . n 
A 1 42  ALA 42  42  42  ALA ALA A . n 
A 1 43  THR 43  43  43  THR THR A . n 
A 1 44  ASN 44  44  44  ASN ASN A . n 
A 1 45  ARG 45  45  45  ARG ARG A . n 
A 1 46  ASN 46  46  46  ASN ASN A . n 
A 1 47  THR 47  47  47  THR THR A . n 
A 1 48  ASP 48  48  48  ASP ASP A . n 
A 1 49  GLY 49  49  49  GLY GLY A . n 
A 1 50  SER 50  50  50  SER SER A . n 
A 1 51  THR 51  51  51  THR THR A . n 
A 1 52  ASP 52  52  52  ASP ASP A . n 
A 1 53  TYR 53  53  53  TYR TYR A . n 
A 1 54  GLY 54  54  54  GLY GLY A . n 
A 1 55  ILE 55  55  55  ILE ILE A . n 
A 1 56  LEU 56  56  56  LEU LEU A . n 
A 1 57  GLN 57  57  57  GLN GLN A . n 
A 1 58  ILE 58  58  58  ILE ILE A . n 
A 1 59  ASN 59  59  59  ASN ASN A . n 
A 1 60  SER 60  60  60  SER SER A . n 
A 1 61  ARG 61  61  61  ARG ARG A . n 
A 1 62  TRP 62  62  62  TRP TRP A . n 
A 1 63  TRP 63  63  63  TRP TRP A . n 
A 1 64  CYS 64  64  64  CYS CYS A . n 
A 1 65  ASN 65  65  65  ASN ASN A . n 
A 1 66  ASP 66  66  66  ASP ASP A . n 
A 1 67  GLY 67  67  67  GLY GLY A . n 
A 1 68  ARG 68  68  68  ARG ARG A . n 
A 1 69  THR 69  69  69  THR THR A . n 
A 1 70  PRO 70  70  70  PRO PRO A . n 
A 1 71  GLY 71  71  71  GLY GLY A . n 
A 1 72  SER 72  72  72  SER SER A . n 
A 1 73  ARG 73  73  73  ARG ARG A . n 
A 1 74  ASN 74  74  74  ASN ASN A . n 
A 1 75  LEU 75  75  75  LEU LEU A . n 
A 1 76  CYS 76  76  76  CYS CYS A . n 
A 1 77  ASN 77  77  77  ASN ASN A . n 
A 1 78  ILE 78  78  78  ILE ILE A . n 
A 1 79  PRO 79  79  79  PRO PRO A . n 
A 1 80  CYS 80  80  80  CYS CYS A . n 
A 1 81  SER 81  81  81  SER SER A . n 
A 1 82  ALA 82  82  82  ALA ALA A . n 
A 1 83  LEU 83  83  83  LEU LEU A . n 
A 1 84  LEU 84  84  84  LEU LEU A . n 
A 1 85  SER 85  85  85  SER SER A . n 
A 1 86  SER 86  86  86  SER SER A . n 
A 1 87  ASP 87  87  87  ASP ASP A . n 
A 1 88  ILE 88  88  88  ILE ILE A . n 
A 1 89  THR 89  89  89  THR THR A . n 
A 1 90  ALA 90  90  90  ALA ALA A . n 
A 1 91  SER 91  91  91  SER SER A . n 
A 1 92  VAL 92  92  92  VAL VAL A . n 
A 1 93  ASN 93  93  93  ASN ASN A . n 
A 1 94  CYS 94  94  94  CYS CYS A . n 
A 1 95  ALA 95  95  95  ALA ALA A . n 
A 1 96  LYS 96  96  96  LYS LYS A . n 
A 1 97  LYS 97  97  97  LYS LYS A . n 
A 1 98  ILE 98  98  98  ILE ILE A . n 
A 1 99  VAL 99  99  99  VAL VAL A . n 
A 1 100 SER 100 100 100 SER SER A . n 
A 1 101 ASP 101 101 101 ASP ASP A . n 
A 1 102 GLY 102 102 102 GLY GLY A . n 
A 1 103 ASN 103 103 103 ASN ASN A . n 
A 1 104 GLY 104 104 104 GLY GLY A . n 
A 1 105 MET 105 105 105 MET MET A . n 
A 1 106 ASN 106 106 106 ASN ASN A . n 
A 1 107 ALA 107 107 107 ALA ALA A . n 
A 1 108 TRP 108 108 108 TRP TRP A . n 
A 1 109 VAL 109 109 109 VAL VAL A . n 
A 1 110 ALA 110 110 110 ALA ALA A . n 
A 1 111 TRP 111 111 111 TRP TRP A . n 
A 1 112 ARG 112 112 112 ARG ARG A . n 
A 1 113 ASN 113 113 113 ASN ASN A . n 
A 1 114 ARG 114 114 114 ARG ARG A . n 
A 1 115 CYS 115 115 115 CYS CYS A . n 
A 1 116 LYS 116 116 116 LYS LYS A . n 
A 1 117 GLY 117 117 117 GLY GLY A . n 
A 1 118 THR 118 118 118 THR THR A . n 
A 1 119 ASP 119 119 119 ASP ASP A . n 
A 1 120 VAL 120 120 120 VAL VAL A . n 
A 1 121 GLN 121 121 121 GLN GLN A . n 
A 1 122 ALA 122 122 122 ALA ALA A . n 
A 1 123 TRP 123 123 123 TRP TRP A . n 
A 1 124 ILE 124 124 124 ILE ILE A . n 
A 1 125 ARG 125 125 125 ARG ARG A . n 
A 1 126 GLY 126 126 126 GLY GLY A . n 
A 1 127 CYS 127 127 127 CYS CYS A . n 
A 1 128 ARG 128 128 128 ARG ARG A . n 
A 1 129 LEU 129 129 129 LEU LEU A . n 
# 
_pdbx_entity_instance_feature.ordinal        1 
_pdbx_entity_instance_feature.comp_id        YWR 
_pdbx_entity_instance_feature.asym_id        ? 
_pdbx_entity_instance_feature.seq_num        ? 
_pdbx_entity_instance_feature.auth_comp_id   YWR 
_pdbx_entity_instance_feature.auth_asym_id   ? 
_pdbx_entity_instance_feature.auth_seq_num   ? 
_pdbx_entity_instance_feature.feature_type   'SUBJECT OF INVESTIGATION' 
_pdbx_entity_instance_feature.details        ? 
# 
loop_
_pdbx_nonpoly_scheme.asym_id 
_pdbx_nonpoly_scheme.entity_id 
_pdbx_nonpoly_scheme.mon_id 
_pdbx_nonpoly_scheme.ndb_seq_num 
_pdbx_nonpoly_scheme.pdb_seq_num 
_pdbx_nonpoly_scheme.auth_seq_num 
_pdbx_nonpoly_scheme.pdb_mon_id 
_pdbx_nonpoly_scheme.auth_mon_id 
_pdbx_nonpoly_scheme.pdb_strand_id 
_pdbx_nonpoly_scheme.pdb_ins_code 
B 2 CL  1  201 130 CL  CL  A . 
C 3 NA  1  202 131 NA  NA  A . 
D 4 NO3 1  203 132 NO3 NO3 A . 
E 4 NO3 1  204 136 NO3 NO3 A . 
F 5 YWR 1  205 1   YWR DHN A . 
G 5 YWR 1  206 2   YWR DHN A . 
H 5 YWR 1  207 3   YWR DHN A . 
I 4 NO3 1  208 4   NO3 NO3 A . 
J 6 HOH 1  301 99  HOH HOH A . 
J 6 HOH 2  302 15  HOH HOH A . 
J 6 HOH 3  303 40  HOH HOH A . 
J 6 HOH 4  304 52  HOH HOH A . 
J 6 HOH 5  305 47  HOH HOH A . 
J 6 HOH 6  306 57  HOH HOH A . 
J 6 HOH 7  307 22  HOH HOH A . 
J 6 HOH 8  308 49  HOH HOH A . 
J 6 HOH 9  309 48  HOH HOH A . 
J 6 HOH 10 310 85  HOH HOH A . 
J 6 HOH 11 311 41  HOH HOH A . 
J 6 HOH 12 312 36  HOH HOH A . 
J 6 HOH 13 313 3   HOH HOH A . 
J 6 HOH 14 314 2   HOH HOH A . 
J 6 HOH 15 315 65  HOH HOH A . 
J 6 HOH 16 316 81  HOH HOH A . 
J 6 HOH 17 317 19  HOH HOH A . 
J 6 HOH 18 318 95  HOH HOH A . 
J 6 HOH 19 319 56  HOH HOH A . 
J 6 HOH 20 320 4   HOH HOH A . 
J 6 HOH 21 321 83  HOH HOH A . 
J 6 HOH 22 322 86  HOH HOH A . 
J 6 HOH 23 323 70  HOH HOH A . 
J 6 HOH 24 324 66  HOH HOH A . 
J 6 HOH 25 325 68  HOH HOH A . 
J 6 HOH 26 326 43  HOH HOH A . 
J 6 HOH 27 327 64  HOH HOH A . 
J 6 HOH 28 328 50  HOH HOH A . 
J 6 HOH 29 329 5   HOH HOH A . 
J 6 HOH 30 330 73  HOH HOH A . 
J 6 HOH 31 331 29  HOH HOH A . 
J 6 HOH 32 332 11  HOH HOH A . 
J 6 HOH 33 333 45  HOH HOH A . 
J 6 HOH 34 334 97  HOH HOH A . 
J 6 HOH 35 335 21  HOH HOH A . 
J 6 HOH 36 336 39  HOH HOH A . 
J 6 HOH 37 337 23  HOH HOH A . 
J 6 HOH 38 338 35  HOH HOH A . 
J 6 HOH 39 339 96  HOH HOH A . 
J 6 HOH 40 340 7   HOH HOH A . 
J 6 HOH 41 341 42  HOH HOH A . 
J 6 HOH 42 342 6   HOH HOH A . 
J 6 HOH 43 343 1   HOH HOH A . 
J 6 HOH 44 344 13  HOH HOH A . 
J 6 HOH 45 345 30  HOH HOH A . 
J 6 HOH 46 346 25  HOH HOH A . 
J 6 HOH 47 347 58  HOH HOH A . 
J 6 HOH 48 348 10  HOH HOH A . 
J 6 HOH 49 349 59  HOH HOH A . 
J 6 HOH 50 350 16  HOH HOH A . 
J 6 HOH 51 351 38  HOH HOH A . 
J 6 HOH 52 352 93  HOH HOH A . 
J 6 HOH 53 353 18  HOH HOH A . 
J 6 HOH 54 354 37  HOH HOH A . 
J 6 HOH 55 355 28  HOH HOH A . 
J 6 HOH 56 356 61  HOH HOH A . 
J 6 HOH 57 357 17  HOH HOH A . 
J 6 HOH 58 358 94  HOH HOH A . 
J 6 HOH 59 359 82  HOH HOH A . 
J 6 HOH 60 360 55  HOH HOH A . 
J 6 HOH 61 361 24  HOH HOH A . 
J 6 HOH 62 362 26  HOH HOH A . 
J 6 HOH 63 363 100 HOH HOH A . 
J 6 HOH 64 364 77  HOH HOH A . 
J 6 HOH 65 365 80  HOH HOH A . 
J 6 HOH 66 366 12  HOH HOH A . 
J 6 HOH 67 367 60  HOH HOH A . 
J 6 HOH 68 368 69  HOH HOH A . 
J 6 HOH 69 369 84  HOH HOH A . 
J 6 HOH 70 370 74  HOH HOH A . 
J 6 HOH 71 371 34  HOH HOH A . 
J 6 HOH 72 372 78  HOH HOH A . 
J 6 HOH 73 373 90  HOH HOH A . 
J 6 HOH 74 374 32  HOH HOH A . 
J 6 HOH 75 375 31  HOH HOH A . 
J 6 HOH 76 376 98  HOH HOH A . 
J 6 HOH 77 377 44  HOH HOH A . 
J 6 HOH 78 378 71  HOH HOH A . 
J 6 HOH 79 379 75  HOH HOH A . 
J 6 HOH 80 380 67  HOH HOH A . 
J 6 HOH 81 381 76  HOH HOH A . 
J 6 HOH 82 382 79  HOH HOH A . 
J 6 HOH 83 383 87  HOH HOH A . 
J 6 HOH 84 384 27  HOH HOH A . 
J 6 HOH 85 385 88  HOH HOH A . 
J 6 HOH 86 386 63  HOH HOH A . 
J 6 HOH 87 387 89  HOH HOH A . 
# 
loop_
_software.citation_id 
_software.classification 
_software.compiler_name 
_software.compiler_version 
_software.contact_author 
_software.contact_author_email 
_software.date 
_software.description 
_software.dependencies 
_software.hardware 
_software.language 
_software.location 
_software.mods 
_software.name 
_software.os 
_software.os_version 
_software.type 
_software.version 
_software.pdbx_ordinal 
? refinement       ? ? ? ? ? ? ? ? ? ? ? REFMAC   ? ? ? 5.8.0403 1 
? 'data reduction' ? ? ? ? ? ? ? ? ? ? ? autoPROC ? ? ? .        2 
? 'data scaling'   ? ? ? ? ? ? ? ? ? ? ? autoPROC ? ? ? .        3 
? phasing          ? ? ? ? ? ? ? ? ? ? ? PHASER   ? ? ? .        4 
# 
_cell.angle_alpha                  90.000 
_cell.angle_alpha_esd              ? 
_cell.angle_beta                   90.000 
_cell.angle_beta_esd               ? 
_cell.angle_gamma                  90.000 
_cell.angle_gamma_esd              ? 
_cell.entry_id                     8PFW 
_cell.details                      ? 
_cell.formula_units_Z              ? 
_cell.length_a                     77.810 
_cell.length_a_esd                 ? 
_cell.length_b                     77.810 
_cell.length_b_esd                 ? 
_cell.length_c                     37.390 
_cell.length_c_esd                 ? 
_cell.volume                       ? 
_cell.volume_esd                   ? 
_cell.Z_PDB                        8 
_cell.reciprocal_angle_alpha       ? 
_cell.reciprocal_angle_beta        ? 
_cell.reciprocal_angle_gamma       ? 
_cell.reciprocal_angle_alpha_esd   ? 
_cell.reciprocal_angle_beta_esd    ? 
_cell.reciprocal_angle_gamma_esd   ? 
_cell.reciprocal_length_a          ? 
_cell.reciprocal_length_b          ? 
_cell.reciprocal_length_c          ? 
_cell.reciprocal_length_a_esd      ? 
_cell.reciprocal_length_b_esd      ? 
_cell.reciprocal_length_c_esd      ? 
_cell.pdbx_unique_axis             ? 
_cell.pdbx_esd_method              ? 
# 
_symmetry.entry_id                         8PFW 
_symmetry.cell_setting                     ? 
_symmetry.Int_Tables_number                96 
_symmetry.space_group_name_Hall            ? 
_symmetry.space_group_name_H-M             'P 43 21 2' 
_symmetry.pdbx_full_space_group_name_H-M   ? 
# 
_exptl.absorpt_coefficient_mu     ? 
_exptl.absorpt_correction_T_max   ? 
_exptl.absorpt_correction_T_min   ? 
_exptl.absorpt_correction_type    ? 
_exptl.absorpt_process_details    ? 
_exptl.entry_id                   8PFW 
_exptl.crystals_number            1 
_exptl.details                    ? 
_exptl.method                     'X-RAY DIFFRACTION' 
_exptl.method_details             ? 
# 
_exptl_crystal.colour                       ? 
_exptl_crystal.density_diffrn               ? 
_exptl_crystal.density_Matthews             2.01 
_exptl_crystal.density_method               ? 
_exptl_crystal.density_percent_sol          38.72 
_exptl_crystal.description                  ? 
_exptl_crystal.F_000                        ? 
_exptl_crystal.id                           1 
_exptl_crystal.preparation                  ? 
_exptl_crystal.size_max                     ? 
_exptl_crystal.size_mid                     ? 
_exptl_crystal.size_min                     ? 
_exptl_crystal.size_rad                     ? 
_exptl_crystal.colour_lustre                ? 
_exptl_crystal.colour_modifier              ? 
_exptl_crystal.colour_primary               ? 
_exptl_crystal.density_meas                 ? 
_exptl_crystal.density_meas_esd             ? 
_exptl_crystal.density_meas_gt              ? 
_exptl_crystal.density_meas_lt              ? 
_exptl_crystal.density_meas_temp            ? 
_exptl_crystal.density_meas_temp_esd        ? 
_exptl_crystal.density_meas_temp_gt         ? 
_exptl_crystal.density_meas_temp_lt         ? 
_exptl_crystal.pdbx_crystal_image_url       ? 
_exptl_crystal.pdbx_crystal_image_format    ? 
_exptl_crystal.pdbx_mosaicity               ? 
_exptl_crystal.pdbx_mosaicity_esd           ? 
_exptl_crystal.pdbx_mosaic_method           ? 
_exptl_crystal.pdbx_mosaic_block_size       ? 
_exptl_crystal.pdbx_mosaic_block_size_esd   ? 
# 
_exptl_crystal_grow.apparatus       ? 
_exptl_crystal_grow.atmosphere      ? 
_exptl_crystal_grow.crystal_id      1 
_exptl_crystal_grow.details         ? 
_exptl_crystal_grow.method          'VAPOR DIFFUSION, HANGING DROP' 
_exptl_crystal_grow.method_ref      ? 
_exptl_crystal_grow.pH              4.5 
_exptl_crystal_grow.pressure        ? 
_exptl_crystal_grow.pressure_esd    ? 
_exptl_crystal_grow.seeding         ? 
_exptl_crystal_grow.seeding_ref     ? 
_exptl_crystal_grow.temp_details    ? 
_exptl_crystal_grow.temp_esd        ? 
_exptl_crystal_grow.time            ? 
_exptl_crystal_grow.pdbx_details    '20% ethylene glycol, 0.6 M NaNO3, 0.1 M NaOAc pH 4.5' 
_exptl_crystal_grow.pdbx_pH_range   ? 
_exptl_crystal_grow.temp            293 
# 
_diffrn.ambient_environment              ? 
_diffrn.ambient_temp                     100 
_diffrn.ambient_temp_details             ? 
_diffrn.ambient_temp_esd                 ? 
_diffrn.crystal_id                       1 
_diffrn.crystal_support                  ? 
_diffrn.crystal_treatment                ? 
_diffrn.details                          ? 
_diffrn.id                               1 
_diffrn.ambient_pressure                 ? 
_diffrn.ambient_pressure_esd             ? 
_diffrn.ambient_pressure_gt              ? 
_diffrn.ambient_pressure_lt              ? 
_diffrn.ambient_temp_gt                  ? 
_diffrn.ambient_temp_lt                  ? 
_diffrn.pdbx_serial_crystal_experiment   N 
# 
_diffrn_detector.details                      ? 
_diffrn_detector.detector                     PIXEL 
_diffrn_detector.diffrn_id                    1 
_diffrn_detector.type                         'DECTRIS PILATUS 6M' 
_diffrn_detector.area_resol_mean              ? 
_diffrn_detector.dtime                        ? 
_diffrn_detector.pdbx_frames_total            ? 
_diffrn_detector.pdbx_collection_time_total   ? 
_diffrn_detector.pdbx_collection_date         2022-09-28 
_diffrn_detector.pdbx_frequency               ? 
_diffrn_detector.id                           ? 
_diffrn_detector.number_of_axes               ? 
# 
_diffrn_radiation.collimation                      ? 
_diffrn_radiation.diffrn_id                        1 
_diffrn_radiation.filter_edge                      ? 
_diffrn_radiation.inhomogeneity                    ? 
_diffrn_radiation.monochromator                    ? 
_diffrn_radiation.polarisn_norm                    ? 
_diffrn_radiation.polarisn_ratio                   ? 
_diffrn_radiation.probe                            ? 
_diffrn_radiation.type                             ? 
_diffrn_radiation.xray_symbol                      ? 
_diffrn_radiation.wavelength_id                    1 
_diffrn_radiation.pdbx_monochromatic_or_laue_m_l   M 
_diffrn_radiation.pdbx_wavelength_list             ? 
_diffrn_radiation.pdbx_wavelength                  ? 
_diffrn_radiation.pdbx_diffrn_protocol             'SINGLE WAVELENGTH' 
_diffrn_radiation.pdbx_analyzer                    ? 
_diffrn_radiation.pdbx_scattering_type             x-ray 
# 
_diffrn_radiation_wavelength.id           1 
_diffrn_radiation_wavelength.wavelength   1 
_diffrn_radiation_wavelength.wt           1.0 
# 
_diffrn_source.current                     ? 
_diffrn_source.details                     ? 
_diffrn_source.diffrn_id                   1 
_diffrn_source.power                       ? 
_diffrn_source.size                        ? 
_diffrn_source.source                      SYNCHROTRON 
_diffrn_source.target                      ? 
_diffrn_source.type                        'ELETTRA BEAMLINE 11.2C' 
_diffrn_source.voltage                     ? 
_diffrn_source.take-off_angle              ? 
_diffrn_source.pdbx_wavelength_list        1 
_diffrn_source.pdbx_wavelength             ? 
_diffrn_source.pdbx_synchrotron_beamline   11.2C 
_diffrn_source.pdbx_synchrotron_site       ELETTRA 
# 
_reflns.B_iso_Wilson_estimate                          ? 
_reflns.entry_id                                       8PFW 
_reflns.data_reduction_details                         ? 
_reflns.data_reduction_method                          ? 
_reflns.d_resolution_high                              1.12 
_reflns.d_resolution_low                               55.02 
_reflns.details                                        ? 
_reflns.limit_h_max                                    ? 
_reflns.limit_h_min                                    ? 
_reflns.limit_k_max                                    ? 
_reflns.limit_k_min                                    ? 
_reflns.limit_l_max                                    ? 
_reflns.limit_l_min                                    ? 
_reflns.number_all                                     ? 
_reflns.number_obs                                     44515 
_reflns.observed_criterion                             ? 
_reflns.observed_criterion_F_max                       ? 
_reflns.observed_criterion_F_min                       ? 
_reflns.observed_criterion_I_max                       ? 
_reflns.observed_criterion_I_min                       ? 
_reflns.observed_criterion_sigma_F                     ? 
_reflns.observed_criterion_sigma_I                     ? 
_reflns.percent_possible_obs                           99.9 
_reflns.R_free_details                                 ? 
_reflns.Rmerge_F_all                                   ? 
_reflns.Rmerge_F_obs                                   ? 
_reflns.Friedel_coverage                               ? 
_reflns.number_gt                                      ? 
_reflns.threshold_expression                           ? 
_reflns.pdbx_redundancy                                11.0 
_reflns.pdbx_netI_over_av_sigmaI                       ? 
_reflns.pdbx_netI_over_sigmaI                          27.2 
_reflns.pdbx_res_netI_over_av_sigmaI_2                 ? 
_reflns.pdbx_res_netI_over_sigmaI_2                    ? 
_reflns.pdbx_chi_squared                               ? 
_reflns.pdbx_scaling_rejects                           ? 
_reflns.pdbx_d_res_high_opt                            ? 
_reflns.pdbx_d_res_low_opt                             ? 
_reflns.pdbx_d_res_opt_method                          ? 
_reflns.phase_calculation_details                      ? 
_reflns.pdbx_Rrim_I_all                                ? 
_reflns.pdbx_Rpim_I_all                                ? 
_reflns.pdbx_d_opt                                     ? 
_reflns.pdbx_number_measured_all                       ? 
_reflns.pdbx_diffrn_id                                 1 
_reflns.pdbx_ordinal                                   1 
_reflns.pdbx_CC_half                                   0.999 
_reflns.pdbx_CC_star                                   ? 
_reflns.pdbx_R_split                                   ? 
_reflns.pdbx_Rmerge_I_obs                              0.054 
_reflns.pdbx_Rmerge_I_all                              ? 
_reflns.pdbx_Rsym_value                                ? 
_reflns.pdbx_CC_split_method                           ? 
_reflns.pdbx_aniso_diffraction_limit_axis_1_ortho[1]   ? 
_reflns.pdbx_aniso_diffraction_limit_axis_1_ortho[2]   ? 
_reflns.pdbx_aniso_diffraction_limit_axis_1_ortho[3]   ? 
_reflns.pdbx_aniso_diffraction_limit_axis_2_ortho[1]   ? 
_reflns.pdbx_aniso_diffraction_limit_axis_2_ortho[2]   ? 
_reflns.pdbx_aniso_diffraction_limit_axis_2_ortho[3]   ? 
_reflns.pdbx_aniso_diffraction_limit_axis_3_ortho[1]   ? 
_reflns.pdbx_aniso_diffraction_limit_axis_3_ortho[2]   ? 
_reflns.pdbx_aniso_diffraction_limit_axis_3_ortho[3]   ? 
_reflns.pdbx_aniso_diffraction_limit_1                 ? 
_reflns.pdbx_aniso_diffraction_limit_2                 ? 
_reflns.pdbx_aniso_diffraction_limit_3                 ? 
_reflns.pdbx_aniso_B_tensor_eigenvector_1_ortho[1]     ? 
_reflns.pdbx_aniso_B_tensor_eigenvector_1_ortho[2]     ? 
_reflns.pdbx_aniso_B_tensor_eigenvector_1_ortho[3]     ? 
_reflns.pdbx_aniso_B_tensor_eigenvector_2_ortho[1]     ? 
_reflns.pdbx_aniso_B_tensor_eigenvector_2_ortho[2]     ? 
_reflns.pdbx_aniso_B_tensor_eigenvector_2_ortho[3]     ? 
_reflns.pdbx_aniso_B_tensor_eigenvector_3_ortho[1]     ? 
_reflns.pdbx_aniso_B_tensor_eigenvector_3_ortho[2]     ? 
_reflns.pdbx_aniso_B_tensor_eigenvector_3_ortho[3]     ? 
_reflns.pdbx_aniso_B_tensor_eigenvalue_1               ? 
_reflns.pdbx_aniso_B_tensor_eigenvalue_2               ? 
_reflns.pdbx_aniso_B_tensor_eigenvalue_3               ? 
_reflns.pdbx_orthogonalization_convention              ? 
_reflns.pdbx_percent_possible_ellipsoidal              ? 
_reflns.pdbx_percent_possible_spherical                ? 
_reflns.pdbx_percent_possible_ellipsoidal_anomalous    ? 
_reflns.pdbx_percent_possible_spherical_anomalous      ? 
_reflns.pdbx_redundancy_anomalous                      ? 
_reflns.pdbx_CC_half_anomalous                         ? 
_reflns.pdbx_absDiff_over_sigma_anomalous              ? 
_reflns.pdbx_percent_possible_anomalous                ? 
_reflns.pdbx_observed_signal_threshold                 ? 
_reflns.pdbx_signal_type                               ? 
_reflns.pdbx_signal_details                            ? 
_reflns.pdbx_signal_software_id                        ? 
# 
_reflns_shell.d_res_high                                    1.12 
_reflns_shell.d_res_low                                     1.14 
_reflns_shell.meanI_over_sigI_all                           ? 
_reflns_shell.meanI_over_sigI_obs                           2.2 
_reflns_shell.number_measured_all                           ? 
_reflns_shell.number_measured_obs                           ? 
_reflns_shell.number_possible                               ? 
_reflns_shell.number_unique_all                             ? 
_reflns_shell.number_unique_obs                             2171 
_reflns_shell.percent_possible_obs                          ? 
_reflns_shell.Rmerge_F_all                                  ? 
_reflns_shell.Rmerge_F_obs                                  ? 
_reflns_shell.meanI_over_sigI_gt                            ? 
_reflns_shell.meanI_over_uI_all                             ? 
_reflns_shell.meanI_over_uI_gt                              ? 
_reflns_shell.number_measured_gt                            ? 
_reflns_shell.number_unique_gt                              ? 
_reflns_shell.percent_possible_gt                           ? 
_reflns_shell.Rmerge_F_gt                                   ? 
_reflns_shell.Rmerge_I_gt                                   ? 
_reflns_shell.pdbx_redundancy                               ? 
_reflns_shell.pdbx_chi_squared                              ? 
_reflns_shell.pdbx_netI_over_sigmaI_all                     ? 
_reflns_shell.pdbx_netI_over_sigmaI_obs                     ? 
_reflns_shell.pdbx_Rrim_I_all                               ? 
_reflns_shell.pdbx_Rpim_I_all                               ? 
_reflns_shell.pdbx_rejects                                  ? 
_reflns_shell.pdbx_ordinal                                  1 
_reflns_shell.pdbx_diffrn_id                                1 
_reflns_shell.pdbx_CC_half                                  0.807 
_reflns_shell.pdbx_CC_star                                  ? 
_reflns_shell.pdbx_R_split                                  ? 
_reflns_shell.percent_possible_all                          ? 
_reflns_shell.Rmerge_I_all                                  ? 
_reflns_shell.Rmerge_I_obs                                  1.324 
_reflns_shell.pdbx_Rsym_value                               ? 
_reflns_shell.pdbx_percent_possible_ellipsoidal             ? 
_reflns_shell.pdbx_percent_possible_spherical               ? 
_reflns_shell.pdbx_percent_possible_ellipsoidal_anomalous   ? 
_reflns_shell.pdbx_percent_possible_spherical_anomalous     ? 
_reflns_shell.pdbx_redundancy_anomalous                     ? 
_reflns_shell.pdbx_CC_half_anomalous                        ? 
_reflns_shell.pdbx_absDiff_over_sigma_anomalous             ? 
_reflns_shell.pdbx_percent_possible_anomalous               ? 
# 
_refine.aniso_B[1][1]                            -0.043 
_refine.aniso_B[1][2]                            0.000 
_refine.aniso_B[1][3]                            0.000 
_refine.aniso_B[2][2]                            -0.043 
_refine.aniso_B[2][3]                            0.000 
_refine.aniso_B[3][3]                            0.086 
_refine.B_iso_max                                ? 
_refine.B_iso_mean                               17.804 
_refine.B_iso_min                                ? 
_refine.correlation_coeff_Fo_to_Fc               0.954 
_refine.correlation_coeff_Fo_to_Fc_free          0.950 
_refine.details                                  'Hydrogens have been added in their riding positions' 
_refine.diff_density_max                         ? 
_refine.diff_density_max_esd                     ? 
_refine.diff_density_min                         ? 
_refine.diff_density_min_esd                     ? 
_refine.diff_density_rms                         ? 
_refine.diff_density_rms_esd                     ? 
_refine.entry_id                                 8PFW 
_refine.pdbx_refine_id                           'X-RAY DIFFRACTION' 
_refine.ls_abs_structure_details                 ? 
_refine.ls_abs_structure_Flack                   ? 
_refine.ls_abs_structure_Flack_esd               ? 
_refine.ls_abs_structure_Rogers                  ? 
_refine.ls_abs_structure_Rogers_esd              ? 
_refine.ls_d_res_high                            1.120 
_refine.ls_d_res_low                             55.020 
_refine.ls_extinction_coef                       ? 
_refine.ls_extinction_coef_esd                   ? 
_refine.ls_extinction_expression                 ? 
_refine.ls_extinction_method                     ? 
_refine.ls_goodness_of_fit_all                   ? 
_refine.ls_goodness_of_fit_all_esd               ? 
_refine.ls_goodness_of_fit_obs                   ? 
_refine.ls_goodness_of_fit_obs_esd               ? 
_refine.ls_hydrogen_treatment                    ? 
_refine.ls_matrix_type                           ? 
_refine.ls_number_constraints                    ? 
_refine.ls_number_parameters                     ? 
_refine.ls_number_reflns_all                     ? 
_refine.ls_number_reflns_obs                     44515 
_refine.ls_number_reflns_R_free                  2291 
_refine.ls_number_reflns_R_work                  42224 
_refine.ls_number_restraints                     ? 
_refine.ls_percent_reflns_obs                    99.624 
_refine.ls_percent_reflns_R_free                 5.147 
_refine.ls_R_factor_all                          0.203 
_refine.ls_R_factor_obs                          ? 
_refine.ls_R_factor_R_free                       0.2394 
_refine.ls_R_factor_R_free_error                 ? 
_refine.ls_R_factor_R_free_error_details         ? 
_refine.ls_R_factor_R_work                       0.2012 
_refine.ls_R_Fsqd_factor_obs                     ? 
_refine.ls_R_I_factor_obs                        ? 
_refine.ls_redundancy_reflns_all                 ? 
_refine.ls_redundancy_reflns_obs                 ? 
_refine.ls_restrained_S_all                      ? 
_refine.ls_restrained_S_obs                      ? 
_refine.ls_shift_over_esd_max                    ? 
_refine.ls_shift_over_esd_mean                   ? 
_refine.ls_structure_factor_coef                 ? 
_refine.ls_weighting_details                     ? 
_refine.ls_weighting_scheme                      ? 
_refine.ls_wR_factor_all                         ? 
_refine.ls_wR_factor_obs                         ? 
_refine.ls_wR_factor_R_free                      ? 
_refine.ls_wR_factor_R_work                      ? 
_refine.occupancy_max                            ? 
_refine.occupancy_min                            ? 
_refine.solvent_model_details                    'MASK BULK SOLVENT' 
_refine.solvent_model_param_bsol                 ? 
_refine.solvent_model_param_ksol                 ? 
_refine.pdbx_R_complete                          ? 
_refine.ls_R_factor_gt                           ? 
_refine.ls_goodness_of_fit_gt                    ? 
_refine.ls_goodness_of_fit_ref                   ? 
_refine.ls_shift_over_su_max                     ? 
_refine.ls_shift_over_su_max_lt                  ? 
_refine.ls_shift_over_su_mean                    ? 
_refine.ls_shift_over_su_mean_lt                 ? 
_refine.pdbx_ls_sigma_I                          ? 
_refine.pdbx_ls_sigma_F                          ? 
_refine.pdbx_ls_sigma_Fsqd                       ? 
_refine.pdbx_data_cutoff_high_absF               ? 
_refine.pdbx_data_cutoff_high_rms_absF           ? 
_refine.pdbx_data_cutoff_low_absF                ? 
_refine.pdbx_isotropic_thermal_model             ? 
_refine.pdbx_ls_cross_valid_method               'FREE R-VALUE' 
_refine.pdbx_method_to_determine_struct          'MOLECULAR REPLACEMENT' 
_refine.pdbx_starting_model                      ? 
_refine.pdbx_stereochemistry_target_values       ? 
_refine.pdbx_R_Free_selection_details            ? 
_refine.pdbx_stereochem_target_val_spec_case     ? 
_refine.pdbx_overall_ESU_R                       0.042 
_refine.pdbx_overall_ESU_R_Free                  0.047 
_refine.pdbx_solvent_vdw_probe_radii             1.200 
_refine.pdbx_solvent_ion_probe_radii             0.800 
_refine.pdbx_solvent_shrinkage_radii             0.800 
_refine.pdbx_real_space_R                        ? 
_refine.pdbx_density_correlation                 ? 
_refine.pdbx_pd_number_of_powder_patterns        ? 
_refine.pdbx_pd_number_of_points                 ? 
_refine.pdbx_pd_meas_number_of_points            ? 
_refine.pdbx_pd_proc_ls_prof_R_factor            ? 
_refine.pdbx_pd_proc_ls_prof_wR_factor           ? 
_refine.pdbx_pd_Marquardt_correlation_coeff      ? 
_refine.pdbx_pd_Fsqrd_R_factor                   ? 
_refine.pdbx_pd_ls_matrix_band_width             ? 
_refine.pdbx_overall_phase_error                 ? 
_refine.pdbx_overall_SU_R_free_Cruickshank_DPI   ? 
_refine.pdbx_overall_SU_R_free_Blow_DPI          ? 
_refine.pdbx_overall_SU_R_Blow_DPI               ? 
_refine.pdbx_TLS_residual_ADP_flag               ? 
_refine.pdbx_diffrn_id                           1 
_refine.overall_SU_B                             0.634 
_refine.overall_SU_ML                            0.031 
_refine.overall_SU_R_Cruickshank_DPI             ? 
_refine.overall_SU_R_free                        ? 
_refine.overall_FOM_free_R_set                   ? 
_refine.overall_FOM_work_R_set                   ? 
_refine.pdbx_average_fsc_overall                 ? 
_refine.pdbx_average_fsc_work                    ? 
_refine.pdbx_average_fsc_free                    ? 
# 
_refine_hist.pdbx_refine_id                   'X-RAY DIFFRACTION' 
_refine_hist.cycle_id                         LAST 
_refine_hist.pdbx_number_atoms_protein        1001 
_refine_hist.pdbx_number_atoms_nucleic_acid   0 
_refine_hist.pdbx_number_atoms_ligand         109 
_refine_hist.number_atoms_solvent             87 
_refine_hist.number_atoms_total               1197 
_refine_hist.d_res_high                       1.120 
_refine_hist.d_res_low                        55.020 
# 
loop_
_refine_ls_restr.pdbx_refine_id 
_refine_ls_restr.criterion 
_refine_ls_restr.dev_ideal 
_refine_ls_restr.dev_ideal_target 
_refine_ls_restr.number 
_refine_ls_restr.rejects 
_refine_ls_restr.type 
_refine_ls_restr.weight 
_refine_ls_restr.pdbx_restraint_function 
'X-RAY DIFFRACTION' ? 0.011  0.011  1200 ? r_bond_refined_d               ? ? 
'X-RAY DIFFRACTION' ? 0.001  0.016  993  ? r_bond_other_d                 ? ? 
'X-RAY DIFFRACTION' ? 3.691  1.782  1660 ? r_angle_refined_deg            ? ? 
'X-RAY DIFFRACTION' ? 0.623  1.582  2265 ? r_angle_other_deg              ? ? 
'X-RAY DIFFRACTION' ? 6.687  5.000  138  ? r_dihedral_angle_1_deg         ? ? 
'X-RAY DIFFRACTION' ? 7.246  5.000  13   ? r_dihedral_angle_2_deg         ? ? 
'X-RAY DIFFRACTION' ? 16.296 10.000 180  ? r_dihedral_angle_3_deg         ? ? 
'X-RAY DIFFRACTION' ? 15.938 10.000 55   ? r_dihedral_angle_6_deg         ? ? 
'X-RAY DIFFRACTION' ? 0.096  0.200  150  ? r_chiral_restr                 ? ? 
'X-RAY DIFFRACTION' ? 0.011  0.020  1474 ? r_gen_planes_refined           ? ? 
'X-RAY DIFFRACTION' ? 0.001  0.020  306  ? r_gen_planes_other             ? ? 
'X-RAY DIFFRACTION' ? 0.241  0.200  261  ? r_nbd_refined                  ? ? 
'X-RAY DIFFRACTION' ? 0.199  0.200  910  ? r_symmetry_nbd_other           ? ? 
'X-RAY DIFFRACTION' ? 0.183  0.200  539  ? r_nbtor_refined                ? ? 
'X-RAY DIFFRACTION' ? 0.083  0.200  551  ? r_symmetry_nbtor_other         ? ? 
'X-RAY DIFFRACTION' ? 0.187  0.200  49   ? r_xyhbond_nbd_refined          ? ? 
'X-RAY DIFFRACTION' ? 0.092  0.200  3    ? r_metal_ion_refined            ? ? 
'X-RAY DIFFRACTION' ? 0.207  0.200  12   ? r_symmetry_nbd_refined         ? ? 
'X-RAY DIFFRACTION' ? 0.195  0.200  51   ? r_nbd_other                    ? ? 
'X-RAY DIFFRACTION' ? 0.123  0.200  21   ? r_symmetry_xyhbond_nbd_refined ? ? 
'X-RAY DIFFRACTION' ? 1.690  1.686  540  ? r_mcbond_it                    ? ? 
'X-RAY DIFFRACTION' ? 1.690  1.684  540  ? r_mcbond_other                 ? ? 
'X-RAY DIFFRACTION' ? 2.329  3.041  682  ? r_mcangle_it                   ? ? 
'X-RAY DIFFRACTION' ? 2.349  3.046  683  ? r_mcangle_other                ? ? 
'X-RAY DIFFRACTION' ? 2.273  1.910  660  ? r_scbond_it                    ? ? 
'X-RAY DIFFRACTION' ? 2.362  2.004  543  ? r_scbond_other                 ? ? 
'X-RAY DIFFRACTION' ? 3.501  3.464  981  ? r_scangle_it                   ? ? 
'X-RAY DIFFRACTION' ? 3.725  3.543  791  ? r_scangle_other                ? ? 
'X-RAY DIFFRACTION' ? 4.948  18.708 1407 ? r_lrange_it                    ? ? 
'X-RAY DIFFRACTION' ? 4.891  17.917 1314 ? r_lrange_other                 ? ? 
# 
loop_
_refine_ls_shell.pdbx_refine_id 
_refine_ls_shell.d_res_high 
_refine_ls_shell.d_res_low 
_refine_ls_shell.number_reflns_all 
_refine_ls_shell.number_reflns_obs 
_refine_ls_shell.number_reflns_R_free 
_refine_ls_shell.number_reflns_R_work 
_refine_ls_shell.percent_reflns_obs 
_refine_ls_shell.percent_reflns_R_free 
_refine_ls_shell.R_factor_all 
_refine_ls_shell.R_factor_obs 
_refine_ls_shell.R_factor_R_free_error 
_refine_ls_shell.R_factor_R_work 
_refine_ls_shell.redundancy_reflns_all 
_refine_ls_shell.redundancy_reflns_obs 
_refine_ls_shell.wR_factor_all 
_refine_ls_shell.wR_factor_obs 
_refine_ls_shell.wR_factor_R_free 
_refine_ls_shell.wR_factor_R_work 
_refine_ls_shell.pdbx_R_complete 
_refine_ls_shell.pdbx_total_number_of_bins_used 
_refine_ls_shell.pdbx_phase_error 
_refine_ls_shell.pdbx_fsc_work 
_refine_ls_shell.pdbx_fsc_free 
_refine_ls_shell.R_factor_R_free 
'X-RAY DIFFRACTION' 1.120 1.149  3245 . 168 2946 95.9630  . 0.293 . . 0.293 . . . . . 0.276 . 20 . 0.944 0.941 0.291 
'X-RAY DIFFRACTION' 1.149 1.181  3167 . 167 2989 99.6527  . 0.275 . . 0.275 . . . . . 0.249 . 20 . 0.949 0.948 0.277 
'X-RAY DIFFRACTION' 1.181 1.215  3082 . 145 2935 99.9351  . 0.259 . . 0.259 . . . . . 0.227 . 20 . 0.955 0.955 0.263 
'X-RAY DIFFRACTION' 1.215 1.252  3019 . 135 2884 100.0000 . 0.257 . . 0.255 . . . . . 0.218 . 20 . 0.959 0.944 0.296 
'X-RAY DIFFRACTION' 1.252 1.293  2881 . 159 2720 99.9306  . 0.233 . . 0.232 . . . . . 0.195 . 20 . 0.964 0.961 0.239 
'X-RAY DIFFRACTION' 1.293 1.339  2835 . 151 2684 100.0000 . 0.226 . . 0.224 . . . . . 0.186 . 20 . 0.969 0.957 0.261 
'X-RAY DIFFRACTION' 1.339 1.389  2717 . 136 2581 100.0000 . 0.214 . . 0.213 . . . . . 0.177 . 20 . 0.971 0.970 0.226 
'X-RAY DIFFRACTION' 1.389 1.446  2623 . 133 2489 99.9619  . 0.206 . . 0.205 . . . . . 0.175 . 20 . 0.973 0.965 0.227 
'X-RAY DIFFRACTION' 1.446 1.510  2529 . 155 2374 100.0000 . 0.204 . . 0.202 . . . . . 0.177 . 20 . 0.974 0.958 0.247 
'X-RAY DIFFRACTION' 1.510 1.584  2402 . 108 2293 99.9584  . 0.196 . . 0.194 . . . . . 0.178 . 20 . 0.975 0.968 0.226 
'X-RAY DIFFRACTION' 1.584 1.669  2316 . 122 2194 100.0000 . 0.192 . . 0.190 . . . . . 0.181 . 20 . 0.977 0.965 0.228 
'X-RAY DIFFRACTION' 1.669 1.770  2190 . 119 2070 99.9543  . 0.191 . . 0.188 . . . . . 0.185 . 20 . 0.976 0.955 0.251 
'X-RAY DIFFRACTION' 1.770 1.892  2060 . 104 1956 100.0000 . 0.188 . . 0.186 . . . . . 0.191 . 20 . 0.977 0.968 0.224 
'X-RAY DIFFRACTION' 1.892 2.044  1920 . 94  1826 100.0000 . 0.188 . . 0.186 . . . . . 0.204 . 20 . 0.978 0.969 0.228 
'X-RAY DIFFRACTION' 2.044 2.239  1782 . 95  1687 100.0000 . 0.183 . . 0.181 . . . . . 0.204 . 20 . 0.978 0.966 0.221 
'X-RAY DIFFRACTION' 2.239 2.502  1625 . 77  1548 100.0000 . 0.184 . . 0.182 . . . . . 0.213 . 20 . 0.978 0.966 0.220 
'X-RAY DIFFRACTION' 2.502 2.888  1449 . 74  1375 100.0000 . 0.189 . . 0.185 . . . . . 0.219 . 20 . 0.977 0.966 0.255 
'X-RAY DIFFRACTION' 2.888 3.535  1236 . 62  1172 99.8382  . 0.190 . . 0.188 . . . . . 0.232 . 20 . 0.978 0.972 0.226 
'X-RAY DIFFRACTION' 3.535 4.989  990  . 58  927  99.4949  . 0.174 . . 0.172 . . . . . 0.221 . 20 . 0.982 0.977 0.203 
'X-RAY DIFFRACTION' 4.989 55.020 600  . 28  561  98.1667  . 0.319 . . 0.317 . . . . . 0.555 . 20 . 0.935 0.937 0.367 
# 
_struct.entry_id                     8PFW 
_struct.title                        
'X-ray structure of the adduct formed upon reaction of Lysozyme with K2[Ru2(DAniF)(CO3)3] in condition A' 
_struct.pdbx_model_details           ? 
_struct.pdbx_formula_weight          ? 
_struct.pdbx_formula_weight_method   ? 
_struct.pdbx_model_type_details      ? 
_struct.pdbx_CASP_flag               N 
# 
_struct_keywords.entry_id        8PFW 
_struct_keywords.text            'Ruthenium, Protein interaction, Metallodrug, Diruthenium, Hydrolase, PROTEIN BINDING' 
_struct_keywords.pdbx_keywords   'PROTEIN BINDING' 
# 
loop_
_struct_asym.id 
_struct_asym.pdbx_blank_PDB_chainid_flag 
_struct_asym.pdbx_modified 
_struct_asym.entity_id 
_struct_asym.details 
A N N 1 ? 
B N N 2 ? 
C N N 3 ? 
D N N 4 ? 
E N N 4 ? 
F N N 5 ? 
G N N 5 ? 
H N N 5 ? 
I N N 4 ? 
J N N 6 ? 
# 
_struct_ref.id                         1 
_struct_ref.db_name                    UNP 
_struct_ref.db_code                    LYSC_CHICK 
_struct_ref.pdbx_db_accession          P00698 
_struct_ref.pdbx_db_isoform            ? 
_struct_ref.entity_id                  1 
_struct_ref.pdbx_seq_one_letter_code   
;KVFGRCELAAAMKRHGLDNYRGYSLGNWVCAAKFESNFNTQATNRNTDGSTDYGILQINSRWWCNDGRTPGSRNLCNIPC
SALLSSDITASVNCAKKIVSDGNGMNAWVAWRNRCKGTDVQAWIRGCRL
;
_struct_ref.pdbx_align_begin           19 
# 
_struct_ref_seq.align_id                      1 
_struct_ref_seq.ref_id                        1 
_struct_ref_seq.pdbx_PDB_id_code              8PFW 
_struct_ref_seq.pdbx_strand_id                A 
_struct_ref_seq.seq_align_beg                 1 
_struct_ref_seq.pdbx_seq_align_beg_ins_code   ? 
_struct_ref_seq.seq_align_end                 129 
_struct_ref_seq.pdbx_seq_align_end_ins_code   ? 
_struct_ref_seq.pdbx_db_accession             P00698 
_struct_ref_seq.db_align_beg                  19 
_struct_ref_seq.pdbx_db_align_beg_ins_code    ? 
_struct_ref_seq.db_align_end                  147 
_struct_ref_seq.pdbx_db_align_end_ins_code    ? 
_struct_ref_seq.pdbx_auth_seq_align_beg       1 
_struct_ref_seq.pdbx_auth_seq_align_end       129 
# 
_pdbx_struct_assembly.id                   1 
_pdbx_struct_assembly.details              author_defined_assembly 
_pdbx_struct_assembly.method_details       ? 
_pdbx_struct_assembly.oligomeric_details   monomeric 
_pdbx_struct_assembly.oligomeric_count     1 
# 
loop_
_pdbx_struct_assembly_prop.biol_id 
_pdbx_struct_assembly_prop.type 
_pdbx_struct_assembly_prop.value 
_pdbx_struct_assembly_prop.details 
1 'ABSA (A^2)' 650  ? 
1 MORE         -14  ? 
1 'SSA (A^2)'  7450 ? 
# 
_pdbx_struct_assembly_gen.assembly_id       1 
_pdbx_struct_assembly_gen.oper_expression   1 
_pdbx_struct_assembly_gen.asym_id_list      A,B,C,D,E,F,G,H,I,J 
# 
_pdbx_struct_assembly_auth_evidence.id                     1 
_pdbx_struct_assembly_auth_evidence.assembly_id            1 
_pdbx_struct_assembly_auth_evidence.experimental_support   none 
_pdbx_struct_assembly_auth_evidence.details                ? 
# 
_pdbx_struct_oper_list.id                   1 
_pdbx_struct_oper_list.type                 'identity operation' 
_pdbx_struct_oper_list.name                 1_555 
_pdbx_struct_oper_list.symmetry_operation   x,y,z 
_pdbx_struct_oper_list.matrix[1][1]         1.0000000000 
_pdbx_struct_oper_list.matrix[1][2]         0.0000000000 
_pdbx_struct_oper_list.matrix[1][3]         0.0000000000 
_pdbx_struct_oper_list.vector[1]            0.0000000000 
_pdbx_struct_oper_list.matrix[2][1]         0.0000000000 
_pdbx_struct_oper_list.matrix[2][2]         1.0000000000 
_pdbx_struct_oper_list.matrix[2][3]         0.0000000000 
_pdbx_struct_oper_list.vector[2]            0.0000000000 
_pdbx_struct_oper_list.matrix[3][1]         0.0000000000 
_pdbx_struct_oper_list.matrix[3][2]         0.0000000000 
_pdbx_struct_oper_list.matrix[3][3]         1.0000000000 
_pdbx_struct_oper_list.vector[3]            0.0000000000 
# 
loop_
_struct_conf.conf_type_id 
_struct_conf.id 
_struct_conf.pdbx_PDB_helix_id 
_struct_conf.beg_label_comp_id 
_struct_conf.beg_label_asym_id 
_struct_conf.beg_label_seq_id 
_struct_conf.pdbx_beg_PDB_ins_code 
_struct_conf.end_label_comp_id 
_struct_conf.end_label_asym_id 
_struct_conf.end_label_seq_id 
_struct_conf.pdbx_end_PDB_ins_code 
_struct_conf.beg_auth_comp_id 
_struct_conf.beg_auth_asym_id 
_struct_conf.beg_auth_seq_id 
_struct_conf.end_auth_comp_id 
_struct_conf.end_auth_asym_id 
_struct_conf.end_auth_seq_id 
_struct_conf.pdbx_PDB_helix_class 
_struct_conf.details 
_struct_conf.pdbx_PDB_helix_length 
HELX_P HELX_P1 AA1 GLY A 4   ? HIS A 15  ? GLY A 4   HIS A 15  1 ? 12 
HELX_P HELX_P2 AA2 ASN A 19  ? TYR A 23  ? ASN A 19  TYR A 23  5 ? 5  
HELX_P HELX_P3 AA3 SER A 24  ? ASN A 37  ? SER A 24  ASN A 37  1 ? 14 
HELX_P HELX_P4 AA4 PRO A 79  ? SER A 85  ? PRO A 79  SER A 85  5 ? 7  
HELX_P HELX_P5 AA5 ILE A 88  ? SER A 100 ? ILE A 88  SER A 100 1 ? 13 
HELX_P HELX_P6 AA6 ASN A 103 ? ALA A 107 ? ASN A 103 ALA A 107 5 ? 5  
HELX_P HELX_P7 AA7 TRP A 108 ? CYS A 115 ? TRP A 108 CYS A 115 1 ? 8  
HELX_P HELX_P8 AA8 ASP A 119 ? ARG A 125 ? ASP A 119 ARG A 125 5 ? 7  
# 
_struct_conf_type.id          HELX_P 
_struct_conf_type.criteria    ? 
_struct_conf_type.reference   ? 
# 
loop_
_struct_conn.id 
_struct_conn.conn_type_id 
_struct_conn.pdbx_leaving_atom_flag 
_struct_conn.pdbx_PDB_id 
_struct_conn.ptnr1_label_asym_id 
_struct_conn.ptnr1_label_comp_id 
_struct_conn.ptnr1_label_seq_id 
_struct_conn.ptnr1_label_atom_id 
_struct_conn.pdbx_ptnr1_label_alt_id 
_struct_conn.pdbx_ptnr1_PDB_ins_code 
_struct_conn.pdbx_ptnr1_standard_comp_id 
_struct_conn.ptnr1_symmetry 
_struct_conn.ptnr2_label_asym_id 
_struct_conn.ptnr2_label_comp_id 
_struct_conn.ptnr2_label_seq_id 
_struct_conn.ptnr2_label_atom_id 
_struct_conn.pdbx_ptnr2_label_alt_id 
_struct_conn.pdbx_ptnr2_PDB_ins_code 
_struct_conn.ptnr1_auth_asym_id 
_struct_conn.ptnr1_auth_comp_id 
_struct_conn.ptnr1_auth_seq_id 
_struct_conn.ptnr2_auth_asym_id 
_struct_conn.ptnr2_auth_comp_id 
_struct_conn.ptnr2_auth_seq_id 
_struct_conn.ptnr2_symmetry 
_struct_conn.pdbx_ptnr3_label_atom_id 
_struct_conn.pdbx_ptnr3_label_seq_id 
_struct_conn.pdbx_ptnr3_label_comp_id 
_struct_conn.pdbx_ptnr3_label_asym_id 
_struct_conn.pdbx_ptnr3_label_alt_id 
_struct_conn.pdbx_ptnr3_PDB_ins_code 
_struct_conn.details 
_struct_conn.pdbx_dist_value 
_struct_conn.pdbx_value_order 
_struct_conn.pdbx_role 
disulf1  disulf ? ? A CYS 6   SG  ? ? ? 1_555 A CYS 127 SG  ? ? A CYS 6   A CYS 127 1_555 ? ? ? ? ? ? ? 2.010 ? ? 
disulf2  disulf ? ? A CYS 30  SG  ? ? ? 1_555 A CYS 115 SG  ? ? A CYS 30  A CYS 115 1_555 ? ? ? ? ? ? ? 2.036 ? ? 
disulf3  disulf ? ? A CYS 64  SG  ? ? ? 1_555 A CYS 80  SG  ? ? A CYS 64  A CYS 80  1_555 ? ? ? ? ? ? ? 2.025 ? ? 
disulf4  disulf ? ? A CYS 76  SG  ? ? ? 1_555 A CYS 94  SG  ? ? A CYS 76  A CYS 94  1_555 ? ? ? ? ? ? ? 2.018 ? ? 
metalc1  metalc ? ? A SER 60  O   ? ? ? 1_555 C NA  .   NA  ? ? A SER 60  A NA  202 1_555 ? ? ? ? ? ? ? 2.342 ? ? 
metalc2  metalc ? ? A CYS 64  O   ? ? ? 1_555 C NA  .   NA  ? ? A CYS 64  A NA  202 1_555 ? ? ? ? ? ? ? 2.474 ? ? 
metalc3  metalc ? ? A SER 72  OG  ? ? ? 1_555 C NA  .   NA  ? ? A SER 72  A NA  202 1_555 ? ? ? ? ? ? ? 2.616 ? ? 
metalc4  metalc ? ? A ARG 73  O   ? ? ? 1_555 C NA  .   NA  ? ? A ARG 73  A NA  202 1_555 ? ? ? ? ? ? ? 2.402 ? ? 
metalc5  metalc ? ? A ASP 119 OD1 ? ? ? 1_555 G YWR .   RU1 ? ? A ASP 119 A YWR 206 1_555 ? ? ? ? ? ? ? 2.094 ? ? 
metalc6  metalc ? ? A ASP 119 OD2 ? ? ? 1_555 G YWR .   RU2 ? ? A ASP 119 A YWR 206 1_555 ? ? ? ? ? ? ? 2.027 ? ? 
metalc7  metalc ? ? C NA  .   NA  ? ? ? 1_555 J HOH .   O   ? ? A NA  202 A HOH 374 1_555 ? ? ? ? ? ? ? 2.684 ? ? 
metalc8  metalc ? ? C NA  .   NA  ? ? ? 1_555 J HOH .   O   ? ? A NA  202 A HOH 375 1_555 ? ? ? ? ? ? ? 2.265 ? ? 
metalc9  metalc ? ? F YWR .   RU2 ? ? ? 1_555 J HOH .   O   ? ? A YWR 205 A HOH 318 2_454 ? ? ? ? ? ? ? 2.203 ? ? 
metalc10 metalc ? ? F YWR .   RU1 ? ? ? 1_555 J HOH .   O   ? ? A YWR 205 A HOH 348 1_555 ? ? ? ? ? ? ? 2.310 ? ? 
metalc11 metalc ? ? G YWR .   RU2 ? ? ? 1_555 J HOH .   O   ? ? A YWR 206 A HOH 328 4_444 ? ? ? ? ? ? ? 2.266 ? ? 
metalc12 metalc ? ? G YWR .   RU1 ? ? ? 1_555 J HOH .   O   ? ? A YWR 206 A HOH 352 1_555 ? ? ? ? ? ? ? 2.358 ? ? 
metalc13 metalc ? ? H YWR .   RU1 ? ? ? 1_555 J HOH .   O   ? ? A YWR 207 A HOH 308 1_555 ? ? ? ? ? ? ? 2.260 ? ? 
metalc14 metalc ? ? H YWR .   RU2 ? ? ? 1_555 J HOH .   O   ? ? A YWR 207 A HOH 364 1_555 ? ? ? ? ? ? ? 2.443 ? ? 
# 
loop_
_struct_conn_type.id 
_struct_conn_type.criteria 
_struct_conn_type.reference 
disulf ? ? 
metalc ? ? 
# 
loop_
_pdbx_struct_conn_angle.id 
_pdbx_struct_conn_angle.ptnr1_label_atom_id 
_pdbx_struct_conn_angle.ptnr1_label_alt_id 
_pdbx_struct_conn_angle.ptnr1_label_asym_id 
_pdbx_struct_conn_angle.ptnr1_label_comp_id 
_pdbx_struct_conn_angle.ptnr1_label_seq_id 
_pdbx_struct_conn_angle.ptnr1_auth_atom_id 
_pdbx_struct_conn_angle.ptnr1_auth_asym_id 
_pdbx_struct_conn_angle.ptnr1_auth_comp_id 
_pdbx_struct_conn_angle.ptnr1_auth_seq_id 
_pdbx_struct_conn_angle.ptnr1_PDB_ins_code 
_pdbx_struct_conn_angle.ptnr1_symmetry 
_pdbx_struct_conn_angle.ptnr2_label_atom_id 
_pdbx_struct_conn_angle.ptnr2_label_alt_id 
_pdbx_struct_conn_angle.ptnr2_label_asym_id 
_pdbx_struct_conn_angle.ptnr2_label_comp_id 
_pdbx_struct_conn_angle.ptnr2_label_seq_id 
_pdbx_struct_conn_angle.ptnr2_auth_atom_id 
_pdbx_struct_conn_angle.ptnr2_auth_asym_id 
_pdbx_struct_conn_angle.ptnr2_auth_comp_id 
_pdbx_struct_conn_angle.ptnr2_auth_seq_id 
_pdbx_struct_conn_angle.ptnr2_PDB_ins_code 
_pdbx_struct_conn_angle.ptnr2_symmetry 
_pdbx_struct_conn_angle.ptnr3_label_atom_id 
_pdbx_struct_conn_angle.ptnr3_label_alt_id 
_pdbx_struct_conn_angle.ptnr3_label_asym_id 
_pdbx_struct_conn_angle.ptnr3_label_comp_id 
_pdbx_struct_conn_angle.ptnr3_label_seq_id 
_pdbx_struct_conn_angle.ptnr3_auth_atom_id 
_pdbx_struct_conn_angle.ptnr3_auth_asym_id 
_pdbx_struct_conn_angle.ptnr3_auth_comp_id 
_pdbx_struct_conn_angle.ptnr3_auth_seq_id 
_pdbx_struct_conn_angle.ptnr3_PDB_ins_code 
_pdbx_struct_conn_angle.ptnr3_symmetry 
_pdbx_struct_conn_angle.value 
_pdbx_struct_conn_angle.value_esd 
1   O   ? A SER 60  ? A SER 60  ? 1_555 NA  ? C NA  . ? A NA  202 ? 1_555 O   ? A CYS 64 ? A CYS 64  ? 1_555 89.7  ? 
2   O   ? A SER 60  ? A SER 60  ? 1_555 NA  ? C NA  . ? A NA  202 ? 1_555 OG  ? A SER 72 ? A SER 72  ? 1_555 83.2  ? 
3   O   ? A CYS 64  ? A CYS 64  ? 1_555 NA  ? C NA  . ? A NA  202 ? 1_555 OG  ? A SER 72 ? A SER 72  ? 1_555 159.7 ? 
4   O   ? A SER 60  ? A SER 60  ? 1_555 NA  ? C NA  . ? A NA  202 ? 1_555 O   ? A ARG 73 ? A ARG 73  ? 1_555 94.9  ? 
5   O   ? A CYS 64  ? A CYS 64  ? 1_555 NA  ? C NA  . ? A NA  202 ? 1_555 O   ? A ARG 73 ? A ARG 73  ? 1_555 97.2  ? 
6   OG  ? A SER 72  ? A SER 72  ? 1_555 NA  ? C NA  . ? A NA  202 ? 1_555 O   ? A ARG 73 ? A ARG 73  ? 1_555 102.4 ? 
7   O   ? A SER 60  ? A SER 60  ? 1_555 NA  ? C NA  . ? A NA  202 ? 1_555 O   ? J HOH .  ? A HOH 374 ? 1_555 99.9  ? 
8   O   ? A CYS 64  ? A CYS 64  ? 1_555 NA  ? C NA  . ? A NA  202 ? 1_555 O   ? J HOH .  ? A HOH 374 ? 1_555 86.8  ? 
9   OG  ? A SER 72  ? A SER 72  ? 1_555 NA  ? C NA  . ? A NA  202 ? 1_555 O   ? J HOH .  ? A HOH 374 ? 1_555 75.7  ? 
10  O   ? A ARG 73  ? A ARG 73  ? 1_555 NA  ? C NA  . ? A NA  202 ? 1_555 O   ? J HOH .  ? A HOH 374 ? 1_555 164.7 ? 
11  O   ? A SER 60  ? A SER 60  ? 1_555 NA  ? C NA  . ? A NA  202 ? 1_555 O   ? J HOH .  ? A HOH 375 ? 1_555 168.2 ? 
12  O   ? A CYS 64  ? A CYS 64  ? 1_555 NA  ? C NA  . ? A NA  202 ? 1_555 O   ? J HOH .  ? A HOH 375 ? 1_555 101.7 ? 
13  OG  ? A SER 72  ? A SER 72  ? 1_555 NA  ? C NA  . ? A NA  202 ? 1_555 O   ? J HOH .  ? A HOH 375 ? 1_555 85.1  ? 
14  O   ? A ARG 73  ? A ARG 73  ? 1_555 NA  ? C NA  . ? A NA  202 ? 1_555 O   ? J HOH .  ? A HOH 375 ? 1_555 86.4  ? 
15  O   ? J HOH .   ? A HOH 374 ? 1_555 NA  ? C NA  . ? A NA  202 ? 1_555 O   ? J HOH .  ? A HOH 375 ? 1_555 78.3  ? 
16  OD1 ? A ASP 119 ? A ASP 119 ? 1_555 RU1 ? G YWR . ? A YWR 206 ? 1_555 N1  ? G YWR .  ? A YWR 206 ? 1_555 91.0  ? 
17  OD1 ? A ASP 119 ? A ASP 119 ? 1_555 RU1 ? G YWR . ? A YWR 206 ? 1_555 RU2 ? G YWR .  ? A YWR 206 ? 1_555 90.9  ? 
18  N1  ? G YWR .   ? A YWR 206 ? 1_555 RU1 ? G YWR . ? A YWR 206 ? 1_555 RU2 ? G YWR .  ? A YWR 206 ? 1_555 88.9  ? 
19  OD1 ? A ASP 119 ? A ASP 119 ? 1_555 RU1 ? G YWR . ? A YWR 206 ? 1_555 O5  ? G YWR .  ? A YWR 206 ? 1_555 178.5 ? 
20  N1  ? G YWR .   ? A YWR 206 ? 1_555 RU1 ? G YWR . ? A YWR 206 ? 1_555 O5  ? G YWR .  ? A YWR 206 ? 1_555 90.2  ? 
21  RU2 ? G YWR .   ? A YWR 206 ? 1_555 RU1 ? G YWR . ? A YWR 206 ? 1_555 O5  ? G YWR .  ? A YWR 206 ? 1_555 89.9  ? 
22  OD1 ? A ASP 119 ? A ASP 119 ? 1_555 RU1 ? G YWR . ? A YWR 206 ? 1_555 O3  ? G YWR .  ? A YWR 206 ? 1_555 90.6  ? 
23  N1  ? G YWR .   ? A YWR 206 ? 1_555 RU1 ? G YWR . ? A YWR 206 ? 1_555 O3  ? G YWR .  ? A YWR 206 ? 1_555 177.0 ? 
24  RU2 ? G YWR .   ? A YWR 206 ? 1_555 RU1 ? G YWR . ? A YWR 206 ? 1_555 O3  ? G YWR .  ? A YWR 206 ? 1_555 88.6  ? 
25  O5  ? G YWR .   ? A YWR 206 ? 1_555 RU1 ? G YWR . ? A YWR 206 ? 1_555 O3  ? G YWR .  ? A YWR 206 ? 1_555 88.2  ? 
26  OD1 ? A ASP 119 ? A ASP 119 ? 1_555 RU1 ? G YWR . ? A YWR 206 ? 1_555 O   ? J HOH .  ? A HOH 352 ? 1_555 91.5  ? 
27  N1  ? G YWR .   ? A YWR 206 ? 1_555 RU1 ? G YWR . ? A YWR 206 ? 1_555 O   ? J HOH .  ? A HOH 352 ? 1_555 100.9 ? 
28  RU2 ? G YWR .   ? A YWR 206 ? 1_555 RU1 ? G YWR . ? A YWR 206 ? 1_555 O   ? J HOH .  ? A HOH 352 ? 1_555 169.9 ? 
29  O5  ? G YWR .   ? A YWR 206 ? 1_555 RU1 ? G YWR . ? A YWR 206 ? 1_555 O   ? J HOH .  ? A HOH 352 ? 1_555 87.5  ? 
30  O3  ? G YWR .   ? A YWR 206 ? 1_555 RU1 ? G YWR . ? A YWR 206 ? 1_555 O   ? J HOH .  ? A HOH 352 ? 1_555 81.5  ? 
31  OD2 ? A ASP 119 ? A ASP 119 ? 1_555 RU2 ? G YWR . ? A YWR 206 ? 1_555 N2  ? G YWR .  ? A YWR 206 ? 1_555 93.1  ? 
32  OD2 ? A ASP 119 ? A ASP 119 ? 1_555 RU2 ? G YWR . ? A YWR 206 ? 1_555 RU1 ? G YWR .  ? A YWR 206 ? 1_555 88.6  ? 
33  N2  ? G YWR .   ? A YWR 206 ? 1_555 RU2 ? G YWR . ? A YWR 206 ? 1_555 RU1 ? G YWR .  ? A YWR 206 ? 1_555 90.8  ? 
34  OD2 ? A ASP 119 ? A ASP 119 ? 1_555 RU2 ? G YWR . ? A YWR 206 ? 1_555 O6  ? G YWR .  ? A YWR 206 ? 1_555 177.7 ? 
35  N2  ? G YWR .   ? A YWR 206 ? 1_555 RU2 ? G YWR . ? A YWR 206 ? 1_555 O6  ? G YWR .  ? A YWR 206 ? 1_555 87.8  ? 
36  RU1 ? G YWR .   ? A YWR 206 ? 1_555 RU2 ? G YWR . ? A YWR 206 ? 1_555 O6  ? G YWR .  ? A YWR 206 ? 1_555 89.3  ? 
37  OD2 ? A ASP 119 ? A ASP 119 ? 1_555 RU2 ? G YWR . ? A YWR 206 ? 1_555 O4  ? G YWR .  ? A YWR 206 ? 1_555 89.7  ? 
38  N2  ? G YWR .   ? A YWR 206 ? 1_555 RU2 ? G YWR . ? A YWR 206 ? 1_555 O4  ? G YWR .  ? A YWR 206 ? 1_555 177.3 ? 
39  RU1 ? G YWR .   ? A YWR 206 ? 1_555 RU2 ? G YWR . ? A YWR 206 ? 1_555 O4  ? G YWR .  ? A YWR 206 ? 1_555 89.4  ? 
40  O6  ? G YWR .   ? A YWR 206 ? 1_555 RU2 ? G YWR . ? A YWR 206 ? 1_555 O4  ? G YWR .  ? A YWR 206 ? 1_555 89.5  ? 
41  OD2 ? A ASP 119 ? A ASP 119 ? 1_555 RU2 ? G YWR . ? A YWR 206 ? 1_555 O   ? J HOH .  ? A HOH 328 ? 4_444 96.7  ? 
42  N2  ? G YWR .   ? A YWR 206 ? 1_555 RU2 ? G YWR . ? A YWR 206 ? 1_555 O   ? J HOH .  ? A HOH 328 ? 4_444 99.4  ? 
43  RU1 ? G YWR .   ? A YWR 206 ? 1_555 RU2 ? G YWR . ? A YWR 206 ? 1_555 O   ? J HOH .  ? A HOH 328 ? 4_444 168.2 ? 
44  O6  ? G YWR .   ? A YWR 206 ? 1_555 RU2 ? G YWR . ? A YWR 206 ? 1_555 O   ? J HOH .  ? A HOH 328 ? 4_444 85.2  ? 
45  O4  ? G YWR .   ? A YWR 206 ? 1_555 RU2 ? G YWR . ? A YWR 206 ? 1_555 O   ? J HOH .  ? A HOH 328 ? 4_444 80.2  ? 
46  O   ? J HOH .   ? A HOH 318 ? 2_454 RU2 ? F YWR . ? A YWR 205 ? 1_555 N2  ? F YWR .  ? A YWR 205 ? 1_555 97.4  ? 
47  O   ? J HOH .   ? A HOH 318 ? 2_454 RU2 ? F YWR . ? A YWR 205 ? 1_555 O2  ? F YWR .  ? A YWR 205 ? 1_555 82.1  ? 
48  N2  ? F YWR .   ? A YWR 205 ? 1_555 RU2 ? F YWR . ? A YWR 205 ? 1_555 O2  ? F YWR .  ? A YWR 205 ? 1_555 90.3  ? 
49  O   ? J HOH .   ? A HOH 318 ? 2_454 RU2 ? F YWR . ? A YWR 205 ? 1_555 RU1 ? F YWR .  ? A YWR 205 ? 1_555 167.0 ? 
50  N2  ? F YWR .   ? A YWR 205 ? 1_555 RU2 ? F YWR . ? A YWR 205 ? 1_555 RU1 ? F YWR .  ? A YWR 205 ? 1_555 89.6  ? 
51  O2  ? F YWR .   ? A YWR 205 ? 1_555 RU2 ? F YWR . ? A YWR 205 ? 1_555 RU1 ? F YWR .  ? A YWR 205 ? 1_555 86.9  ? 
52  O   ? J HOH .   ? A HOH 318 ? 2_454 RU2 ? F YWR . ? A YWR 205 ? 1_555 O6  ? F YWR .  ? A YWR 205 ? 1_555 101.0 ? 
53  N2  ? F YWR .   ? A YWR 205 ? 1_555 RU2 ? F YWR . ? A YWR 205 ? 1_555 O6  ? F YWR .  ? A YWR 205 ? 1_555 92.7  ? 
54  O2  ? F YWR .   ? A YWR 205 ? 1_555 RU2 ? F YWR . ? A YWR 205 ? 1_555 O6  ? F YWR .  ? A YWR 205 ? 1_555 175.3 ? 
55  RU1 ? F YWR .   ? A YWR 205 ? 1_555 RU2 ? F YWR . ? A YWR 205 ? 1_555 O6  ? F YWR .  ? A YWR 205 ? 1_555 89.5  ? 
56  O   ? J HOH .   ? A HOH 318 ? 2_454 RU2 ? F YWR . ? A YWR 205 ? 1_555 O4  ? F YWR .  ? A YWR 205 ? 1_555 83.2  ? 
57  N2  ? F YWR .   ? A YWR 205 ? 1_555 RU2 ? F YWR . ? A YWR 205 ? 1_555 O4  ? F YWR .  ? A YWR 205 ? 1_555 178.7 ? 
58  O2  ? F YWR .   ? A YWR 205 ? 1_555 RU2 ? F YWR . ? A YWR 205 ? 1_555 O4  ? F YWR .  ? A YWR 205 ? 1_555 90.9  ? 
59  RU1 ? F YWR .   ? A YWR 205 ? 1_555 RU2 ? F YWR . ? A YWR 205 ? 1_555 O4  ? F YWR .  ? A YWR 205 ? 1_555 90.0  ? 
60  O6  ? F YWR .   ? A YWR 205 ? 1_555 RU2 ? F YWR . ? A YWR 205 ? 1_555 O4  ? F YWR .  ? A YWR 205 ? 1_555 86.0  ? 
61  O   ? J HOH .   ? A HOH 348 ? 1_555 RU1 ? F YWR . ? A YWR 205 ? 1_555 N1  ? F YWR .  ? A YWR 205 ? 1_555 96.3  ? 
62  O   ? J HOH .   ? A HOH 348 ? 1_555 RU1 ? F YWR . ? A YWR 205 ? 1_555 O1  ? F YWR .  ? A YWR 205 ? 1_555 86.3  ? 
63  N1  ? F YWR .   ? A YWR 205 ? 1_555 RU1 ? F YWR . ? A YWR 205 ? 1_555 O1  ? F YWR .  ? A YWR 205 ? 1_555 89.7  ? 
64  O   ? J HOH .   ? A HOH 348 ? 1_555 RU1 ? F YWR . ? A YWR 205 ? 1_555 RU2 ? F YWR .  ? A YWR 205 ? 1_555 172.6 ? 
65  N1  ? F YWR .   ? A YWR 205 ? 1_555 RU1 ? F YWR . ? A YWR 205 ? 1_555 RU2 ? F YWR .  ? A YWR 205 ? 1_555 91.0  ? 
66  O1  ? F YWR .   ? A YWR 205 ? 1_555 RU1 ? F YWR . ? A YWR 205 ? 1_555 RU2 ? F YWR .  ? A YWR 205 ? 1_555 92.4  ? 
67  O   ? J HOH .   ? A HOH 348 ? 1_555 RU1 ? F YWR . ? A YWR 205 ? 1_555 O5  ? F YWR .  ? A YWR 205 ? 1_555 92.0  ? 
68  N1  ? F YWR .   ? A YWR 205 ? 1_555 RU1 ? F YWR . ? A YWR 205 ? 1_555 O5  ? F YWR .  ? A YWR 205 ? 1_555 91.1  ? 
69  O1  ? F YWR .   ? A YWR 205 ? 1_555 RU1 ? F YWR . ? A YWR 205 ? 1_555 O5  ? F YWR .  ? A YWR 205 ? 1_555 178.2 ? 
70  RU2 ? F YWR .   ? A YWR 205 ? 1_555 RU1 ? F YWR . ? A YWR 205 ? 1_555 O5  ? F YWR .  ? A YWR 205 ? 1_555 89.3  ? 
71  O   ? J HOH .   ? A HOH 348 ? 1_555 RU1 ? F YWR . ? A YWR 205 ? 1_555 O3  ? F YWR .  ? A YWR 205 ? 1_555 83.9  ? 
72  N1  ? F YWR .   ? A YWR 205 ? 1_555 RU1 ? F YWR . ? A YWR 205 ? 1_555 O3  ? F YWR .  ? A YWR 205 ? 1_555 178.7 ? 
73  O1  ? F YWR .   ? A YWR 205 ? 1_555 RU1 ? F YWR . ? A YWR 205 ? 1_555 O3  ? F YWR .  ? A YWR 205 ? 1_555 89.0  ? 
74  RU2 ? F YWR .   ? A YWR 205 ? 1_555 RU1 ? F YWR . ? A YWR 205 ? 1_555 O3  ? F YWR .  ? A YWR 205 ? 1_555 88.8  ? 
75  O5  ? F YWR .   ? A YWR 205 ? 1_555 RU1 ? F YWR . ? A YWR 205 ? 1_555 O3  ? F YWR .  ? A YWR 205 ? 1_555 90.2  ? 
76  O   ? J HOH .   ? A HOH 308 ? 1_555 RU1 ? H YWR . ? A YWR 207 ? 1_555 N1  ? H YWR .  ? A YWR 207 ? 1_555 93.5  ? 
77  O   ? J HOH .   ? A HOH 308 ? 1_555 RU1 ? H YWR . ? A YWR 207 ? 1_555 O1  ? H YWR .  ? A YWR 207 ? 1_555 87.0  ? 
78  N1  ? H YWR .   ? A YWR 207 ? 1_555 RU1 ? H YWR . ? A YWR 207 ? 1_555 O1  ? H YWR .  ? A YWR 207 ? 1_555 91.3  ? 
79  O   ? J HOH .   ? A HOH 308 ? 1_555 RU1 ? H YWR . ? A YWR 207 ? 1_555 RU2 ? H YWR .  ? A YWR 207 ? 1_555 173.4 ? 
80  N1  ? H YWR .   ? A YWR 207 ? 1_555 RU1 ? H YWR . ? A YWR 207 ? 1_555 RU2 ? H YWR .  ? A YWR 207 ? 1_555 92.0  ? 
81  O1  ? H YWR .   ? A YWR 207 ? 1_555 RU1 ? H YWR . ? A YWR 207 ? 1_555 RU2 ? H YWR .  ? A YWR 207 ? 1_555 89.2  ? 
82  O   ? J HOH .   ? A HOH 308 ? 1_555 RU1 ? H YWR . ? A YWR 207 ? 1_555 O5  ? H YWR .  ? A YWR 207 ? 1_555 95.8  ? 
83  N1  ? H YWR .   ? A YWR 207 ? 1_555 RU1 ? H YWR . ? A YWR 207 ? 1_555 O5  ? H YWR .  ? A YWR 207 ? 1_555 91.2  ? 
84  O1  ? H YWR .   ? A YWR 207 ? 1_555 RU1 ? H YWR . ? A YWR 207 ? 1_555 O5  ? H YWR .  ? A YWR 207 ? 1_555 176.1 ? 
85  RU2 ? H YWR .   ? A YWR 207 ? 1_555 RU1 ? H YWR . ? A YWR 207 ? 1_555 O5  ? H YWR .  ? A YWR 207 ? 1_555 87.7  ? 
86  O   ? J HOH .   ? A HOH 308 ? 1_555 RU1 ? H YWR . ? A YWR 207 ? 1_555 O3  ? H YWR .  ? A YWR 207 ? 1_555 85.4  ? 
87  N1  ? H YWR .   ? A YWR 207 ? 1_555 RU1 ? H YWR . ? A YWR 207 ? 1_555 O3  ? H YWR .  ? A YWR 207 ? 1_555 177.8 ? 
88  O1  ? H YWR .   ? A YWR 207 ? 1_555 RU1 ? H YWR . ? A YWR 207 ? 1_555 O3  ? H YWR .  ? A YWR 207 ? 1_555 90.5  ? 
89  RU2 ? H YWR .   ? A YWR 207 ? 1_555 RU1 ? H YWR . ? A YWR 207 ? 1_555 O3  ? H YWR .  ? A YWR 207 ? 1_555 89.2  ? 
90  O5  ? H YWR .   ? A YWR 207 ? 1_555 RU1 ? H YWR . ? A YWR 207 ? 1_555 O3  ? H YWR .  ? A YWR 207 ? 1_555 87.0  ? 
91  O   ? J HOH .   ? A HOH 364 ? 1_555 RU2 ? H YWR . ? A YWR 207 ? 1_555 N2  ? H YWR .  ? A YWR 207 ? 1_555 99.4  ? 
92  O   ? J HOH .   ? A HOH 364 ? 1_555 RU2 ? H YWR . ? A YWR 207 ? 1_555 O2  ? H YWR .  ? A YWR 207 ? 1_555 87.0  ? 
93  N2  ? H YWR .   ? A YWR 207 ? 1_555 RU2 ? H YWR . ? A YWR 207 ? 1_555 O2  ? H YWR .  ? A YWR 207 ? 1_555 92.0  ? 
94  O   ? J HOH .   ? A HOH 364 ? 1_555 RU2 ? H YWR . ? A YWR 207 ? 1_555 RU1 ? H YWR .  ? A YWR 207 ? 1_555 170.4 ? 
95  N2  ? H YWR .   ? A YWR 207 ? 1_555 RU2 ? H YWR . ? A YWR 207 ? 1_555 RU1 ? H YWR .  ? A YWR 207 ? 1_555 89.5  ? 
96  O2  ? H YWR .   ? A YWR 207 ? 1_555 RU2 ? H YWR . ? A YWR 207 ? 1_555 RU1 ? H YWR .  ? A YWR 207 ? 1_555 89.2  ? 
97  O   ? J HOH .   ? A HOH 364 ? 1_555 RU2 ? H YWR . ? A YWR 207 ? 1_555 O6  ? H YWR .  ? A YWR 207 ? 1_555 92.9  ? 
98  N2  ? H YWR .   ? A YWR 207 ? 1_555 RU2 ? H YWR . ? A YWR 207 ? 1_555 O6  ? H YWR .  ? A YWR 207 ? 1_555 88.8  ? 
99  O2  ? H YWR .   ? A YWR 207 ? 1_555 RU2 ? H YWR . ? A YWR 207 ? 1_555 O6  ? H YWR .  ? A YWR 207 ? 1_555 179.1 ? 
100 RU1 ? H YWR .   ? A YWR 207 ? 1_555 RU2 ? H YWR . ? A YWR 207 ? 1_555 O6  ? H YWR .  ? A YWR 207 ? 1_555 90.8  ? 
101 O   ? J HOH .   ? A HOH 364 ? 1_555 RU2 ? H YWR . ? A YWR 207 ? 1_555 O4  ? H YWR .  ? A YWR 207 ? 1_555 82.9  ? 
102 N2  ? H YWR .   ? A YWR 207 ? 1_555 RU2 ? H YWR . ? A YWR 207 ? 1_555 O4  ? H YWR .  ? A YWR 207 ? 1_555 177.5 ? 
103 O2  ? H YWR .   ? A YWR 207 ? 1_555 RU2 ? H YWR . ? A YWR 207 ? 1_555 O4  ? H YWR .  ? A YWR 207 ? 1_555 89.2  ? 
104 RU1 ? H YWR .   ? A YWR 207 ? 1_555 RU2 ? H YWR . ? A YWR 207 ? 1_555 O4  ? H YWR .  ? A YWR 207 ? 1_555 88.3  ? 
105 O6  ? H YWR .   ? A YWR 207 ? 1_555 RU2 ? H YWR . ? A YWR 207 ? 1_555 O4  ? H YWR .  ? A YWR 207 ? 1_555 89.9  ? 
# 
loop_
_pdbx_modification_feature.ordinal 
_pdbx_modification_feature.label_comp_id 
_pdbx_modification_feature.label_asym_id 
_pdbx_modification_feature.label_seq_id 
_pdbx_modification_feature.label_alt_id 
_pdbx_modification_feature.modified_residue_label_comp_id 
_pdbx_modification_feature.modified_residue_label_asym_id 
_pdbx_modification_feature.modified_residue_label_seq_id 
_pdbx_modification_feature.modified_residue_label_alt_id 
_pdbx_modification_feature.auth_comp_id 
_pdbx_modification_feature.auth_asym_id 
_pdbx_modification_feature.auth_seq_id 
_pdbx_modification_feature.PDB_ins_code 
_pdbx_modification_feature.symmetry 
_pdbx_modification_feature.modified_residue_auth_comp_id 
_pdbx_modification_feature.modified_residue_auth_asym_id 
_pdbx_modification_feature.modified_residue_auth_seq_id 
_pdbx_modification_feature.modified_residue_PDB_ins_code 
_pdbx_modification_feature.modified_residue_symmetry 
_pdbx_modification_feature.comp_id_linking_atom 
_pdbx_modification_feature.modified_residue_id_linking_atom 
_pdbx_modification_feature.modified_residue_id 
_pdbx_modification_feature.ref_pcm_id 
_pdbx_modification_feature.ref_comp_id 
_pdbx_modification_feature.type 
_pdbx_modification_feature.category 
1 CYS A 6  ? CYS A 127 ? CYS A 6  ? 1_555 CYS A 127 ? 1_555 SG SG . . . None 'Disulfide bridge' 
2 CYS A 30 ? CYS A 115 ? CYS A 30 ? 1_555 CYS A 115 ? 1_555 SG SG . . . None 'Disulfide bridge' 
3 CYS A 64 ? CYS A 80  ? CYS A 64 ? 1_555 CYS A 80  ? 1_555 SG SG . . . None 'Disulfide bridge' 
4 CYS A 76 ? CYS A 94  ? CYS A 76 ? 1_555 CYS A 94  ? 1_555 SG SG . . . None 'Disulfide bridge' 
# 
_struct_sheet.id               AA1 
_struct_sheet.type             ? 
_struct_sheet.number_strands   3 
_struct_sheet.details          ? 
# 
loop_
_struct_sheet_order.sheet_id 
_struct_sheet_order.range_id_1 
_struct_sheet_order.range_id_2 
_struct_sheet_order.offset 
_struct_sheet_order.sense 
AA1 1 2 ? anti-parallel 
AA1 2 3 ? anti-parallel 
# 
loop_
_struct_sheet_range.sheet_id 
_struct_sheet_range.id 
_struct_sheet_range.beg_label_comp_id 
_struct_sheet_range.beg_label_asym_id 
_struct_sheet_range.beg_label_seq_id 
_struct_sheet_range.pdbx_beg_PDB_ins_code 
_struct_sheet_range.end_label_comp_id 
_struct_sheet_range.end_label_asym_id 
_struct_sheet_range.end_label_seq_id 
_struct_sheet_range.pdbx_end_PDB_ins_code 
_struct_sheet_range.beg_auth_comp_id 
_struct_sheet_range.beg_auth_asym_id 
_struct_sheet_range.beg_auth_seq_id 
_struct_sheet_range.end_auth_comp_id 
_struct_sheet_range.end_auth_asym_id 
_struct_sheet_range.end_auth_seq_id 
AA1 1 THR A 43 ? ARG A 45 ? THR A 43 ARG A 45 
AA1 2 THR A 51 ? TYR A 53 ? THR A 51 TYR A 53 
AA1 3 ILE A 58 ? ASN A 59 ? ILE A 58 ASN A 59 
# 
loop_
_pdbx_struct_sheet_hbond.sheet_id 
_pdbx_struct_sheet_hbond.range_id_1 
_pdbx_struct_sheet_hbond.range_id_2 
_pdbx_struct_sheet_hbond.range_1_label_atom_id 
_pdbx_struct_sheet_hbond.range_1_label_comp_id 
_pdbx_struct_sheet_hbond.range_1_label_asym_id 
_pdbx_struct_sheet_hbond.range_1_label_seq_id 
_pdbx_struct_sheet_hbond.range_1_PDB_ins_code 
_pdbx_struct_sheet_hbond.range_1_auth_atom_id 
_pdbx_struct_sheet_hbond.range_1_auth_comp_id 
_pdbx_struct_sheet_hbond.range_1_auth_asym_id 
_pdbx_struct_sheet_hbond.range_1_auth_seq_id 
_pdbx_struct_sheet_hbond.range_2_label_atom_id 
_pdbx_struct_sheet_hbond.range_2_label_comp_id 
_pdbx_struct_sheet_hbond.range_2_label_asym_id 
_pdbx_struct_sheet_hbond.range_2_label_seq_id 
_pdbx_struct_sheet_hbond.range_2_PDB_ins_code 
_pdbx_struct_sheet_hbond.range_2_auth_atom_id 
_pdbx_struct_sheet_hbond.range_2_auth_comp_id 
_pdbx_struct_sheet_hbond.range_2_auth_asym_id 
_pdbx_struct_sheet_hbond.range_2_auth_seq_id 
AA1 1 2 N ASN A 44 ? N ASN A 44 O ASP A 52 ? O ASP A 52 
AA1 2 3 N TYR A 53 ? N TYR A 53 O ILE A 58 ? O ILE A 58 
# 
_pdbx_entry_details.entry_id                   8PFW 
_pdbx_entry_details.has_ligand_of_interest     Y 
_pdbx_entry_details.compound_details           ? 
_pdbx_entry_details.source_details             ? 
_pdbx_entry_details.nonpolymer_details         ? 
_pdbx_entry_details.sequence_details           ? 
_pdbx_entry_details.has_protein_modification   Y 
# 
_pdbx_validate_symm_contact.id                1 
_pdbx_validate_symm_contact.PDB_model_num     1 
_pdbx_validate_symm_contact.auth_atom_id_1    O 
_pdbx_validate_symm_contact.auth_asym_id_1    A 
_pdbx_validate_symm_contact.auth_comp_id_1    LEU 
_pdbx_validate_symm_contact.auth_seq_id_1     129 
_pdbx_validate_symm_contact.PDB_ins_code_1    ? 
_pdbx_validate_symm_contact.label_alt_id_1    ? 
_pdbx_validate_symm_contact.site_symmetry_1   1_555 
_pdbx_validate_symm_contact.auth_atom_id_2    O 
_pdbx_validate_symm_contact.auth_asym_id_2    A 
_pdbx_validate_symm_contact.auth_comp_id_2    LEU 
_pdbx_validate_symm_contact.auth_seq_id_2     129 
_pdbx_validate_symm_contact.PDB_ins_code_2    ? 
_pdbx_validate_symm_contact.label_alt_id_2    ? 
_pdbx_validate_symm_contact.site_symmetry_2   7_554 
_pdbx_validate_symm_contact.dist              1.59 
# 
_pdbx_validate_rmsd_angle.id                         1 
_pdbx_validate_rmsd_angle.PDB_model_num              1 
_pdbx_validate_rmsd_angle.auth_atom_id_1             CB 
_pdbx_validate_rmsd_angle.auth_asym_id_1             A 
_pdbx_validate_rmsd_angle.auth_comp_id_1             GLN 
_pdbx_validate_rmsd_angle.auth_seq_id_1              121 
_pdbx_validate_rmsd_angle.PDB_ins_code_1             ? 
_pdbx_validate_rmsd_angle.label_alt_id_1             B 
_pdbx_validate_rmsd_angle.auth_atom_id_2             CA 
_pdbx_validate_rmsd_angle.auth_asym_id_2             A 
_pdbx_validate_rmsd_angle.auth_comp_id_2             GLN 
_pdbx_validate_rmsd_angle.auth_seq_id_2              121 
_pdbx_validate_rmsd_angle.PDB_ins_code_2             ? 
_pdbx_validate_rmsd_angle.label_alt_id_2             B 
_pdbx_validate_rmsd_angle.auth_atom_id_3             C 
_pdbx_validate_rmsd_angle.auth_asym_id_3             A 
_pdbx_validate_rmsd_angle.auth_comp_id_3             GLN 
_pdbx_validate_rmsd_angle.auth_seq_id_3              121 
_pdbx_validate_rmsd_angle.PDB_ins_code_3             ? 
_pdbx_validate_rmsd_angle.label_alt_id_3             B 
_pdbx_validate_rmsd_angle.angle_value                124.38 
_pdbx_validate_rmsd_angle.angle_target_value         110.40 
_pdbx_validate_rmsd_angle.angle_deviation            13.98 
_pdbx_validate_rmsd_angle.angle_standard_deviation   2.00 
_pdbx_validate_rmsd_angle.linker_flag                N 
# 
_pdbx_validate_torsion.id              1 
_pdbx_validate_torsion.PDB_model_num   1 
_pdbx_validate_torsion.auth_comp_id    ARG 
_pdbx_validate_torsion.auth_asym_id    A 
_pdbx_validate_torsion.auth_seq_id     68 
_pdbx_validate_torsion.PDB_ins_code    ? 
_pdbx_validate_torsion.label_alt_id    ? 
_pdbx_validate_torsion.phi             -143.12 
_pdbx_validate_torsion.psi             19.69 
# 
_pdbx_validate_planes.id              1 
_pdbx_validate_planes.PDB_model_num   1 
_pdbx_validate_planes.auth_comp_id    ARG 
_pdbx_validate_planes.auth_asym_id    A 
_pdbx_validate_planes.auth_seq_id     45 
_pdbx_validate_planes.PDB_ins_code    ? 
_pdbx_validate_planes.label_alt_id    A 
_pdbx_validate_planes.rmsd            0.087 
_pdbx_validate_planes.type            'SIDE CHAIN' 
# 
loop_
_pdbx_struct_special_symmetry.id 
_pdbx_struct_special_symmetry.PDB_model_num 
_pdbx_struct_special_symmetry.auth_asym_id 
_pdbx_struct_special_symmetry.auth_comp_id 
_pdbx_struct_special_symmetry.auth_seq_id 
_pdbx_struct_special_symmetry.PDB_ins_code 
_pdbx_struct_special_symmetry.label_asym_id 
_pdbx_struct_special_symmetry.label_comp_id 
_pdbx_struct_special_symmetry.label_seq_id 
1 1 A HOH 346 ? J HOH . 
2 1 A HOH 382 ? J HOH . 
# 
loop_
_chem_comp_atom.comp_id 
_chem_comp_atom.atom_id 
_chem_comp_atom.type_symbol 
_chem_comp_atom.pdbx_aromatic_flag 
_chem_comp_atom.pdbx_stereo_config 
_chem_comp_atom.pdbx_ordinal 
ALA N    N  N N 1   
ALA CA   C  N S 2   
ALA C    C  N N 3   
ALA O    O  N N 4   
ALA CB   C  N N 5   
ALA OXT  O  N N 6   
ALA H    H  N N 7   
ALA H2   H  N N 8   
ALA HA   H  N N 9   
ALA HB1  H  N N 10  
ALA HB2  H  N N 11  
ALA HB3  H  N N 12  
ALA HXT  H  N N 13  
ARG N    N  N N 14  
ARG CA   C  N S 15  
ARG C    C  N N 16  
ARG O    O  N N 17  
ARG CB   C  N N 18  
ARG CG   C  N N 19  
ARG CD   C  N N 20  
ARG NE   N  N N 21  
ARG CZ   C  N N 22  
ARG NH1  N  N N 23  
ARG NH2  N  N N 24  
ARG OXT  O  N N 25  
ARG H    H  N N 26  
ARG H2   H  N N 27  
ARG HA   H  N N 28  
ARG HB2  H  N N 29  
ARG HB3  H  N N 30  
ARG HG2  H  N N 31  
ARG HG3  H  N N 32  
ARG HD2  H  N N 33  
ARG HD3  H  N N 34  
ARG HE   H  N N 35  
ARG HH11 H  N N 36  
ARG HH12 H  N N 37  
ARG HH21 H  N N 38  
ARG HH22 H  N N 39  
ARG HXT  H  N N 40  
ASN N    N  N N 41  
ASN CA   C  N S 42  
ASN C    C  N N 43  
ASN O    O  N N 44  
ASN CB   C  N N 45  
ASN CG   C  N N 46  
ASN OD1  O  N N 47  
ASN ND2  N  N N 48  
ASN OXT  O  N N 49  
ASN H    H  N N 50  
ASN H2   H  N N 51  
ASN HA   H  N N 52  
ASN HB2  H  N N 53  
ASN HB3  H  N N 54  
ASN HD21 H  N N 55  
ASN HD22 H  N N 56  
ASN HXT  H  N N 57  
ASP N    N  N N 58  
ASP CA   C  N S 59  
ASP C    C  N N 60  
ASP O    O  N N 61  
ASP CB   C  N N 62  
ASP CG   C  N N 63  
ASP OD1  O  N N 64  
ASP OD2  O  N N 65  
ASP OXT  O  N N 66  
ASP H    H  N N 67  
ASP H2   H  N N 68  
ASP HA   H  N N 69  
ASP HB2  H  N N 70  
ASP HB3  H  N N 71  
ASP HD2  H  N N 72  
ASP HXT  H  N N 73  
CL  CL   CL N N 74  
CYS N    N  N N 75  
CYS CA   C  N R 76  
CYS C    C  N N 77  
CYS O    O  N N 78  
CYS CB   C  N N 79  
CYS SG   S  N N 80  
CYS OXT  O  N N 81  
CYS H    H  N N 82  
CYS H2   H  N N 83  
CYS HA   H  N N 84  
CYS HB2  H  N N 85  
CYS HB3  H  N N 86  
CYS HG   H  N N 87  
CYS HXT  H  N N 88  
GLN N    N  N N 89  
GLN CA   C  N S 90  
GLN C    C  N N 91  
GLN O    O  N N 92  
GLN CB   C  N N 93  
GLN CG   C  N N 94  
GLN CD   C  N N 95  
GLN OE1  O  N N 96  
GLN NE2  N  N N 97  
GLN OXT  O  N N 98  
GLN H    H  N N 99  
GLN H2   H  N N 100 
GLN HA   H  N N 101 
GLN HB2  H  N N 102 
GLN HB3  H  N N 103 
GLN HG2  H  N N 104 
GLN HG3  H  N N 105 
GLN HE21 H  N N 106 
GLN HE22 H  N N 107 
GLN HXT  H  N N 108 
GLU N    N  N N 109 
GLU CA   C  N S 110 
GLU C    C  N N 111 
GLU O    O  N N 112 
GLU CB   C  N N 113 
GLU CG   C  N N 114 
GLU CD   C  N N 115 
GLU OE1  O  N N 116 
GLU OE2  O  N N 117 
GLU OXT  O  N N 118 
GLU H    H  N N 119 
GLU H2   H  N N 120 
GLU HA   H  N N 121 
GLU HB2  H  N N 122 
GLU HB3  H  N N 123 
GLU HG2  H  N N 124 
GLU HG3  H  N N 125 
GLU HE2  H  N N 126 
GLU HXT  H  N N 127 
GLY N    N  N N 128 
GLY CA   C  N N 129 
GLY C    C  N N 130 
GLY O    O  N N 131 
GLY OXT  O  N N 132 
GLY H    H  N N 133 
GLY H2   H  N N 134 
GLY HA2  H  N N 135 
GLY HA3  H  N N 136 
GLY HXT  H  N N 137 
HIS N    N  N N 138 
HIS CA   C  N S 139 
HIS C    C  N N 140 
HIS O    O  N N 141 
HIS CB   C  N N 142 
HIS CG   C  Y N 143 
HIS ND1  N  Y N 144 
HIS CD2  C  Y N 145 
HIS CE1  C  Y N 146 
HIS NE2  N  Y N 147 
HIS OXT  O  N N 148 
HIS H    H  N N 149 
HIS H2   H  N N 150 
HIS HA   H  N N 151 
HIS HB2  H  N N 152 
HIS HB3  H  N N 153 
HIS HD1  H  N N 154 
HIS HD2  H  N N 155 
HIS HE1  H  N N 156 
HIS HE2  H  N N 157 
HIS HXT  H  N N 158 
HOH O    O  N N 159 
HOH H1   H  N N 160 
HOH H2   H  N N 161 
ILE N    N  N N 162 
ILE CA   C  N S 163 
ILE C    C  N N 164 
ILE O    O  N N 165 
ILE CB   C  N S 166 
ILE CG1  C  N N 167 
ILE CG2  C  N N 168 
ILE CD1  C  N N 169 
ILE OXT  O  N N 170 
ILE H    H  N N 171 
ILE H2   H  N N 172 
ILE HA   H  N N 173 
ILE HB   H  N N 174 
ILE HG12 H  N N 175 
ILE HG13 H  N N 176 
ILE HG21 H  N N 177 
ILE HG22 H  N N 178 
ILE HG23 H  N N 179 
ILE HD11 H  N N 180 
ILE HD12 H  N N 181 
ILE HD13 H  N N 182 
ILE HXT  H  N N 183 
LEU N    N  N N 184 
LEU CA   C  N S 185 
LEU C    C  N N 186 
LEU O    O  N N 187 
LEU CB   C  N N 188 
LEU CG   C  N N 189 
LEU CD1  C  N N 190 
LEU CD2  C  N N 191 
LEU OXT  O  N N 192 
LEU H    H  N N 193 
LEU H2   H  N N 194 
LEU HA   H  N N 195 
LEU HB2  H  N N 196 
LEU HB3  H  N N 197 
LEU HG   H  N N 198 
LEU HD11 H  N N 199 
LEU HD12 H  N N 200 
LEU HD13 H  N N 201 
LEU HD21 H  N N 202 
LEU HD22 H  N N 203 
LEU HD23 H  N N 204 
LEU HXT  H  N N 205 
LYS N    N  N N 206 
LYS CA   C  N S 207 
LYS C    C  N N 208 
LYS O    O  N N 209 
LYS CB   C  N N 210 
LYS CG   C  N N 211 
LYS CD   C  N N 212 
LYS CE   C  N N 213 
LYS NZ   N  N N 214 
LYS OXT  O  N N 215 
LYS H    H  N N 216 
LYS H2   H  N N 217 
LYS HA   H  N N 218 
LYS HB2  H  N N 219 
LYS HB3  H  N N 220 
LYS HG2  H  N N 221 
LYS HG3  H  N N 222 
LYS HD2  H  N N 223 
LYS HD3  H  N N 224 
LYS HE2  H  N N 225 
LYS HE3  H  N N 226 
LYS HZ1  H  N N 227 
LYS HZ2  H  N N 228 
LYS HZ3  H  N N 229 
LYS HXT  H  N N 230 
MET N    N  N N 231 
MET CA   C  N S 232 
MET C    C  N N 233 
MET O    O  N N 234 
MET CB   C  N N 235 
MET CG   C  N N 236 
MET SD   S  N N 237 
MET CE   C  N N 238 
MET OXT  O  N N 239 
MET H    H  N N 240 
MET H2   H  N N 241 
MET HA   H  N N 242 
MET HB2  H  N N 243 
MET HB3  H  N N 244 
MET HG2  H  N N 245 
MET HG3  H  N N 246 
MET HE1  H  N N 247 
MET HE2  H  N N 248 
MET HE3  H  N N 249 
MET HXT  H  N N 250 
NA  NA   NA N N 251 
NO3 N    N  N N 252 
NO3 O1   O  N N 253 
NO3 O2   O  N N 254 
NO3 O3   O  N N 255 
PHE N    N  N N 256 
PHE CA   C  N S 257 
PHE C    C  N N 258 
PHE O    O  N N 259 
PHE CB   C  N N 260 
PHE CG   C  Y N 261 
PHE CD1  C  Y N 262 
PHE CD2  C  Y N 263 
PHE CE1  C  Y N 264 
PHE CE2  C  Y N 265 
PHE CZ   C  Y N 266 
PHE OXT  O  N N 267 
PHE H    H  N N 268 
PHE H2   H  N N 269 
PHE HA   H  N N 270 
PHE HB2  H  N N 271 
PHE HB3  H  N N 272 
PHE HD1  H  N N 273 
PHE HD2  H  N N 274 
PHE HE1  H  N N 275 
PHE HE2  H  N N 276 
PHE HZ   H  N N 277 
PHE HXT  H  N N 278 
PRO N    N  N N 279 
PRO CA   C  N S 280 
PRO C    C  N N 281 
PRO O    O  N N 282 
PRO CB   C  N N 283 
PRO CG   C  N N 284 
PRO CD   C  N N 285 
PRO OXT  O  N N 286 
PRO H    H  N N 287 
PRO HA   H  N N 288 
PRO HB2  H  N N 289 
PRO HB3  H  N N 290 
PRO HG2  H  N N 291 
PRO HG3  H  N N 292 
PRO HD2  H  N N 293 
PRO HD3  H  N N 294 
PRO HXT  H  N N 295 
SER N    N  N N 296 
SER CA   C  N S 297 
SER C    C  N N 298 
SER O    O  N N 299 
SER CB   C  N N 300 
SER OG   O  N N 301 
SER OXT  O  N N 302 
SER H    H  N N 303 
SER H2   H  N N 304 
SER HA   H  N N 305 
SER HB2  H  N N 306 
SER HB3  H  N N 307 
SER HG   H  N N 308 
SER HXT  H  N N 309 
THR N    N  N N 310 
THR CA   C  N S 311 
THR C    C  N N 312 
THR O    O  N N 313 
THR CB   C  N R 314 
THR OG1  O  N N 315 
THR CG2  C  N N 316 
THR OXT  O  N N 317 
THR H    H  N N 318 
THR H2   H  N N 319 
THR HA   H  N N 320 
THR HB   H  N N 321 
THR HG1  H  N N 322 
THR HG21 H  N N 323 
THR HG22 H  N N 324 
THR HG23 H  N N 325 
THR HXT  H  N N 326 
TRP N    N  N N 327 
TRP CA   C  N S 328 
TRP C    C  N N 329 
TRP O    O  N N 330 
TRP CB   C  N N 331 
TRP CG   C  Y N 332 
TRP CD1  C  Y N 333 
TRP CD2  C  Y N 334 
TRP NE1  N  Y N 335 
TRP CE2  C  Y N 336 
TRP CE3  C  Y N 337 
TRP CZ2  C  Y N 338 
TRP CZ3  C  Y N 339 
TRP CH2  C  Y N 340 
TRP OXT  O  N N 341 
TRP H    H  N N 342 
TRP H2   H  N N 343 
TRP HA   H  N N 344 
TRP HB2  H  N N 345 
TRP HB3  H  N N 346 
TRP HD1  H  N N 347 
TRP HE1  H  N N 348 
TRP HE3  H  N N 349 
TRP HZ2  H  N N 350 
TRP HZ3  H  N N 351 
TRP HH2  H  N N 352 
TRP HXT  H  N N 353 
TYR N    N  N N 354 
TYR CA   C  N S 355 
TYR C    C  N N 356 
TYR O    O  N N 357 
TYR CB   C  N N 358 
TYR CG   C  Y N 359 
TYR CD1  C  Y N 360 
TYR CD2  C  Y N 361 
TYR CE1  C  Y N 362 
TYR CE2  C  Y N 363 
TYR CZ   C  Y N 364 
TYR OH   O  N N 365 
TYR OXT  O  N N 366 
TYR H    H  N N 367 
TYR H2   H  N N 368 
TYR HA   H  N N 369 
TYR HB2  H  N N 370 
TYR HB3  H  N N 371 
TYR HD1  H  N N 372 
TYR HD2  H  N N 373 
TYR HE1  H  N N 374 
TYR HE2  H  N N 375 
TYR HH   H  N N 376 
TYR HXT  H  N N 377 
VAL N    N  N N 378 
VAL CA   C  N S 379 
VAL C    C  N N 380 
VAL O    O  N N 381 
VAL CB   C  N N 382 
VAL CG1  C  N N 383 
VAL CG2  C  N N 384 
VAL OXT  O  N N 385 
VAL H    H  N N 386 
VAL H2   H  N N 387 
VAL HA   H  N N 388 
VAL HB   H  N N 389 
VAL HG11 H  N N 390 
VAL HG12 H  N N 391 
VAL HG13 H  N N 392 
VAL HG21 H  N N 393 
VAL HG22 H  N N 394 
VAL HG23 H  N N 395 
VAL HXT  H  N N 396 
YWR RU1  RU N N 397 
YWR RU2  RU N N 398 
YWR O6   O  N N 399 
YWR O1   O  N N 400 
YWR O2   O  N N 401 
YWR O5   O  N N 402 
YWR O3   O  N N 403 
YWR O4   O  N N 404 
YWR N2   N  N N 405 
YWR N1   N  N N 406 
YWR C1   C  N N 407 
YWR C7   C  N N 408 
YWR C3   C  N N 409 
YWR C23  C  N N 410 
YWR C5   C  N N 411 
YWR O9   O  N N 412 
YWR C20  C  Y N 413 
YWR C9   C  Y N 414 
YWR C10  C  Y N 415 
YWR C15  C  Y N 416 
YWR C8   C  Y N 417 
YWR O11  O  N N 418 
YWR C13  C  Y N 419 
YWR C16  C  Y N 420 
YWR C17  C  Y N 421 
YWR C11  C  Y N 422 
YWR O8   O  N N 423 
YWR C22  C  N N 424 
YWR C12  C  Y N 425 
YWR O10  O  N N 426 
YWR C18  C  Y N 427 
YWR C19  C  Y N 428 
YWR O7   O  N N 429 
YWR H1   H  N N 430 
YWR H2   H  N N 431 
YWR H3   H  N N 432 
YWR H4   H  N N 433 
YWR H5   H  N N 434 
YWR H6   H  N N 435 
YWR H7   H  N N 436 
YWR H8   H  N N 437 
YWR H9   H  N N 438 
YWR H10  H  N N 439 
YWR H11  H  N N 440 
YWR H12  H  N N 441 
YWR H13  H  N N 442 
YWR H14  H  N N 443 
YWR H15  H  N N 444 
YWR H16  H  N N 445 
# 
loop_
_chem_comp_bond.comp_id 
_chem_comp_bond.atom_id_1 
_chem_comp_bond.atom_id_2 
_chem_comp_bond.value_order 
_chem_comp_bond.pdbx_aromatic_flag 
_chem_comp_bond.pdbx_stereo_config 
_chem_comp_bond.pdbx_ordinal 
ALA N   CA   sing N N 1   
ALA N   H    sing N N 2   
ALA N   H2   sing N N 3   
ALA CA  C    sing N N 4   
ALA CA  CB   sing N N 5   
ALA CA  HA   sing N N 6   
ALA C   O    doub N N 7   
ALA C   OXT  sing N N 8   
ALA CB  HB1  sing N N 9   
ALA CB  HB2  sing N N 10  
ALA CB  HB3  sing N N 11  
ALA OXT HXT  sing N N 12  
ARG N   CA   sing N N 13  
ARG N   H    sing N N 14  
ARG N   H2   sing N N 15  
ARG CA  C    sing N N 16  
ARG CA  CB   sing N N 17  
ARG CA  HA   sing N N 18  
ARG C   O    doub N N 19  
ARG C   OXT  sing N N 20  
ARG CB  CG   sing N N 21  
ARG CB  HB2  sing N N 22  
ARG CB  HB3  sing N N 23  
ARG CG  CD   sing N N 24  
ARG CG  HG2  sing N N 25  
ARG CG  HG3  sing N N 26  
ARG CD  NE   sing N N 27  
ARG CD  HD2  sing N N 28  
ARG CD  HD3  sing N N 29  
ARG NE  CZ   sing N N 30  
ARG NE  HE   sing N N 31  
ARG CZ  NH1  sing N N 32  
ARG CZ  NH2  doub N N 33  
ARG NH1 HH11 sing N N 34  
ARG NH1 HH12 sing N N 35  
ARG NH2 HH21 sing N N 36  
ARG NH2 HH22 sing N N 37  
ARG OXT HXT  sing N N 38  
ASN N   CA   sing N N 39  
ASN N   H    sing N N 40  
ASN N   H2   sing N N 41  
ASN CA  C    sing N N 42  
ASN CA  CB   sing N N 43  
ASN CA  HA   sing N N 44  
ASN C   O    doub N N 45  
ASN C   OXT  sing N N 46  
ASN CB  CG   sing N N 47  
ASN CB  HB2  sing N N 48  
ASN CB  HB3  sing N N 49  
ASN CG  OD1  doub N N 50  
ASN CG  ND2  sing N N 51  
ASN ND2 HD21 sing N N 52  
ASN ND2 HD22 sing N N 53  
ASN OXT HXT  sing N N 54  
ASP N   CA   sing N N 55  
ASP N   H    sing N N 56  
ASP N   H2   sing N N 57  
ASP CA  C    sing N N 58  
ASP CA  CB   sing N N 59  
ASP CA  HA   sing N N 60  
ASP C   O    doub N N 61  
ASP C   OXT  sing N N 62  
ASP CB  CG   sing N N 63  
ASP CB  HB2  sing N N 64  
ASP CB  HB3  sing N N 65  
ASP CG  OD1  doub N N 66  
ASP CG  OD2  sing N N 67  
ASP OD2 HD2  sing N N 68  
ASP OXT HXT  sing N N 69  
CYS N   CA   sing N N 70  
CYS N   H    sing N N 71  
CYS N   H2   sing N N 72  
CYS CA  C    sing N N 73  
CYS CA  CB   sing N N 74  
CYS CA  HA   sing N N 75  
CYS C   O    doub N N 76  
CYS C   OXT  sing N N 77  
CYS CB  SG   sing N N 78  
CYS CB  HB2  sing N N 79  
CYS CB  HB3  sing N N 80  
CYS SG  HG   sing N N 81  
CYS OXT HXT  sing N N 82  
GLN N   CA   sing N N 83  
GLN N   H    sing N N 84  
GLN N   H2   sing N N 85  
GLN CA  C    sing N N 86  
GLN CA  CB   sing N N 87  
GLN CA  HA   sing N N 88  
GLN C   O    doub N N 89  
GLN C   OXT  sing N N 90  
GLN CB  CG   sing N N 91  
GLN CB  HB2  sing N N 92  
GLN CB  HB3  sing N N 93  
GLN CG  CD   sing N N 94  
GLN CG  HG2  sing N N 95  
GLN CG  HG3  sing N N 96  
GLN CD  OE1  doub N N 97  
GLN CD  NE2  sing N N 98  
GLN NE2 HE21 sing N N 99  
GLN NE2 HE22 sing N N 100 
GLN OXT HXT  sing N N 101 
GLU N   CA   sing N N 102 
GLU N   H    sing N N 103 
GLU N   H2   sing N N 104 
GLU CA  C    sing N N 105 
GLU CA  CB   sing N N 106 
GLU CA  HA   sing N N 107 
GLU C   O    doub N N 108 
GLU C   OXT  sing N N 109 
GLU CB  CG   sing N N 110 
GLU CB  HB2  sing N N 111 
GLU CB  HB3  sing N N 112 
GLU CG  CD   sing N N 113 
GLU CG  HG2  sing N N 114 
GLU CG  HG3  sing N N 115 
GLU CD  OE1  doub N N 116 
GLU CD  OE2  sing N N 117 
GLU OE2 HE2  sing N N 118 
GLU OXT HXT  sing N N 119 
GLY N   CA   sing N N 120 
GLY N   H    sing N N 121 
GLY N   H2   sing N N 122 
GLY CA  C    sing N N 123 
GLY CA  HA2  sing N N 124 
GLY CA  HA3  sing N N 125 
GLY C   O    doub N N 126 
GLY C   OXT  sing N N 127 
GLY OXT HXT  sing N N 128 
HIS N   CA   sing N N 129 
HIS N   H    sing N N 130 
HIS N   H2   sing N N 131 
HIS CA  C    sing N N 132 
HIS CA  CB   sing N N 133 
HIS CA  HA   sing N N 134 
HIS C   O    doub N N 135 
HIS C   OXT  sing N N 136 
HIS CB  CG   sing N N 137 
HIS CB  HB2  sing N N 138 
HIS CB  HB3  sing N N 139 
HIS CG  ND1  sing Y N 140 
HIS CG  CD2  doub Y N 141 
HIS ND1 CE1  doub Y N 142 
HIS ND1 HD1  sing N N 143 
HIS CD2 NE2  sing Y N 144 
HIS CD2 HD2  sing N N 145 
HIS CE1 NE2  sing Y N 146 
HIS CE1 HE1  sing N N 147 
HIS NE2 HE2  sing N N 148 
HIS OXT HXT  sing N N 149 
HOH O   H1   sing N N 150 
HOH O   H2   sing N N 151 
ILE N   CA   sing N N 152 
ILE N   H    sing N N 153 
ILE N   H2   sing N N 154 
ILE CA  C    sing N N 155 
ILE CA  CB   sing N N 156 
ILE CA  HA   sing N N 157 
ILE C   O    doub N N 158 
ILE C   OXT  sing N N 159 
ILE CB  CG1  sing N N 160 
ILE CB  CG2  sing N N 161 
ILE CB  HB   sing N N 162 
ILE CG1 CD1  sing N N 163 
ILE CG1 HG12 sing N N 164 
ILE CG1 HG13 sing N N 165 
ILE CG2 HG21 sing N N 166 
ILE CG2 HG22 sing N N 167 
ILE CG2 HG23 sing N N 168 
ILE CD1 HD11 sing N N 169 
ILE CD1 HD12 sing N N 170 
ILE CD1 HD13 sing N N 171 
ILE OXT HXT  sing N N 172 
LEU N   CA   sing N N 173 
LEU N   H    sing N N 174 
LEU N   H2   sing N N 175 
LEU CA  C    sing N N 176 
LEU CA  CB   sing N N 177 
LEU CA  HA   sing N N 178 
LEU C   O    doub N N 179 
LEU C   OXT  sing N N 180 
LEU CB  CG   sing N N 181 
LEU CB  HB2  sing N N 182 
LEU CB  HB3  sing N N 183 
LEU CG  CD1  sing N N 184 
LEU CG  CD2  sing N N 185 
LEU CG  HG   sing N N 186 
LEU CD1 HD11 sing N N 187 
LEU CD1 HD12 sing N N 188 
LEU CD1 HD13 sing N N 189 
LEU CD2 HD21 sing N N 190 
LEU CD2 HD22 sing N N 191 
LEU CD2 HD23 sing N N 192 
LEU OXT HXT  sing N N 193 
LYS N   CA   sing N N 194 
LYS N   H    sing N N 195 
LYS N   H2   sing N N 196 
LYS CA  C    sing N N 197 
LYS CA  CB   sing N N 198 
LYS CA  HA   sing N N 199 
LYS C   O    doub N N 200 
LYS C   OXT  sing N N 201 
LYS CB  CG   sing N N 202 
LYS CB  HB2  sing N N 203 
LYS CB  HB3  sing N N 204 
LYS CG  CD   sing N N 205 
LYS CG  HG2  sing N N 206 
LYS CG  HG3  sing N N 207 
LYS CD  CE   sing N N 208 
LYS CD  HD2  sing N N 209 
LYS CD  HD3  sing N N 210 
LYS CE  NZ   sing N N 211 
LYS CE  HE2  sing N N 212 
LYS CE  HE3  sing N N 213 
LYS NZ  HZ1  sing N N 214 
LYS NZ  HZ2  sing N N 215 
LYS NZ  HZ3  sing N N 216 
LYS OXT HXT  sing N N 217 
MET N   CA   sing N N 218 
MET N   H    sing N N 219 
MET N   H2   sing N N 220 
MET CA  C    sing N N 221 
MET CA  CB   sing N N 222 
MET CA  HA   sing N N 223 
MET C   O    doub N N 224 
MET C   OXT  sing N N 225 
MET CB  CG   sing N N 226 
MET CB  HB2  sing N N 227 
MET CB  HB3  sing N N 228 
MET CG  SD   sing N N 229 
MET CG  HG2  sing N N 230 
MET CG  HG3  sing N N 231 
MET SD  CE   sing N N 232 
MET CE  HE1  sing N N 233 
MET CE  HE2  sing N N 234 
MET CE  HE3  sing N N 235 
MET OXT HXT  sing N N 236 
NO3 N   O1   doub N N 237 
NO3 N   O2   sing N N 238 
NO3 N   O3   sing N N 239 
PHE N   CA   sing N N 240 
PHE N   H    sing N N 241 
PHE N   H2   sing N N 242 
PHE CA  C    sing N N 243 
PHE CA  CB   sing N N 244 
PHE CA  HA   sing N N 245 
PHE C   O    doub N N 246 
PHE C   OXT  sing N N 247 
PHE CB  CG   sing N N 248 
PHE CB  HB2  sing N N 249 
PHE CB  HB3  sing N N 250 
PHE CG  CD1  doub Y N 251 
PHE CG  CD2  sing Y N 252 
PHE CD1 CE1  sing Y N 253 
PHE CD1 HD1  sing N N 254 
PHE CD2 CE2  doub Y N 255 
PHE CD2 HD2  sing N N 256 
PHE CE1 CZ   doub Y N 257 
PHE CE1 HE1  sing N N 258 
PHE CE2 CZ   sing Y N 259 
PHE CE2 HE2  sing N N 260 
PHE CZ  HZ   sing N N 261 
PHE OXT HXT  sing N N 262 
PRO N   CA   sing N N 263 
PRO N   CD   sing N N 264 
PRO N   H    sing N N 265 
PRO CA  C    sing N N 266 
PRO CA  CB   sing N N 267 
PRO CA  HA   sing N N 268 
PRO C   O    doub N N 269 
PRO C   OXT  sing N N 270 
PRO CB  CG   sing N N 271 
PRO CB  HB2  sing N N 272 
PRO CB  HB3  sing N N 273 
PRO CG  CD   sing N N 274 
PRO CG  HG2  sing N N 275 
PRO CG  HG3  sing N N 276 
PRO CD  HD2  sing N N 277 
PRO CD  HD3  sing N N 278 
PRO OXT HXT  sing N N 279 
SER N   CA   sing N N 280 
SER N   H    sing N N 281 
SER N   H2   sing N N 282 
SER CA  C    sing N N 283 
SER CA  CB   sing N N 284 
SER CA  HA   sing N N 285 
SER C   O    doub N N 286 
SER C   OXT  sing N N 287 
SER CB  OG   sing N N 288 
SER CB  HB2  sing N N 289 
SER CB  HB3  sing N N 290 
SER OG  HG   sing N N 291 
SER OXT HXT  sing N N 292 
THR N   CA   sing N N 293 
THR N   H    sing N N 294 
THR N   H2   sing N N 295 
THR CA  C    sing N N 296 
THR CA  CB   sing N N 297 
THR CA  HA   sing N N 298 
THR C   O    doub N N 299 
THR C   OXT  sing N N 300 
THR CB  OG1  sing N N 301 
THR CB  CG2  sing N N 302 
THR CB  HB   sing N N 303 
THR OG1 HG1  sing N N 304 
THR CG2 HG21 sing N N 305 
THR CG2 HG22 sing N N 306 
THR CG2 HG23 sing N N 307 
THR OXT HXT  sing N N 308 
TRP N   CA   sing N N 309 
TRP N   H    sing N N 310 
TRP N   H2   sing N N 311 
TRP CA  C    sing N N 312 
TRP CA  CB   sing N N 313 
TRP CA  HA   sing N N 314 
TRP C   O    doub N N 315 
TRP C   OXT  sing N N 316 
TRP CB  CG   sing N N 317 
TRP CB  HB2  sing N N 318 
TRP CB  HB3  sing N N 319 
TRP CG  CD1  doub Y N 320 
TRP CG  CD2  sing Y N 321 
TRP CD1 NE1  sing Y N 322 
TRP CD1 HD1  sing N N 323 
TRP CD2 CE2  doub Y N 324 
TRP CD2 CE3  sing Y N 325 
TRP NE1 CE2  sing Y N 326 
TRP NE1 HE1  sing N N 327 
TRP CE2 CZ2  sing Y N 328 
TRP CE3 CZ3  doub Y N 329 
TRP CE3 HE3  sing N N 330 
TRP CZ2 CH2  doub Y N 331 
TRP CZ2 HZ2  sing N N 332 
TRP CZ3 CH2  sing Y N 333 
TRP CZ3 HZ3  sing N N 334 
TRP CH2 HH2  sing N N 335 
TRP OXT HXT  sing N N 336 
TYR N   CA   sing N N 337 
TYR N   H    sing N N 338 
TYR N   H2   sing N N 339 
TYR CA  C    sing N N 340 
TYR CA  CB   sing N N 341 
TYR CA  HA   sing N N 342 
TYR C   O    doub N N 343 
TYR C   OXT  sing N N 344 
TYR CB  CG   sing N N 345 
TYR CB  HB2  sing N N 346 
TYR CB  HB3  sing N N 347 
TYR CG  CD1  doub Y N 348 
TYR CG  CD2  sing Y N 349 
TYR CD1 CE1  sing Y N 350 
TYR CD1 HD1  sing N N 351 
TYR CD2 CE2  doub Y N 352 
TYR CD2 HD2  sing N N 353 
TYR CE1 CZ   doub Y N 354 
TYR CE1 HE1  sing N N 355 
TYR CE2 CZ   sing Y N 356 
TYR CE2 HE2  sing N N 357 
TYR CZ  OH   sing N N 358 
TYR OH  HH   sing N N 359 
TYR OXT HXT  sing N N 360 
VAL N   CA   sing N N 361 
VAL N   H    sing N N 362 
VAL N   H2   sing N N 363 
VAL CA  C    sing N N 364 
VAL CA  CB   sing N N 365 
VAL CA  HA   sing N N 366 
VAL C   O    doub N N 367 
VAL C   OXT  sing N N 368 
VAL CB  CG1  sing N N 369 
VAL CB  CG2  sing N N 370 
VAL CB  HB   sing N N 371 
VAL CG1 HG11 sing N N 372 
VAL CG1 HG12 sing N N 373 
VAL CG1 HG13 sing N N 374 
VAL CG2 HG21 sing N N 375 
VAL CG2 HG22 sing N N 376 
VAL CG2 HG23 sing N N 377 
VAL OXT HXT  sing N N 378 
YWR C22 O7   sing N N 379 
YWR O7  C18  sing N N 380 
YWR C19 C18  doub Y N 381 
YWR C19 C20  sing Y N 382 
YWR C18 C17  sing Y N 383 
YWR C20 C15  doub Y N 384 
YWR C17 C16  doub Y N 385 
YWR C15 C16  sing Y N 386 
YWR C15 N2   sing N N 387 
YWR C10 C9   doub Y N 388 
YWR C10 C11  sing Y N 389 
YWR C9  C8   sing Y N 390 
YWR O8  C11  sing N N 391 
YWR O8  C23  sing N N 392 
YWR C7  N2   sing N N 393 
YWR C7  N1   sing N N 394 
YWR C11 C12  doub Y N 395 
YWR O9  C1   doub N N 396 
YWR N2  RU2  sing N N 397 
YWR C8  N1   sing N N 398 
YWR C8  C13  doub Y N 399 
YWR O2  C1   sing N N 400 
YWR O2  RU2  sing N N 401 
YWR C1  O1   sing N N 402 
YWR N1  RU1  sing N N 403 
YWR C12 C13  sing Y N 404 
YWR O1  RU1  sing N N 405 
YWR RU2 RU1  sing N N 406 
YWR RU2 O6   sing N N 407 
YWR RU2 O4   sing N N 408 
YWR RU1 O5   sing N N 409 
YWR RU1 O3   sing N N 410 
YWR O6  C5   sing N N 411 
YWR O4  C3   sing N N 412 
YWR O5  C5   sing N N 413 
YWR C5  O11  doub N N 414 
YWR O3  C3   sing N N 415 
YWR C3  O10  doub N N 416 
YWR C7  H1   sing N N 417 
YWR C7  H2   sing N N 418 
YWR C23 H3   sing N N 419 
YWR C23 H4   sing N N 420 
YWR C23 H5   sing N N 421 
YWR C20 H6   sing N N 422 
YWR C9  H7   sing N N 423 
YWR C10 H8   sing N N 424 
YWR C13 H9   sing N N 425 
YWR C16 H10  sing N N 426 
YWR C17 H11  sing N N 427 
YWR C22 H12  sing N N 428 
YWR C22 H13  sing N N 429 
YWR C22 H14  sing N N 430 
YWR C12 H15  sing N N 431 
YWR C19 H16  sing N N 432 
# 
_pdbx_audit_support.funding_organization   'Not funded' 
_pdbx_audit_support.country                ? 
_pdbx_audit_support.grant_number           ? 
_pdbx_audit_support.ordinal                1 
# 
_pdbx_initial_refinement_model.id               1 
_pdbx_initial_refinement_model.entity_id_list   ? 
_pdbx_initial_refinement_model.type             'experimental model' 
_pdbx_initial_refinement_model.source_name      PDB 
_pdbx_initial_refinement_model.accession_code   193L 
_pdbx_initial_refinement_model.details          ? 
# 
_atom_sites.entry_id                    8PFW 
_atom_sites.Cartn_transf_matrix[1][1]   ? 
_atom_sites.Cartn_transf_matrix[1][2]   ? 
_atom_sites.Cartn_transf_matrix[1][3]   ? 
_atom_sites.Cartn_transf_matrix[2][1]   ? 
_atom_sites.Cartn_transf_matrix[2][2]   ? 
_atom_sites.Cartn_transf_matrix[2][3]   ? 
_atom_sites.Cartn_transf_matrix[3][1]   ? 
_atom_sites.Cartn_transf_matrix[3][2]   ? 
_atom_sites.Cartn_transf_matrix[3][3]   ? 
_atom_sites.Cartn_transf_vector[1]      ? 
_atom_sites.Cartn_transf_vector[2]      ? 
_atom_sites.Cartn_transf_vector[3]      ? 
_atom_sites.fract_transf_matrix[1][1]   -0.01027388 
_atom_sites.fract_transf_matrix[1][2]   -0.00120975 
_atom_sites.fract_transf_matrix[1][3]   -0.00762613 
_atom_sites.fract_transf_matrix[2][1]   -0.00660757 
_atom_sites.fract_transf_matrix[2][2]   0.00794505 
_atom_sites.fract_transf_matrix[2][3]   0.00764134 
_atom_sites.fract_transf_matrix[3][1]   0.00831392 
_atom_sites.fract_transf_matrix[3][2]   0.02087094 
_atom_sites.fract_transf_matrix[3][3]   -0.01451129 
_atom_sites.fract_transf_vector[1]      -0.254904 
_atom_sites.fract_transf_vector[2]      -0.014324 
_atom_sites.fract_transf_vector[3]      -0.232171 
_atom_sites.solution_primary            ? 
_atom_sites.solution_secondary          ? 
_atom_sites.solution_hydrogens          ? 
_atom_sites.special_details             ? 
# 
loop_
_atom_type.symbol 
_atom_type.pdbx_scat_Z 
_atom_type.pdbx_N_electrons 
_atom_type.scat_Cromer_Mann_a1 
_atom_type.scat_Cromer_Mann_b1 
_atom_type.scat_Cromer_Mann_a2 
_atom_type.scat_Cromer_Mann_b2 
_atom_type.scat_Cromer_Mann_a3 
_atom_type.scat_Cromer_Mann_b3 
_atom_type.scat_Cromer_Mann_a4 
_atom_type.scat_Cromer_Mann_b4 
_atom_type.scat_Cromer_Mann_c 
C  6  6  2.3103  20.8439 1.0201  10.2075 1.5888 0.5687  0.8651 51.6512  0.2156   
CL 17 17 11.4601 0.0104  7.1962  1.1662  6.2554 18.5194 1.6455 47.7784  -9.3378  
H  1  1  0.4930  10.5109 0.3229  26.1257 0.1402 3.1424  0.0408 57.7997  0.0030   
N  7  7  12.2220 0.0057  3.1346  9.8933  2.0141 28.9975 1.1672 0.5826   -11.5379 
NA 11 11 4.7659  3.2850  3.1758  8.8422  1.2683 0.3136  1.1136 129.4240 0.7359   
O  8  8  3.0487  13.2771 2.2870  5.7011  1.5464 0.3239  0.8671 32.9089  0.2508   
RU 44 44 19.2695 0.8085  12.9196 8.4347  4.8639 24.7997 1.5677 94.2928  4.6902   
S  16 16 6.9054  1.4679  5.2035  22.2151 1.4379 0.2536  1.5863 56.1720  1.0555   
# 
loop_
_atom_site.group_PDB 
_atom_site.id 
_atom_site.type_symbol 
_atom_site.label_atom_id 
_atom_site.label_alt_id 
_atom_site.label_comp_id 
_atom_site.label_asym_id 
_atom_site.label_entity_id 
_atom_site.label_seq_id 
_atom_site.pdbx_PDB_ins_code 
_atom_site.Cartn_x 
_atom_site.Cartn_y 
_atom_site.Cartn_z 
_atom_site.occupancy 
_atom_site.B_iso_or_equiv 
_atom_site.pdbx_formal_charge 
_atom_site.auth_seq_id 
_atom_site.auth_comp_id 
_atom_site.auth_asym_id 
_atom_site.auth_atom_id 
_atom_site.pdbx_PDB_model_num 
_atom_site.calc_flag 
ATOM   1    N  N   . LYS A 1 1   ? -13.049 -5.991  0.890   1.000 19.578 0 1   LYS A N   1 ? 
ATOM   2    C  CA  . LYS A 1 1   ? -12.568 -7.379  1.086   1.000 19.838 0 1   LYS A CA  1 ? 
ATOM   3    C  C   . LYS A 1 1   ? -11.485 -7.335  2.150   1.000 16.720 0 1   LYS A C   1 ? 
ATOM   4    O  O   . LYS A 1 1   ? -10.555 -6.501  2.066   1.000 17.055 0 1   LYS A O   1 ? 
ATOM   5    C  CB  . LYS A 1 1   ? -11.994 -7.947  -0.217  1.000 21.064 0 1   LYS A CB  1 ? 
ATOM   6    C  CG  . LYS A 1 1   ? -11.316 -9.309  -0.097  1.000 22.526 0 1   LYS A CG  1 ? 
ATOM   7    C  CD  A LYS A 1 1   ? -10.957 -9.897  -1.444  0.450 24.030 0 1   LYS A CD  1 ? 
ATOM   8    C  CD  B LYS A 1 1   ? -10.942 -9.917  -1.430  0.550 24.357 0 1   LYS A CD  1 ? 
ATOM   9    C  CE  A LYS A 1 1   ? -10.175 -11.192 -1.355  0.450 24.826 0 1   LYS A CE  1 ? 
ATOM   10   C  CE  B LYS A 1 1   ? -10.172 -11.219 -1.312  0.550 25.220 0 1   LYS A CE  1 ? 
ATOM   11   N  NZ  A LYS A 1 1   ? -9.986  -11.814 -2.690  0.450 25.236 0 1   LYS A NZ  1 ? 
ATOM   12   N  NZ  B LYS A 1 1   ? -11.060 -12.410 -1.280  0.550 25.650 0 1   LYS A NZ  1 ? 
ATOM   13   N  N   . VAL A 1 2   ? -11.630 -8.167  3.165   1.000 17.383 0 2   VAL A N   1 ? 
ATOM   14   C  CA  . VAL A 1 2   ? -10.572 -8.373  4.135   1.000 17.333 0 2   VAL A CA  1 ? 
ATOM   15   C  C   . VAL A 1 2   ? -9.772  -9.615  3.728   1.000 16.567 0 2   VAL A C   1 ? 
ATOM   16   O  O   . VAL A 1 2   ? -10.258 -10.754 3.843   1.000 19.627 0 2   VAL A O   1 ? 
ATOM   17   C  CB  . VAL A 1 2   ? -11.094 -8.453  5.582   1.000 19.587 0 2   VAL A CB  1 ? 
ATOM   18   C  CG1 . VAL A 1 2   ? -10.004 -8.702  6.605   1.000 21.271 0 2   VAL A CG1 1 ? 
ATOM   19   C  CG2 . VAL A 1 2   ? -11.858 -7.180  5.946   1.000 19.317 0 2   VAL A CG2 1 ? 
ATOM   20   N  N   . PHE A 1 3   ? -8.526  -9.416  3.302   1.000 15.953 0 3   PHE A N   1 ? 
ATOM   21   C  CA  . PHE A 1 3   ? -7.649  -10.514 2.916   1.000 16.336 0 3   PHE A CA  1 ? 
ATOM   22   C  C   . PHE A 1 3   ? -7.063  -11.198 4.141   1.000 15.503 0 3   PHE A C   1 ? 
ATOM   23   O  O   . PHE A 1 3   ? -6.831  -10.630 5.171   1.000 17.304 0 3   PHE A O   1 ? 
ATOM   24   C  CB  . PHE A 1 3   ? -6.458  -10.041 2.083   1.000 16.581 0 3   PHE A CB  1 ? 
ATOM   25   C  CG  . PHE A 1 3   ? -6.711  -9.727  0.644   1.000 15.947 0 3   PHE A CG  1 ? 
ATOM   26   C  CD1 . PHE A 1 3   ? -7.319  -8.539  0.241   1.000 17.171 0 3   PHE A CD1 1 ? 
ATOM   27   C  CD2 . PHE A 1 3   ? -6.302  -10.611 -0.345  1.000 17.639 0 3   PHE A CD2 1 ? 
ATOM   28   C  CE1 . PHE A 1 3   ? -7.519  -8.266  -1.107  1.000 19.104 0 3   PHE A CE1 1 ? 
ATOM   29   C  CE2 . PHE A 1 3   ? -6.515  -10.344 -1.687  1.000 18.858 0 3   PHE A CE2 1 ? 
ATOM   30   C  CZ  . PHE A 1 3   ? -7.101  -9.166  -2.089  1.000 19.079 0 3   PHE A CZ  1 ? 
ATOM   31   N  N   . GLY A 1 4   ? -6.852  -12.529 3.988   1.000 19.261 0 4   GLY A N   1 ? 
ATOM   32   C  CA  . GLY A 1 4   ? -5.880  -13.249 4.779   1.000 20.811 0 4   GLY A CA  1 ? 
ATOM   33   C  C   . GLY A 1 4   ? -4.458  -12.896 4.346   1.000 18.276 0 4   GLY A C   1 ? 
ATOM   34   O  O   . GLY A 1 4   ? -4.187  -12.480 3.228   1.000 17.986 0 4   GLY A O   1 ? 
ATOM   35   N  N   . ARG A 1 5   ? -3.555  -13.119 5.274   1.000 23.217 0 5   ARG A N   1 ? 
ATOM   36   C  CA  . ARG A 1 5   ? -2.149  -12.864 5.100   1.000 24.072 0 5   ARG A CA  1 ? 
ATOM   37   C  C   . ARG A 1 5   ? -1.597  -13.558 3.849   1.000 20.170 0 5   ARG A C   1 ? 
ATOM   38   O  O   . ARG A 1 5   ? -0.976  -12.942 3.015   1.000 19.890 0 5   ARG A O   1 ? 
ATOM   39   C  CB  . ARG A 1 5   ? -1.560  -13.312 6.436   1.000 27.401 0 5   ARG A CB  1 ? 
ATOM   40   C  CG  . ARG A 1 5   ? -0.056  -13.237 6.546   1.000 26.980 0 5   ARG A CG  1 ? 
ATOM   41   C  CD  . ARG A 1 5   ? 0.355   -13.767 7.914   1.000 25.495 0 5   ARG A CD  1 ? 
ATOM   42   N  NE  . ARG A 1 5   ? 0.127   -15.187 8.176   1.000 26.007 0 5   ARG A NE  1 ? 
ATOM   43   C  CZ  . ARG A 1 5   ? 0.975   -16.168 7.873   1.000 25.442 0 5   ARG A CZ  1 ? 
ATOM   44   N  NH1 . ARG A 1 5   ? 2.062   -15.916 7.169   1.000 24.173 0 5   ARG A NH1 1 ? 
ATOM   45   N  NH2 . ARG A 1 5   ? 0.718   -17.411 8.243   1.000 29.031 0 5   ARG A NH2 1 ? 
ATOM   46   N  N   . CYS A 1 6   ? -1.819  -14.882 3.703   1.000 19.811 0 6   CYS A N   1 ? 
ATOM   47   C  CA  . CYS A 1 6   ? -1.243  -15.624 2.590   1.000 18.498 0 6   CYS A CA  1 ? 
ATOM   48   C  C   . CYS A 1 6   ? -1.938  -15.333 1.282   1.000 17.516 0 6   CYS A C   1 ? 
ATOM   49   O  O   . CYS A 1 6   ? -1.314  -15.308 0.261   1.000 19.095 0 6   CYS A O   1 ? 
ATOM   50   C  CB  . CYS A 1 6   ? -1.282  -17.128 2.826   1.000 18.868 0 6   CYS A CB  1 ? 
ATOM   51   S  SG  . CYS A 1 6   ? -0.227  -17.676 4.197   1.000 21.913 0 6   CYS A SG  1 ? 
ATOM   52   N  N   . GLU A 1 7   ? -3.250  -15.048 1.338   1.000 17.178 0 7   GLU A N   1 ? 
ATOM   53   C  CA  . GLU A 1 7   ? -4.010  -14.637 0.179   1.000 18.547 0 7   GLU A CA  1 ? 
ATOM   54   C  C   . GLU A 1 7   ? -3.459  -13.318 -0.365  1.000 14.178 0 7   GLU A C   1 ? 
ATOM   55   O  O   . GLU A 1 7   ? -3.225  -13.147 -1.541  1.000 16.698 0 7   GLU A O   1 ? 
ATOM   56   C  CB  . GLU A 1 7   ? -5.458  -14.436 0.625   1.000 20.538 0 7   GLU A CB  1 ? 
ATOM   57   C  CG  . GLU A 1 7   ? -6.445  -14.243 -0.492  1.000 24.194 0 7   GLU A CG  1 ? 
ATOM   58   C  CD  . GLU A 1 7   ? -7.837  -13.913 0.028   1.000 26.541 0 7   GLU A CD  1 ? 
ATOM   59   O  OE1 . GLU A 1 7   ? -7.985  -13.674 1.274   1.000 26.724 0 7   GLU A OE1 1 ? 
ATOM   60   O  OE2 . GLU A 1 7   ? -8.773  -13.942 -0.797  1.000 33.924 0 7   GLU A OE2 1 ? 
ATOM   61   N  N   . LEU A 1 8   ? -3.174  -12.370 0.573   1.000 15.768 0 8   LEU A N   1 ? 
ATOM   62   C  CA  . LEU A 1 8   ? -2.638  -11.090 0.119   1.000 14.809 0 8   LEU A CA  1 ? 
ATOM   63   C  C   . LEU A 1 8   ? -1.205  -11.261 -0.401  1.000 14.156 0 8   LEU A C   1 ? 
ATOM   64   O  O   . LEU A 1 8   ? -0.860  -10.698 -1.416  1.000 15.582 0 8   LEU A O   1 ? 
ATOM   65   C  CB  . LEU A 1 8   ? -2.651  -10.057 1.247   1.000 13.976 0 8   LEU A CB  1 ? 
ATOM   66   C  CG  . LEU A 1 8   ? -2.206  -8.661  0.844   1.000 15.185 0 8   LEU A CG  1 ? 
ATOM   67   C  CD1 . LEU A 1 8   ? -3.079  -8.061  -0.212  1.000 16.073 0 8   LEU A CD1 1 ? 
ATOM   68   C  CD2 . LEU A 1 8   ? -2.181  -7.753  2.072   1.000 16.576 0 8   LEU A CD2 1 ? 
ATOM   69   N  N   . ALA A 1 9   ? -0.406  -12.079 0.301   1.000 15.089 0 9   ALA A N   1 ? 
ATOM   70   C  CA  . ALA A 1 9   ? 0.967   -12.345 -0.111  1.000 17.840 0 9   ALA A CA  1 ? 
ATOM   71   C  C   . ALA A 1 9   ? 0.989   -12.901 -1.539  1.000 16.037 0 9   ALA A C   1 ? 
ATOM   72   O  O   . ALA A 1 9   ? 1.750   -12.466 -2.392  1.000 17.844 0 9   ALA A O   1 ? 
ATOM   73   C  CB  . ALA A 1 9   ? 1.629   -13.289 0.877   1.000 18.072 0 9   ALA A CB  1 ? 
ATOM   74   N  N   . ALA A 1 10  ? 0.056   -13.823 -1.848  1.000 17.365 0 10  ALA A N   1 ? 
ATOM   75   C  CA  . ALA A 1 10  ? -0.017  -14.432 -3.166  1.000 19.253 0 10  ALA A CA  1 ? 
ATOM   76   C  C   . ALA A 1 10  ? -0.402  -13.412 -4.235  1.000 16.270 0 10  ALA A C   1 ? 
ATOM   77   O  O   . ALA A 1 10  ? 0.137   -13.352 -5.315  1.000 18.791 0 10  ALA A O   1 ? 
ATOM   78   C  CB  . ALA A 1 10  ? -0.993  -15.597 -3.130  1.000 19.366 0 10  ALA A CB  1 ? 
ATOM   79   N  N   . ALA A 1 11  ? -1.385  -12.550 -3.916  1.000 16.650 0 11  ALA A N   1 ? 
ATOM   80   C  CA  . ALA A 1 11  ? -1.862  -11.542 -4.850  1.000 17.042 0 11  ALA A CA  1 ? 
ATOM   81   C  C   . ALA A 1 11  ? -0.772  -10.506 -5.143  1.000 14.910 0 11  ALA A C   1 ? 
ATOM   82   O  O   . ALA A 1 11  ? -0.529  -10.121 -6.247  1.000 17.910 0 11  ALA A O   1 ? 
ATOM   83   C  CB  . ALA A 1 11  ? -3.118  -10.890 -4.323  1.000 19.003 0 11  ALA A CB  1 ? 
ATOM   84   N  N   . MET A 1 12  ? -0.091  -10.076 -4.073  1.000 15.065 0 12  MET A N   1 ? 
ATOM   85   C  CA  . MET A 1 12  ? 1.011   -9.117  -4.193  1.000 16.371 0 12  MET A CA  1 ? 
ATOM   86   C  C   . MET A 1 12  ? 2.159   -9.691  -5.025  1.000 15.928 0 12  MET A C   1 ? 
ATOM   87   O  O   . MET A 1 12  ? 2.718   -8.986  -5.845  1.000 17.828 0 12  MET A O   1 ? 
ATOM   88   C  CB  . MET A 1 12  ? 1.507   -8.714  -2.803  1.000 14.919 0 12  MET A CB  1 ? 
ATOM   89   C  CG  . MET A 1 12  ? 0.552   -7.748  -2.090  1.000 14.807 0 12  MET A CG  1 ? 
ATOM   90   S  SD  . MET A 1 12  ? 1.239   -7.312  -0.482  1.000 14.864 0 12  MET A SD  1 ? 
ATOM   91   C  CE  . MET A 1 12  ? 0.501   -5.713  -0.240  1.000 15.535 0 12  MET A CE  1 ? 
ATOM   92   N  N   . LYS A 1 13  ? 2.449   -10.977 -4.832  1.000 16.871 0 13  LYS A N   1 ? 
ATOM   93   C  CA  . LYS A 1 13  ? 3.498   -11.626 -5.604  1.000 18.047 0 13  LYS A CA  1 ? 
ATOM   94   C  C   . LYS A 1 13  ? 3.100   -11.729 -7.074  1.000 17.339 0 13  LYS A C   1 ? 
ATOM   95   O  O   . LYS A 1 13  ? 3.878   -11.427 -7.963  1.000 20.161 0 13  LYS A O   1 ? 
ATOM   96   C  CB  . LYS A 1 13  ? 3.749   -13.021 -5.049  1.000 18.337 0 13  LYS A CB  1 ? 
ATOM   97   C  CG  . LYS A 1 13  ? 5.001   -13.687 -5.609  1.000 22.558 0 13  LYS A CG  1 ? 
ATOM   98   C  CD  . LYS A 1 13  ? 5.234   -15.043 -5.000  1.000 24.872 0 13  LYS A CD  1 ? 
ATOM   99   C  CE  . LYS A 1 13  ? 6.689   -15.332 -4.684  1.000 31.794 0 13  LYS A CE  1 ? 
ATOM   100  N  NZ  . LYS A 1 13  ? 7.590   -15.033 -5.814  1.000 34.576 0 13  LYS A NZ  1 ? 
ATOM   101  N  N   . ARG A 1 14  ? 1.845   -12.114 -7.326  1.000 17.716 0 14  ARG A N   1 ? 
ATOM   102  C  CA  . ARG A 1 14  ? 1.355   -12.231 -8.689  1.000 20.707 0 14  ARG A CA  1 ? 
ATOM   103  C  C   . ARG A 1 14  ? 1.456   -10.893 -9.417  1.000 20.999 0 14  ARG A C   1 ? 
ATOM   104  O  O   . ARG A 1 14  ? 1.753   -10.843 -10.599 1.000 22.978 0 14  ARG A O   1 ? 
ATOM   105  C  CB  . ARG A 1 14  ? -0.078  -12.757 -8.674  1.000 21.897 0 14  ARG A CB  1 ? 
ATOM   106  C  CG  . ARG A 1 14  ? -0.604  -13.043 -10.067 1.000 26.535 0 14  ARG A CG  1 ? 
ATOM   107  C  CD  . ARG A 1 14  ? -2.105  -13.061 -10.216 1.000 29.060 0 14  ARG A CD  1 ? 
ATOM   108  N  NE  . ARG A 1 14  ? -2.825  -13.163 -8.959  1.000 27.222 0 14  ARG A NE  1 ? 
ATOM   109  C  CZ  . ARG A 1 14  ? -3.829  -12.360 -8.596  1.000 27.821 0 14  ARG A CZ  1 ? 
ATOM   110  N  NH1 . ARG A 1 14  ? -4.312  -11.463 -9.436  1.000 31.888 0 14  ARG A NH1 1 ? 
ATOM   111  N  NH2 . ARG A 1 14  ? -4.369  -12.485 -7.398  1.000 30.574 0 14  ARG A NH2 1 ? 
ATOM   112  N  N   . HIS A 1 15  ? 1.239   -9.792  -8.683  1.000 19.980 0 15  HIS A N   1 ? 
ATOM   113  C  CA  . HIS A 1 15  ? 1.277   -8.453  -9.259  1.000 21.166 0 15  HIS A CA  1 ? 
ATOM   114  C  C   . HIS A 1 15  ? 2.673   -7.806  -9.242  1.000 21.498 0 15  HIS A C   1 ? 
ATOM   115  O  O   . HIS A 1 15  ? 2.811   -6.625  -9.568  1.000 24.209 0 15  HIS A O   1 ? 
ATOM   116  C  CB  . HIS A 1 15  ? 0.288   -7.523  -8.537  1.000 20.410 0 15  HIS A CB  1 ? 
ATOM   117  C  CG  . HIS A 1 15  ? -1.112  -7.768  -8.964  1.000 22.411 0 15  HIS A CG  1 ? 
ATOM   118  N  ND1 . HIS A 1 15  ? -2.116  -8.338  -8.224  1.000 25.373 0 15  HIS A ND1 1 ? 
ATOM   119  C  CD2 . HIS A 1 15  ? -1.610  -7.555  -10.183 1.000 25.214 0 15  HIS A CD2 1 ? 
ATOM   120  C  CE1 . HIS A 1 15  ? -3.211  -8.388  -8.973  1.000 23.748 0 15  HIS A CE1 1 ? 
ATOM   121  N  NE2 . HIS A 1 15  ? -2.918  -7.955  -10.169 1.000 30.128 0 15  HIS A NE2 1 ? 
ATOM   122  N  N   . GLY A 1 16  ? 3.715   -8.567  -8.890  1.000 21.234 0 16  GLY A N   1 ? 
ATOM   123  C  CA  . GLY A 1 16  ? 5.085   -8.117  -9.106  1.000 21.801 0 16  GLY A CA  1 ? 
ATOM   124  C  C   . GLY A 1 16  ? 5.737   -7.329  -7.964  1.000 19.796 0 16  GLY A C   1 ? 
ATOM   125  O  O   . GLY A 1 16  ? 6.747   -6.675  -8.206  1.000 21.663 0 16  GLY A O   1 ? 
ATOM   126  N  N   . LEU A 1 17  ? 5.215   -7.432  -6.730  1.000 20.710 0 17  LEU A N   1 ? 
ATOM   127  C  CA  . LEU A 1 17  ? 5.784   -6.678  -5.615  1.000 18.811 0 17  LEU A CA  1 ? 
ATOM   128  C  C   . LEU A 1 17  ? 6.945   -7.413  -4.961  1.000 19.547 0 17  LEU A C   1 ? 
ATOM   129  O  O   . LEU A 1 17  ? 7.722   -6.735  -4.287  1.000 18.982 0 17  LEU A O   1 ? 
ATOM   130  C  CB  . LEU A 1 17  ? 4.745   -6.336  -4.536  1.000 17.300 0 17  LEU A CB  1 ? 
ATOM   131  C  CG  . LEU A 1 17  ? 3.787   -5.206  -4.890  1.000 18.511 0 17  LEU A CG  1 ? 
ATOM   132  C  CD1 . LEU A 1 17  ? 2.803   -4.982  -3.748  1.000 17.882 0 17  LEU A CD1 1 ? 
ATOM   133  C  CD2 . LEU A 1 17  ? 4.494   -3.886  -5.232  1.000 19.258 0 17  LEU A CD2 1 ? 
ATOM   134  N  N   . ASP A 1 18  ? 7.090   -8.743  -5.095  1.000 20.722 0 18  ASP A N   1 ? 
ATOM   135  C  CA  . ASP A 1 18  ? 8.184   -9.404  -4.412  1.000 20.528 0 18  ASP A CA  1 ? 
ATOM   136  C  C   . ASP A 1 18  ? 9.495   -8.910  -5.018  1.000 19.857 0 18  ASP A C   1 ? 
ATOM   137  O  O   . ASP A 1 18  ? 9.792   -9.069  -6.217  1.000 22.934 0 18  ASP A O   1 ? 
ATOM   138  C  CB  . ASP A 1 18  ? 8.076   -10.922 -4.461  1.000 22.195 0 18  ASP A CB  1 ? 
ATOM   139  C  CG  . ASP A 1 18  ? 9.103   -11.668 -3.612  1.000 26.892 0 18  ASP A CG  1 ? 
ATOM   140  O  OD1 . ASP A 1 18  ? 9.709   -11.067 -2.650  1.000 24.892 0 18  ASP A OD1 1 ? 
ATOM   141  O  OD2 . ASP A 1 18  ? 9.274   -12.882 -3.877  1.000 32.793 0 18  ASP A OD2 1 ? 
ATOM   142  N  N   . ASN A 1 19  ? 10.263  -8.251  -4.159  1.000 18.072 0 19  ASN A N   1 ? 
ATOM   143  C  CA  . ASN A 1 19  ? 11.553  -7.678  -4.486  1.000 18.619 0 19  ASN A CA  1 ? 
ATOM   144  C  C   . ASN A 1 19  ? 11.424  -6.470  -5.388  1.000 16.692 0 19  ASN A C   1 ? 
ATOM   145  O  O   . ASN A 1 19  ? 12.426  -6.028  -5.917  1.000 17.334 0 19  ASN A O   1 ? 
ATOM   146  C  CB  . ASN A 1 19  ? 12.504  -8.714  -5.101  1.000 22.821 0 19  ASN A CB  1 ? 
ATOM   147  C  CG  . ASN A 1 19  ? 12.597  -9.936  -4.218  1.000 27.700 0 19  ASN A CG  1 ? 
ATOM   148  O  OD1 . ASN A 1 19  ? 12.898  -9.808  -3.036  1.000 31.434 0 19  ASN A OD1 1 ? 
ATOM   149  N  ND2 . ASN A 1 19  ? 12.285  -11.111 -4.748  1.000 32.727 0 19  ASN A ND2 1 ? 
ATOM   150  N  N   . TYR A 1 20  ? 10.247  -5.849  -5.484  1.000 15.825 0 20  TYR A N   1 ? 
ATOM   151  C  CA  . TYR A 1 20  ? 10.100  -4.651  -6.264  1.000 16.064 0 20  TYR A CA  1 ? 
ATOM   152  C  C   . TYR A 1 20  ? 10.882  -3.524  -5.585  1.000 15.973 0 20  TYR A C   1 ? 
ATOM   153  O  O   . TYR A 1 20  ? 10.716  -3.278  -4.379  1.000 15.986 0 20  TYR A O   1 ? 
ATOM   154  C  CB  . TYR A 1 20  ? 8.630   -4.276  -6.454  1.000 17.390 0 20  TYR A CB  1 ? 
ATOM   155  C  CG  . TYR A 1 20  ? 8.463   -3.190  -7.465  1.000 17.762 0 20  TYR A CG  1 ? 
ATOM   156  C  CD1 . TYR A 1 20  ? 8.330   -3.479  -8.812  1.000 20.884 0 20  TYR A CD1 1 ? 
ATOM   157  C  CD2 . TYR A 1 20  ? 8.484   -1.859  -7.088  1.000 18.870 0 20  TYR A CD2 1 ? 
ATOM   158  C  CE1 . TYR A 1 20  ? 8.232   -2.477  -9.758  1.000 22.465 0 20  TYR A CE1 1 ? 
ATOM   159  C  CE2 . TYR A 1 20  ? 8.394   -0.845  -8.019  1.000 21.569 0 20  TYR A CE2 1 ? 
ATOM   160  C  CZ  . TYR A 1 20  ? 8.238   -1.156  -9.362  1.000 21.708 0 20  TYR A CZ  1 ? 
ATOM   161  O  OH  . TYR A 1 20  ? 8.123   -0.192  -10.311 1.000 25.153 0 20  TYR A OH  1 ? 
ATOM   162  N  N   A ARG A 1 21  ? 11.741  -2.859  -6.372  0.500 18.010 0 21  ARG A N   1 ? 
ATOM   163  N  N   B ARG A 1 21  ? 11.735  -2.847  -6.373  0.500 18.939 0 21  ARG A N   1 ? 
ATOM   164  C  CA  A ARG A 1 21  ? 12.674  -1.862  -5.862  0.500 18.566 0 21  ARG A CA  1 ? 
ATOM   165  C  CA  B ARG A 1 21  ? 12.709  -1.880  -5.873  0.500 20.304 0 21  ARG A CA  1 ? 
ATOM   166  C  C   A ARG A 1 21  ? 13.471  -2.402  -4.670  0.500 16.481 0 21  ARG A C   1 ? 
ATOM   167  C  C   B ARG A 1 21  ? 13.481  -2.410  -4.665  0.500 17.463 0 21  ARG A C   1 ? 
ATOM   168  O  O   A ARG A 1 21  ? 13.889  -1.627  -3.813  0.500 16.625 0 21  ARG A O   1 ? 
ATOM   169  O  O   B ARG A 1 21  ? 13.900  -1.642  -3.803  0.500 17.674 0 21  ARG A O   1 ? 
ATOM   170  C  CB  A ARG A 1 21  ? 11.945  -0.570  -5.482  0.500 20.272 0 21  ARG A CB  1 ? 
ATOM   171  C  CB  B ARG A 1 21  ? 12.064  -0.548  -5.494  0.500 23.693 0 21  ARG A CB  1 ? 
ATOM   172  C  CG  A ARG A 1 21  ? 11.614  0.330   -6.665  0.500 22.446 0 21  ARG A CG  1 ? 
ATOM   173  C  CG  B ARG A 1 21  ? 12.186  0.518   -6.572  0.500 27.459 0 21  ARG A CG  1 ? 
ATOM   174  C  CD  A ARG A 1 21  ? 12.847  0.903   -7.347  0.500 24.769 0 21  ARG A CD  1 ? 
ATOM   175  C  CD  B ARG A 1 21  ? 11.905  1.908   -6.042  0.500 29.305 0 21  ARG A CD  1 ? 
ATOM   176  N  NE  A ARG A 1 21  ? 13.407  2.082   -6.705  0.500 28.562 0 21  ARG A NE  1 ? 
ATOM   177  N  NE  B ARG A 1 21  ? 13.084  2.740   -5.856  0.500 29.023 0 21  ARG A NE  1 ? 
ATOM   178  C  CZ  A ARG A 1 21  ? 13.569  3.254   -7.309  0.500 29.568 0 21  ARG A CZ  1 ? 
ATOM   179  C  CZ  B ARG A 1 21  ? 13.578  3.102   -4.677  0.500 28.787 0 21  ARG A CZ  1 ? 
ATOM   180  N  NH1 A ARG A 1 21  ? 14.026  4.289   -6.628  0.500 31.832 0 21  ARG A NH1 1 ? 
ATOM   181  N  NH1 B ARG A 1 21  ? 14.614  3.920   -4.614  0.500 29.410 0 21  ARG A NH1 1 ? 
ATOM   182  N  NH2 A ARG A 1 21  ? 13.254  3.390   -8.586  0.500 31.132 0 21  ARG A NH2 1 ? 
ATOM   183  N  NH2 B ARG A 1 21  ? 13.039  2.639   -3.568  0.500 30.786 0 21  ARG A NH2 1 ? 
ATOM   184  N  N   . GLY A 1 22  ? 13.667  -3.731  -4.619  1.000 16.754 0 22  GLY A N   1 ? 
ATOM   185  C  CA  . GLY A 1 22  ? 14.471  -4.395  -3.617  1.000 16.848 0 22  GLY A CA  1 ? 
ATOM   186  C  C   . GLY A 1 22  ? 13.752  -4.730  -2.296  1.000 15.581 0 22  GLY A C   1 ? 
ATOM   187  O  O   . GLY A 1 22  ? 14.372  -5.153  -1.346  1.000 15.694 0 22  GLY A O   1 ? 
ATOM   188  N  N   . TYR A 1 23  ? 12.430  -4.534  -2.240  1.000 13.698 0 23  TYR A N   1 ? 
ATOM   189  C  CA  . TYR A 1 23  ? 11.661  -4.810  -1.019  1.000 12.982 0 23  TYR A CA  1 ? 
ATOM   190  C  C   . TYR A 1 23  ? 11.002  -6.189  -1.116  1.000 13.308 0 23  TYR A C   1 ? 
ATOM   191  O  O   . TYR A 1 23  ? 10.129  -6.383  -1.964  1.000 13.185 0 23  TYR A O   1 ? 
ATOM   192  C  CB  . TYR A 1 23  ? 10.595  -3.743  -0.802  1.000 13.183 0 23  TYR A CB  1 ? 
ATOM   193  C  CG  . TYR A 1 23  ? 11.220  -2.438  -0.399  1.000 12.799 0 23  TYR A CG  1 ? 
ATOM   194  C  CD1 . TYR A 1 23  ? 11.499  -2.115  0.917   1.000 12.530 0 23  TYR A CD1 1 ? 
ATOM   195  C  CD2 . TYR A 1 23  ? 11.576  -1.530  -1.351  1.000 12.258 0 23  TYR A CD2 1 ? 
ATOM   196  C  CE1 . TYR A 1 23  ? 12.100  -0.906  1.242   1.000 12.701 0 23  TYR A CE1 1 ? 
ATOM   197  C  CE2 . TYR A 1 23  ? 12.189  -0.329  -1.024  1.000 12.735 0 23  TYR A CE2 1 ? 
ATOM   198  C  CZ  . TYR A 1 23  ? 12.420  -0.002  0.285   1.000 12.879 0 23  TYR A CZ  1 ? 
ATOM   199  O  OH  . TYR A 1 23  ? 13.002  1.184   0.667   1.000 13.796 0 23  TYR A OH  1 ? 
ATOM   200  N  N   . SER A 1 24  ? 11.414  -7.117  -0.268  1.000 13.850 0 24  SER A N   1 ? 
ATOM   201  C  CA  . SER A 1 24  ? 10.882  -8.476  -0.264  1.000 14.713 0 24  SER A CA  1 ? 
ATOM   202  C  C   . SER A 1 24  ? 9.396   -8.452  0.075   1.000 14.210 0 24  SER A C   1 ? 
ATOM   203  O  O   . SER A 1 24  ? 8.854   -7.531  0.733   1.000 14.190 0 24  SER A O   1 ? 
ATOM   204  C  CB  . SER A 1 24  ? 11.621  -9.332  0.713   1.000 16.989 0 24  SER A CB  1 ? 
ATOM   205  O  OG  . SER A 1 24  ? 11.384  -8.872  2.024   1.000 17.542 0 24  SER A OG  1 ? 
ATOM   206  N  N   . LEU A 1 25  ? 8.710   -9.533  -0.300  1.000 14.285 0 25  LEU A N   1 ? 
ATOM   207  C  CA  . LEU A 1 25  ? 7.274   -9.665  -0.162  1.000 13.677 0 25  LEU A CA  1 ? 
ATOM   208  C  C   . LEU A 1 25  ? 6.811   -9.420  1.266   1.000 12.726 0 25  LEU A C   1 ? 
ATOM   209  O  O   . LEU A 1 25  ? 5.783   -8.752  1.460   1.000 12.636 0 25  LEU A O   1 ? 
ATOM   210  C  CB  . LEU A 1 25  ? 6.901   -11.052 -0.676  1.000 14.775 0 25  LEU A CB  1 ? 
ATOM   211  C  CG  . LEU A 1 25  ? 5.403   -11.292 -0.784  1.000 14.864 0 25  LEU A CG  1 ? 
ATOM   212  C  CD1 . LEU A 1 25  ? 4.743   -10.312 -1.748  1.000 16.196 0 25  LEU A CD1 1 ? 
ATOM   213  C  CD2 . LEU A 1 25  ? 5.173   -12.721 -1.256  1.000 16.734 0 25  LEU A CD2 1 ? 
ATOM   214  N  N   . GLY A 1 26  ? 7.545   -9.902  2.240   1.000 12.376 0 26  GLY A N   1 ? 
ATOM   215  C  CA  . GLY A 1 26  ? 7.097   -9.739  3.621   1.000 13.044 0 26  GLY A CA  1 ? 
ATOM   216  C  C   . GLY A 1 26  ? 6.998   -8.258  4.036   1.000 12.212 0 26  GLY A C   1 ? 
ATOM   217  O  O   . GLY A 1 26  ? 6.184   -7.917  4.883   1.000 12.343 0 26  GLY A O   1 ? 
ATOM   218  N  N   . ASN A 1 27  ? 7.849   -7.414  3.464   1.000 12.077 0 27  ASN A N   1 ? 
ATOM   219  C  CA  . ASN A 1 27  ? 7.755   -5.980  3.723   1.000 12.032 0 27  ASN A CA  1 ? 
ATOM   220  C  C   . ASN A 1 27  ? 6.376   -5.441  3.312   1.000 11.559 0 27  ASN A C   1 ? 
ATOM   221  O  O   . ASN A 1 27  ? 5.798   -4.595  4.012   1.000 12.053 0 27  ASN A O   1 ? 
ATOM   222  C  CB  . ASN A 1 27  ? 8.838   -5.208  2.988   1.000 11.931 0 27  ASN A CB  1 ? 
ATOM   223  C  CG  . ASN A 1 27  ? 10.138  -5.316  3.738   1.000 11.078 0 27  ASN A CG  1 ? 
ATOM   224  O  OD1 . ASN A 1 27  ? 10.297  -4.704  4.772   1.000 11.689 0 27  ASN A OD1 1 ? 
ATOM   225  N  ND2 . ASN A 1 27  ? 11.078  -6.110  3.238   1.000 13.808 0 27  ASN A ND2 1 ? 
ATOM   226  N  N   . TRP A 1 28  ? 5.935   -5.810  2.117   1.000 11.530 0 28  TRP A N   1 ? 
ATOM   227  C  CA  . TRP A 1 28  ? 4.664   -5.355  1.580   1.000 11.674 0 28  TRP A CA  1 ? 
ATOM   228  C  C   . TRP A 1 28  ? 3.486   -5.858  2.396   1.000 11.415 0 28  TRP A C   1 ? 
ATOM   229  O  O   . TRP A 1 28  ? 2.514   -5.121  2.623   1.000 12.073 0 28  TRP A O   1 ? 
ATOM   230  C  CB  . TRP A 1 28  ? 4.545   -5.742  0.103   1.000 11.753 0 28  TRP A CB  1 ? 
ATOM   231  C  CG  . TRP A 1 28  ? 5.583   -5.104  -0.738  1.000 11.605 0 28  TRP A CG  1 ? 
ATOM   232  C  CD1 . TRP A 1 28  ? 6.720   -5.676  -1.226  1.000 12.467 0 28  TRP A CD1 1 ? 
ATOM   233  C  CD2 . TRP A 1 28  ? 5.581   -3.753  -1.214  1.000 11.743 0 28  TRP A CD2 1 ? 
ATOM   234  N  NE1 . TRP A 1 28  ? 7.420   -4.768  -1.951  1.000 13.287 0 28  TRP A NE1 1 ? 
ATOM   235  C  CE2 . TRP A 1 28  ? 6.764   -3.576  -1.957  1.000 12.756 0 28  TRP A CE2 1 ? 
ATOM   236  C  CE3 . TRP A 1 28  ? 4.718   -2.681  -1.035  1.000 12.814 0 28  TRP A CE3 1 ? 
ATOM   237  C  CZ2 . TRP A 1 28  ? 7.058   -2.364  -2.562  1.000 13.951 0 28  TRP A CZ2 1 ? 
ATOM   238  C  CZ3 . TRP A 1 28  ? 5.018   -1.497  -1.643  1.000 14.661 0 28  TRP A CZ3 1 ? 
ATOM   239  C  CH2 . TRP A 1 28  ? 6.198   -1.318  -2.361  1.000 15.221 0 28  TRP A CH2 1 ? 
ATOM   240  N  N   . VAL A 1 29  ? 3.558   -7.127  2.837   1.000 11.352 0 29  VAL A N   1 ? 
ATOM   241  C  CA  . VAL A 1 29  ? 2.512   -7.726  3.630   1.000 11.708 0 29  VAL A CA  1 ? 
ATOM   242  C  C   . VAL A 1 29  ? 2.443   -7.024  4.974   1.000 11.593 0 29  VAL A C   1 ? 
ATOM   243  O  O   . VAL A 1 29  ? 1.355   -6.646  5.441   1.000 11.894 0 29  VAL A O   1 ? 
ATOM   244  C  CB  . VAL A 1 29  ? 2.668   -9.249  3.723   1.000 12.392 0 29  VAL A CB  1 ? 
ATOM   245  C  CG1 . VAL A 1 29  ? 1.637   -9.838  4.657   1.000 12.896 0 29  VAL A CG1 1 ? 
ATOM   246  C  CG2 . VAL A 1 29  ? 2.598   -9.907  2.361   1.000 13.361 0 29  VAL A CG2 1 ? 
ATOM   247  N  N   . CYS A 1 30  ? 3.589   -6.834  5.642   1.000 11.304 0 30  CYS A N   1 ? 
ATOM   248  C  CA  . CYS A 1 30  ? 3.668   -6.134  6.891   1.000 11.527 0 30  CYS A CA  1 ? 
ATOM   249  C  C   . CYS A 1 30  ? 3.086   -4.722  6.756   1.000 10.303 0 30  CYS A C   1 ? 
ATOM   250  O  O   . CYS A 1 30  ? 2.316   -4.277  7.609   1.000 11.716 0 30  CYS A O   1 ? 
ATOM   251  C  CB  . CYS A 1 30  ? 5.136   -6.071  7.320   1.000 11.648 0 30  CYS A CB  1 ? 
ATOM   252  S  SG  . CYS A 1 30  ? 5.365   -5.386  8.987   1.000 12.504 0 30  CYS A SG  1 ? 
ATOM   253  N  N   . ALA A 1 31  ? 3.458   -4.001  5.712   1.000 10.573 0 31  ALA A N   1 ? 
ATOM   254  C  CA  . ALA A 1 31  ? 2.954   -2.641  5.481   1.000 10.945 0 31  ALA A CA  1 ? 
ATOM   255  C  C   . ALA A 1 31  ? 1.430   -2.674  5.419   1.000 10.965 0 31  ALA A C   1 ? 
ATOM   256  O  O   . ALA A 1 31  ? 0.747   -1.839  6.034   1.000 12.237 0 31  ALA A O   1 ? 
ATOM   257  C  CB  . ALA A 1 31  ? 3.557   -2.030  4.270   1.000 12.460 0 31  ALA A CB  1 ? 
ATOM   258  N  N   . ALA A 1 32  ? 0.876   -3.585  4.642   1.000 10.890 0 32  ALA A N   1 ? 
ATOM   259  C  CA  . ALA A 1 32  ? -0.590  -3.666  4.483   1.000 12.002 0 32  ALA A CA  1 ? 
ATOM   260  C  C   . ALA A 1 32  ? -1.266  -3.997  5.807   1.000 10.929 0 32  ALA A C   1 ? 
ATOM   261  O  O   . ALA A 1 32  ? -2.332  -3.466  6.107   1.000 11.612 0 32  ALA A O   1 ? 
ATOM   262  C  CB  . ALA A 1 32  ? -0.944  -4.706  3.436   1.000 11.947 0 32  ALA A CB  1 ? 
ATOM   263  N  N   . LYS A 1 33  ? -0.643  -4.848  6.622   1.000 11.684 0 33  LYS A N   1 ? 
ATOM   264  C  CA  . LYS A 1 33  ? -1.222  -5.200  7.890   1.000 12.669 0 33  LYS A CA  1 ? 
ATOM   265  C  C   . LYS A 1 33  ? -1.410  -3.944  8.736   1.000 12.981 0 33  LYS A C   1 ? 
ATOM   266  O  O   . LYS A 1 33  ? -2.493  -3.711  9.280   1.000 13.061 0 33  LYS A O   1 ? 
ATOM   267  C  CB  . LYS A 1 33  ? -0.350  -6.207  8.654   1.000 13.757 0 33  LYS A CB  1 ? 
ATOM   268  C  CG  . LYS A 1 33  ? -0.736  -6.397  10.111  1.000 17.625 0 33  LYS A CG  1 ? 
ATOM   269  C  CD  . LYS A 1 33  ? -2.032  -7.050  10.305  1.000 21.946 0 33  LYS A CD  1 ? 
ATOM   270  C  CE  . LYS A 1 33  ? -2.385  -7.225  11.763  1.000 24.917 0 33  LYS A CE  1 ? 
ATOM   271  N  NZ  . LYS A 1 33  ? -3.690  -7.913  11.906  1.000 28.205 0 33  LYS A NZ  1 ? 
ATOM   272  N  N   . PHE A 1 34  ? -0.339  -3.144  8.851   1.000 12.627 0 34  PHE A N   1 ? 
ATOM   273  C  CA  . PHE A 1 34  ? -0.406  -2.013  9.763   1.000 13.624 0 34  PHE A CA  1 ? 
ATOM   274  C  C   . PHE A 1 34  ? -1.044  -0.789  9.126   1.000 13.902 0 34  PHE A C   1 ? 
ATOM   275  O  O   . PHE A 1 34  ? -1.507  0.090   9.858   1.000 17.447 0 34  PHE A O   1 ? 
ATOM   276  C  CB  . PHE A 1 34  ? 0.984   -1.738  10.338  1.000 13.956 0 34  PHE A CB  1 ? 
ATOM   277  C  CG  . PHE A 1 34  ? 1.426   -2.841  11.256  1.000 13.562 0 34  PHE A CG  1 ? 
ATOM   278  C  CD1 . PHE A 1 34  ? 0.695   -3.154  12.385  1.000 14.357 0 34  PHE A CD1 1 ? 
ATOM   279  C  CD2 . PHE A 1 34  ? 2.535   -3.605  10.992  1.000 17.364 0 34  PHE A CD2 1 ? 
ATOM   280  C  CE1 . PHE A 1 34  ? 1.080   -4.176  13.252  1.000 17.875 0 34  PHE A CE1 1 ? 
ATOM   281  C  CE2 . PHE A 1 34  ? 2.966   -4.581  11.887  1.000 20.198 0 34  PHE A CE2 1 ? 
ATOM   282  C  CZ  . PHE A 1 34  ? 2.221   -4.910  12.986  1.000 20.404 0 34  PHE A CZ  1 ? 
ATOM   283  N  N   . GLU A 1 35  ? -1.145  -0.715  7.832   1.000 12.538 0 35  GLU A N   1 ? 
ATOM   284  C  CA  . GLU A 1 35  ? -1.852  0.379   7.184   1.000 12.868 0 35  GLU A CA  1 ? 
ATOM   285  C  C   . GLU A 1 35  ? -3.364  0.145   7.202   1.000 12.627 0 35  GLU A C   1 ? 
ATOM   286  O  O   . GLU A 1 35  ? -4.116  1.111   7.456   1.000 14.450 0 35  GLU A O   1 ? 
ATOM   287  C  CB  . GLU A 1 35  ? -1.374  0.551   5.751   1.000 13.223 0 35  GLU A CB  1 ? 
ATOM   288  C  CG  . GLU A 1 35  ? 0.039   1.090   5.661   1.000 14.542 0 35  GLU A CG  1 ? 
ATOM   289  C  CD  . GLU A 1 35  ? 0.217   2.527   6.119   1.000 14.593 0 35  GLU A CD  1 ? 
ATOM   290  O  OE1 . GLU A 1 35  ? -0.805  3.169   6.491   1.000 16.204 0 35  GLU A OE1 1 ? 
ATOM   291  O  OE2 . GLU A 1 35  ? 1.379   2.992   6.201   1.000 14.986 0 35  GLU A OE2 1 ? 
ATOM   292  N  N   . SER A 1 36  ? -3.844  -1.075  6.949   1.000 13.888 0 36  SER A N   1 ? 
ATOM   293  C  CA  . SER A 1 36  ? -5.263  -1.289  6.638   1.000 13.745 0 36  SER A CA  1 ? 
ATOM   294  C  C   . SER A 1 36  ? -5.831  -2.491  7.356   1.000 14.817 0 36  SER A C   1 ? 
ATOM   295  O  O   . SER A 1 36  ? -7.008  -2.800  7.142   1.000 14.661 0 36  SER A O   1 ? 
ATOM   296  C  CB  . SER A 1 36  ? -5.497  -1.485  5.173   1.000 14.019 0 36  SER A CB  1 ? 
ATOM   297  O  OG  . SER A 1 36  ? -4.851  -2.673  4.735   1.000 12.938 0 36  SER A OG  1 ? 
ATOM   298  N  N   . ASN A 1 37  ? -4.991  -3.270  8.072   1.000 14.322 0 37  ASN A N   1 ? 
ATOM   299  C  CA  . ASN A 1 37  ? -5.418  -4.547  8.617   1.000 16.118 0 37  ASN A CA  1 ? 
ATOM   300  C  C   . ASN A 1 37  ? -5.929  -5.440  7.495   1.000 15.538 0 37  ASN A C   1 ? 
ATOM   301  O  O   . ASN A 1 37  ? -6.844  -6.252  7.725   1.000 17.526 0 37  ASN A O   1 ? 
ATOM   302  C  CB  . ASN A 1 37  ? -6.494  -4.394  9.703   1.000 19.748 0 37  ASN A CB  1 ? 
ATOM   303  C  CG  . ASN A 1 37  ? -6.394  -5.457  10.771  1.000 26.404 0 37  ASN A CG  1 ? 
ATOM   304  O  OD1 . ASN A 1 37  ? -5.466  -6.267  10.782  1.000 28.211 0 37  ASN A OD1 1 ? 
ATOM   305  N  ND2 . ASN A 1 37  ? -7.360  -5.466  11.677  1.000 31.159 0 37  ASN A ND2 1 ? 
ATOM   306  N  N   . PHE A 1 38  ? -5.327  -5.342  6.298   1.000 13.796 0 38  PHE A N   1 ? 
ATOM   307  C  CA  . PHE A 1 38  ? -5.630  -6.188  5.169   1.000 12.673 0 38  PHE A CA  1 ? 
ATOM   308  C  C   . PHE A 1 38  ? -7.029  -5.935  4.593   1.000 12.237 0 38  PHE A C   1 ? 
ATOM   309  O  O   . PHE A 1 38  ? -7.511  -6.715  3.791   1.000 14.223 0 38  PHE A O   1 ? 
ATOM   310  C  CB  . PHE A 1 38  ? -5.489  -7.676  5.512   1.000 14.010 0 38  PHE A CB  1 ? 
ATOM   311  C  CG  . PHE A 1 38  ? -4.116  -8.118  5.940   1.000 13.186 0 38  PHE A CG  1 ? 
ATOM   312  C  CD1 . PHE A 1 38  ? -2.945  -7.548  5.464   1.000 13.147 0 38  PHE A CD1 1 ? 
ATOM   313  C  CD2 . PHE A 1 38  ? -4.015  -9.186  6.794   1.000 15.868 0 38  PHE A CD2 1 ? 
ATOM   314  C  CE1 . PHE A 1 38  ? -1.703  -8.045  5.853   1.000 13.704 0 38  PHE A CE1 1 ? 
ATOM   315  C  CE2 . PHE A 1 38  ? -2.775  -9.678  7.166   1.000 16.876 0 38  PHE A CE2 1 ? 
ATOM   316  C  CZ  . PHE A 1 38  ? -1.623  -9.128  6.683   1.000 15.231 0 38  PHE A CZ  1 ? 
ATOM   317  N  N   . ASN A 1 39  ? -7.624  -4.757  4.884   1.000 13.327 0 39  ASN A N   1 ? 
ATOM   318  C  CA  . ASN A 1 39  ? -8.960  -4.407  4.418   1.000 13.310 0 39  ASN A CA  1 ? 
ATOM   319  C  C   . ASN A 1 39  ? -8.895  -3.440  3.248   1.000 12.975 0 39  ASN A C   1 ? 
ATOM   320  O  O   . ASN A 1 39  ? -8.462  -2.278  3.384   1.000 12.780 0 39  ASN A O   1 ? 
ATOM   321  C  CB  . ASN A 1 39  ? -9.689  -3.804  5.597   1.000 14.381 0 39  ASN A CB  1 ? 
ATOM   322  C  CG  . ASN A 1 39  ? -11.123 -3.427  5.291   1.000 13.570 0 39  ASN A CG  1 ? 
ATOM   323  O  OD1 . ASN A 1 39  ? -11.651 -3.728  4.265   1.000 13.432 0 39  ASN A OD1 1 ? 
ATOM   324  N  ND2 . ASN A 1 39  ? -11.712 -2.700  6.215   1.000 16.587 0 39  ASN A ND2 1 ? 
ATOM   325  N  N   . THR A 1 40  ? -9.328  -3.891  2.096   1.000 12.874 0 40  THR A N   1 ? 
ATOM   326  C  CA  . THR A 1 40  ? -9.312  -3.051  0.915   1.000 13.493 0 40  THR A CA  1 ? 
ATOM   327  C  C   . THR A 1 40  ? -10.183 -1.800  1.053   1.000 13.250 0 40  THR A C   1 ? 
ATOM   328  O  O   . THR A 1 40  ? -9.967  -0.852  0.332   1.000 14.223 0 40  THR A O   1 ? 
ATOM   329  C  CB  . THR A 1 40  ? -9.731  -3.781  -0.369  1.000 14.380 0 40  THR A CB  1 ? 
ATOM   330  O  OG1 . THR A 1 40  ? -11.125 -4.106  -0.343  1.000 16.487 0 40  THR A OG1 1 ? 
ATOM   331  C  CG2 . THR A 1 40  ? -8.899  -5.019  -0.642  1.000 15.449 0 40  THR A CG2 1 ? 
ATOM   332  N  N   . GLN A 1 41  ? -11.184 -1.837  1.940   1.000 12.085 0 41  GLN A N   1 ? 
ATOM   333  C  CA  . GLN A 1 41  ? -12.133 -0.732  2.050   1.000 13.036 0 41  GLN A CA  1 ? 
ATOM   334  C  C   . GLN A 1 41  ? -11.614 0.342   2.990   1.000 12.400 0 41  GLN A C   1 ? 
ATOM   335  O  O   . GLN A 1 41  ? -12.333 1.347   3.120   1.000 14.945 0 41  GLN A O   1 ? 
ATOM   336  C  CB  . GLN A 1 41  ? -13.523 -1.211  2.463   1.000 13.932 0 41  GLN A CB  1 ? 
ATOM   337  C  CG  . GLN A 1 41  ? -14.146 -2.124  1.452   1.000 15.270 0 41  GLN A CG  1 ? 
ATOM   338  C  CD  . GLN A 1 41  ? -15.614 -2.294  1.775   1.000 14.971 0 41  GLN A CD  1 ? 
ATOM   339  O  OE1 . GLN A 1 41  ? -16.426 -1.358  1.596   1.000 17.984 0 41  GLN A OE1 1 ? 
ATOM   340  N  NE2 . GLN A 1 41  ? -16.000 -3.441  2.306   1.000 16.124 0 41  GLN A NE2 1 ? 
ATOM   341  N  N   . ALA A 1 42  ? -10.456 0.173   3.636   1.000 12.864 0 42  ALA A N   1 ? 
ATOM   342  C  CA  . ALA A 1 42  ? -10.032 1.104   4.656   1.000 12.709 0 42  ALA A CA  1 ? 
ATOM   343  C  C   . ALA A 1 42  ? -9.839  2.511   4.090   1.000 12.183 0 42  ALA A C   1 ? 
ATOM   344  O  O   . ALA A 1 42  ? -9.192  2.721   3.093   1.000 12.663 0 42  ALA A O   1 ? 
ATOM   345  C  CB  . ALA A 1 42  ? -8.741  0.595   5.255   1.000 13.523 0 42  ALA A CB  1 ? 
ATOM   346  N  N   . THR A 1 43  ? -10.327 3.517   4.849   1.000 12.201 0 43  THR A N   1 ? 
ATOM   347  C  CA  . THR A 1 43  ? -10.095 4.926   4.524   1.000 13.472 0 43  THR A CA  1 ? 
ATOM   348  C  C   . THR A 1 43  ? -9.753  5.637   5.819   1.000 15.176 0 43  THR A C   1 ? 
ATOM   349  O  O   . THR A 1 43  ? -10.353 5.356   6.855   1.000 16.796 0 43  THR A O   1 ? 
ATOM   350  C  CB  . THR A 1 43  ? -11.322 5.594   3.850   1.000 14.669 0 43  THR A CB  1 ? 
ATOM   351  O  OG1 . THR A 1 43  ? -12.485 5.532   4.685   1.000 16.212 0 43  THR A OG1 1 ? 
ATOM   352  C  CG2 . THR A 1 43  ? -11.664 4.946   2.541   1.000 15.773 0 43  THR A CG2 1 ? 
ATOM   353  N  N   . ASN A 1 44  ? -8.874  6.650   5.785   1.000 13.701 0 44  ASN A N   1 ? 
ATOM   354  C  CA  . ASN A 1 44  ? -8.555  7.405   6.960   1.000 14.906 0 44  ASN A CA  1 ? 
ATOM   355  C  C   . ASN A 1 44  ? -8.190  8.830   6.561   1.000 14.133 0 44  ASN A C   1 ? 
ATOM   356  O  O   . ASN A 1 44  ? -7.375  9.038   5.649   1.000 15.747 0 44  ASN A O   1 ? 
ATOM   357  C  CB  . ASN A 1 44  ? -7.393  6.795   7.740   1.000 15.639 0 44  ASN A CB  1 ? 
ATOM   358  C  CG  . ASN A 1 44  ? -7.728  5.454   8.341   1.000 19.158 0 44  ASN A CG  1 ? 
ATOM   359  O  OD1 . ASN A 1 44  ? -7.264  4.421   7.836   1.000 22.203 0 44  ASN A OD1 1 ? 
ATOM   360  N  ND2 . ASN A 1 44  ? -8.496  5.464   9.408   1.000 18.602 0 44  ASN A ND2 1 ? 
ATOM   361  N  N   A ARG A 1 45  ? -8.864  9.831   7.148   0.500 15.635 0 45  ARG A N   1 ? 
ATOM   362  N  N   B ARG A 1 45  ? -8.676  9.780   7.377   0.500 16.304 0 45  ARG A N   1 ? 
ATOM   363  C  CA  A ARG A 1 45  ? -8.581  11.234  6.866   0.500 15.531 0 45  ARG A CA  1 ? 
ATOM   364  C  CA  B ARG A 1 45  ? -8.522  11.203  7.149   0.500 17.962 0 45  ARG A CA  1 ? 
ATOM   365  C  C   A ARG A 1 45  ? -7.310  11.678  7.595   0.500 17.011 0 45  ARG A C   1 ? 
ATOM   366  C  C   B ARG A 1 45  ? -7.151  11.603  7.666   0.500 17.722 0 45  ARG A C   1 ? 
ATOM   367  O  O   A ARG A 1 45  ? -7.159  11.430  8.775   0.500 16.323 0 45  ARG A O   1 ? 
ATOM   368  O  O   B ARG A 1 45  ? -6.729  11.162  8.726   0.500 18.904 0 45  ARG A O   1 ? 
ATOM   369  C  CB  A ARG A 1 45  ? -9.752  12.077  7.378   0.500 15.216 0 45  ARG A CB  1 ? 
ATOM   370  C  CB  B ARG A 1 45  ? -9.633  11.946  7.898   0.500 19.411 0 45  ARG A CB  1 ? 
ATOM   371  C  CG  A ARG A 1 45  ? -9.789  13.513  6.890   0.500 17.384 0 45  ARG A CG  1 ? 
ATOM   372  C  CG  B ARG A 1 45  ? -9.730  13.441  7.616   0.500 19.734 0 45  ARG A CG  1 ? 
ATOM   373  C  CD  A ARG A 1 45  ? -10.396 13.406  5.517   0.500 20.161 0 45  ARG A CD  1 ? 
ATOM   374  C  CD  B ARG A 1 45  ? -10.002 13.705  6.154   0.500 21.329 0 45  ARG A CD  1 ? 
ATOM   375  N  NE  A ARG A 1 45  ? -10.408 14.677  4.841   0.500 19.693 0 45  ARG A NE  1 ? 
ATOM   376  N  NE  B ARG A 1 45  ? -11.123 14.593  5.901   0.500 26.213 0 45  ARG A NE  1 ? 
ATOM   377  C  CZ  A ARG A 1 45  ? -11.507 15.357  4.581   0.500 17.808 0 45  ARG A CZ  1 ? 
ATOM   378  C  CZ  B ARG A 1 45  ? -12.404 14.294  6.085   0.500 26.753 0 45  ARG A CZ  1 ? 
ATOM   379  N  NH1 A ARG A 1 45  ? -12.630 15.098  5.215   0.500 19.586 0 45  ARG A NH1 1 ? 
ATOM   380  N  NH1 B ARG A 1 45  ? -12.754 13.185  6.705   0.500 28.244 0 45  ARG A NH1 1 ? 
ATOM   381  N  NH2 A ARG A 1 45  ? -11.445 16.296  3.675   0.500 17.329 0 45  ARG A NH2 1 ? 
ATOM   382  N  NH2 B ARG A 1 45  ? -13.335 15.136  5.665   0.500 28.522 0 45  ARG A NH2 1 ? 
ATOM   383  N  N   . ASN A 1 46  ? -6.464  12.439  6.889   1.000 15.973 0 46  ASN A N   1 ? 
ATOM   384  C  CA  . ASN A 1 46  ? -5.265  13.075  7.401   1.000 18.611 0 46  ASN A CA  1 ? 
ATOM   385  C  C   . ASN A 1 46  ? -5.599  14.473  7.935   1.000 19.696 0 46  ASN A C   1 ? 
ATOM   386  O  O   . ASN A 1 46  ? -6.560  15.121  7.494   1.000 21.135 0 46  ASN A O   1 ? 
ATOM   387  C  CB  . ASN A 1 46  ? -4.234  13.130  6.267   1.000 17.914 0 46  ASN A CB  1 ? 
ATOM   388  C  CG  . ASN A 1 46  ? -3.881  11.760  5.713   1.000 18.729 0 46  ASN A CG  1 ? 
ATOM   389  O  OD1 . ASN A 1 46  ? -3.816  11.565  4.496   1.000 19.619 0 46  ASN A OD1 1 ? 
ATOM   390  N  ND2 . ASN A 1 46  ? -3.674  10.811  6.609   1.000 19.641 0 46  ASN A ND2 1 ? 
ATOM   391  N  N   . THR A 1 47  ? -4.702  14.961  8.799   1.000 21.009 0 47  THR A N   1 ? 
ATOM   392  C  CA  . THR A 1 47  ? -4.862  16.260  9.439   1.000 22.392 0 47  THR A CA  1 ? 
ATOM   393  C  C   . THR A 1 47  ? -4.954  17.393  8.421   1.000 25.676 0 47  THR A C   1 ? 
ATOM   394  O  O   . THR A 1 47  ? -5.629  18.392  8.689   1.000 28.226 0 47  THR A O   1 ? 
ATOM   395  C  CB  . THR A 1 47  ? -3.751  16.547  10.461  1.000 26.191 0 47  THR A CB  1 ? 
ATOM   396  O  OG1 . THR A 1 47  ? -2.466  16.517  9.838   1.000 29.189 0 47  THR A OG1 1 ? 
ATOM   397  C  CG2 . THR A 1 47  ? -3.763  15.560  11.602  1.000 27.003 0 47  THR A CG2 1 ? 
ATOM   398  N  N   . ASP A 1 48  ? -4.280  17.259  7.270   1.000 21.627 0 48  ASP A N   1 ? 
ATOM   399  C  CA  . ASP A 1 48  ? -4.203  18.289  6.242   1.000 23.975 0 48  ASP A CA  1 ? 
ATOM   400  C  C   . ASP A 1 48  ? -5.393  18.281  5.284   1.000 22.966 0 48  ASP A C   1 ? 
ATOM   401  O  O   . ASP A 1 48  ? -5.404  19.036  4.318   1.000 28.355 0 48  ASP A O   1 ? 
ATOM   402  C  CB  . ASP A 1 48  ? -2.923  18.142  5.407   1.000 25.747 0 48  ASP A CB  1 ? 
ATOM   403  C  CG  . ASP A 1 48  ? -2.902  16.937  4.454   1.000 26.338 0 48  ASP A CG  1 ? 
ATOM   404  O  OD1 . ASP A 1 48  ? -3.763  16.037  4.600   1.000 26.003 0 48  ASP A OD1 1 ? 
ATOM   405  O  OD2 . ASP A 1 48  ? -2.047  16.904  3.528   1.000 29.273 0 48  ASP A OD2 1 ? 
ATOM   406  N  N   . GLY A 1 49  ? -6.369  17.386  5.501   1.000 20.098 0 49  GLY A N   1 ? 
ATOM   407  C  CA  . GLY A 1 49  ? -7.588  17.366  4.702   1.000 21.749 0 49  GLY A CA  1 ? 
ATOM   408  C  C   . GLY A 1 49  ? -7.598  16.310  3.590   1.000 18.675 0 49  GLY A C   1 ? 
ATOM   409  O  O   . GLY A 1 49  ? -8.661  15.965  3.072   1.000 21.278 0 49  GLY A O   1 ? 
ATOM   410  N  N   . SER A 1 50  ? -6.424  15.742  3.273   1.000 17.862 0 50  SER A N   1 ? 
ATOM   411  C  CA  . SER A 1 50  ? -6.310  14.567  2.439   1.000 16.349 0 50  SER A CA  1 ? 
ATOM   412  C  C   . SER A 1 50  ? -6.840  13.319  3.142   1.000 15.374 0 50  SER A C   1 ? 
ATOM   413  O  O   . SER A 1 50  ? -7.080  13.322  4.324   1.000 16.329 0 50  SER A O   1 ? 
ATOM   414  C  CB  . SER A 1 50  ? -4.905  14.397  1.957   1.000 16.379 0 50  SER A CB  1 ? 
ATOM   415  O  OG  . SER A 1 50  ? -4.048  14.050  3.026   1.000 17.196 0 50  SER A OG  1 ? 
ATOM   416  N  N   . THR A 1 51  ? -6.946  12.247  2.355   1.000 13.806 0 51  THR A N   1 ? 
ATOM   417  C  CA  . THR A 1 51  ? -7.403  10.943  2.843   1.000 13.158 0 51  THR A CA  1 ? 
ATOM   418  C  C   . THR A 1 51  ? -6.518  9.847   2.257   1.000 12.442 0 51  THR A C   1 ? 
ATOM   419  O  O   . THR A 1 51  ? -6.069  9.958   1.140   1.000 13.174 0 51  THR A O   1 ? 
ATOM   420  C  CB  . THR A 1 51  ? -8.895  10.742  2.492   1.000 14.048 0 51  THR A CB  1 ? 
ATOM   421  O  OG1 . THR A 1 51  ? -9.668  11.831  3.004   1.000 15.185 0 51  THR A OG1 1 ? 
ATOM   422  C  CG2 . THR A 1 51  ? -9.508  9.459   3.008   1.000 14.761 0 51  THR A CG2 1 ? 
ATOM   423  N  N   . ASP A 1 52  ? -6.387  8.773   3.061   1.000 13.496 0 52  ASP A N   1 ? 
ATOM   424  C  CA  . ASP A 1 52  ? -5.626  7.606   2.659   1.000 12.810 0 52  ASP A CA  1 ? 
ATOM   425  C  C   . ASP A 1 52  ? -6.598  6.469   2.350   1.000 12.072 0 52  ASP A C   1 ? 
ATOM   426  O  O   . ASP A 1 52  ? -7.568  6.272   3.078   1.000 13.943 0 52  ASP A O   1 ? 
ATOM   427  C  CB  . ASP A 1 52  ? -4.715  7.137   3.788   1.000 14.951 0 52  ASP A CB  1 ? 
ATOM   428  C  CG  . ASP A 1 52  ? -3.498  7.999   4.037   1.000 16.190 0 52  ASP A CG  1 ? 
ATOM   429  O  OD1 . ASP A 1 52  ? -3.237  8.962   3.306   1.000 16.858 0 52  ASP A OD1 1 ? 
ATOM   430  O  OD2 . ASP A 1 52  ? -2.747  7.641   4.985   1.000 19.601 0 52  ASP A OD2 1 ? 
ATOM   431  N  N   . TYR A 1 53  ? -6.353  5.756   1.271   1.000 12.475 0 53  TYR A N   1 ? 
ATOM   432  C  CA  . TYR A 1 53  ? -7.304  4.828   0.701   1.000 13.425 0 53  TYR A CA  1 ? 
ATOM   433  C  C   . TYR A 1 53  ? -6.717  3.439   0.500   1.000 12.356 0 53  TYR A C   1 ? 
ATOM   434  O  O   . TYR A 1 53  ? -5.651  3.291   -0.111  1.000 12.702 0 53  TYR A O   1 ? 
ATOM   435  C  CB  . TYR A 1 53  ? -7.770  5.284   -0.680  1.000 13.349 0 53  TYR A CB  1 ? 
ATOM   436  C  CG  . TYR A 1 53  ? -8.590  6.542   -0.625  1.000 12.648 0 53  TYR A CG  1 ? 
ATOM   437  C  CD1 . TYR A 1 53  ? -7.979  7.774   -0.560  1.000 13.359 0 53  TYR A CD1 1 ? 
ATOM   438  C  CD2 . TYR A 1 53  ? -9.981  6.520   -0.495  1.000 13.488 0 53  TYR A CD2 1 ? 
ATOM   439  C  CE1 . TYR A 1 53  ? -8.728  8.949   -0.483  1.000 13.082 0 53  TYR A CE1 1 ? 
ATOM   440  C  CE2 . TYR A 1 53  ? -10.743 7.673   -0.361  1.000 12.888 0 53  TYR A CE2 1 ? 
ATOM   441  C  CZ  . TYR A 1 53  ? -10.116 8.896   -0.385  1.000 13.240 0 53  TYR A CZ  1 ? 
ATOM   442  O  OH  . TYR A 1 53  ? -10.859 10.036  -0.239  1.000 13.612 0 53  TYR A OH  1 ? 
ATOM   443  N  N   . GLY A 1 54  ? -7.422  2.411   0.933   1.000 12.918 0 54  GLY A N   1 ? 
ATOM   444  C  CA  . GLY A 1 54  ? -7.171  1.054   0.511   1.000 13.277 0 54  GLY A CA  1 ? 
ATOM   445  C  C   . GLY A 1 54  ? -6.132  0.312   1.356   1.000 12.031 0 54  GLY A C   1 ? 
ATOM   446  O  O   . GLY A 1 54  ? -5.702  0.744   2.372   1.000 12.000 0 54  GLY A O   1 ? 
ATOM   447  N  N   . ILE A 1 55  ? -5.765  -0.846  0.844   1.000 14.158 0 55  ILE A N   1 ? 
ATOM   448  C  CA  . ILE A 1 55  ? -4.918  -1.802  1.532   1.000 15.470 0 55  ILE A CA  1 ? 
ATOM   449  C  C   . ILE A 1 55  ? -3.558  -1.214  1.917   1.000 13.367 0 55  ILE A C   1 ? 
ATOM   450  O  O   . ILE A 1 55  ? -2.977  -1.610  2.923   1.000 14.393 0 55  ILE A O   1 ? 
ATOM   451  C  CB  . ILE A 1 55  ? -4.779  -3.029  0.592   1.000 20.579 0 55  ILE A CB  1 ? 
ATOM   452  C  CG1 . ILE A 1 55  ? -4.197  -4.258  1.287   1.000 26.635 0 55  ILE A CG1 1 ? 
ATOM   453  C  CG2 . ILE A 1 55  ? -4.017  -2.761  -0.686  1.000 19.260 0 55  ILE A CG2 1 ? 
ATOM   454  C  CD1 . ILE A 1 55  ? -5.245  -5.259  1.702   1.000 27.383 0 55  ILE A CD1 1 ? 
ATOM   455  N  N   . LEU A 1 56  ? -3.072  -0.271  1.086   1.000 13.511 0 56  LEU A N   1 ? 
ATOM   456  C  CA  . LEU A 1 56  ? -1.795  0.406   1.369   1.000 13.527 0 56  LEU A CA  1 ? 
ATOM   457  C  C   . LEU A 1 56  ? -1.971  1.904   1.641   1.000 13.265 0 56  LEU A C   1 ? 
ATOM   458  O  O   . LEU A 1 56  ? -0.987  2.669   1.699   1.000 14.789 0 56  LEU A O   1 ? 
ATOM   459  C  CB  . LEU A 1 56  ? -0.775  0.164   0.254   1.000 14.527 0 56  LEU A CB  1 ? 
ATOM   460  C  CG  . LEU A 1 56  ? -0.163  -1.235  0.249   1.000 15.062 0 56  LEU A CG  1 ? 
ATOM   461  C  CD1 . LEU A 1 56  ? 0.548   -1.454  -1.077  1.000 17.283 0 56  LEU A CD1 1 ? 
ATOM   462  C  CD2 . LEU A 1 56  ? 0.750   -1.465  1.432   1.000 16.255 0 56  LEU A CD2 1 ? 
ATOM   463  N  N   . GLN A 1 57  ? -3.194  2.337   1.987   1.000 12.664 0 57  GLN A N   1 ? 
ATOM   464  C  CA  . GLN A 1 57  ? -3.449  3.661   2.523   1.000 12.877 0 57  GLN A CA  1 ? 
ATOM   465  C  C   . GLN A 1 57  ? -2.762  4.738   1.670   1.000 12.626 0 57  GLN A C   1 ? 
ATOM   466  O  O   . GLN A 1 57  ? -2.026  5.597   2.200   1.000 14.479 0 57  GLN A O   1 ? 
ATOM   467  C  CB  . GLN A 1 57  ? -3.070  3.705   3.999   1.000 13.388 0 57  GLN A CB  1 ? 
ATOM   468  C  CG  . GLN A 1 57  ? -4.036  2.908   4.843   1.000 13.318 0 57  GLN A CG  1 ? 
ATOM   469  C  CD  . GLN A 1 57  ? -5.381  3.576   4.887   1.000 13.059 0 57  GLN A CD  1 ? 
ATOM   470  O  OE1 . GLN A 1 57  ? -5.584  4.544   5.629   1.000 14.639 0 57  GLN A OE1 1 ? 
ATOM   471  N  NE2 . GLN A 1 57  ? -6.328  3.076   4.116   1.000 12.848 0 57  GLN A NE2 1 ? 
ATOM   472  N  N   . ILE A 1 58  ? -3.037  4.747   0.398   1.000 12.275 0 58  ILE A N   1 ? 
ATOM   473  C  CA  . ILE A 1 58  ? -2.459  5.679   -0.542  1.000 14.094 0 58  ILE A CA  1 ? 
ATOM   474  C  C   . ILE A 1 58  ? -3.166  7.018   -0.417  1.000 13.498 0 58  ILE A C   1 ? 
ATOM   475  O  O   . ILE A 1 58  ? -4.415  7.118   -0.375  1.000 13.268 0 58  ILE A O   1 ? 
ATOM   476  C  CB  . ILE A 1 58  ? -2.599  5.065   -1.925  1.000 14.941 0 58  ILE A CB  1 ? 
ATOM   477  C  CG1 . ILE A 1 58  ? -1.604  3.906   -2.037  1.000 17.141 0 58  ILE A CG1 1 ? 
ATOM   478  C  CG2 . ILE A 1 58  ? -2.320  6.051   -3.034  1.000 15.261 0 58  ILE A CG2 1 ? 
ATOM   479  C  CD1 . ILE A 1 58  ? -1.762  3.051   -3.239  1.000 18.998 0 58  ILE A CD1 1 ? 
ATOM   480  N  N   . ASN A 1 59  ? -2.345  8.072   -0.343  1.000 13.775 0 59  ASN A N   1 ? 
ATOM   481  C  CA  . ASN A 1 59  ? -2.770  9.415   0.043   1.000 16.040 0 59  ASN A CA  1 ? 
ATOM   482  C  C   . ASN A 1 59  ? -3.219  10.247  -1.163  1.000 15.265 0 59  ASN A C   1 ? 
ATOM   483  O  O   . ASN A 1 59  ? -2.441  10.416  -2.110  1.000 17.807 0 59  ASN A O   1 ? 
ATOM   484  C  CB  . ASN A 1 59  ? -1.584  10.044  0.784   1.000 17.767 0 59  ASN A CB  1 ? 
ATOM   485  C  CG  . ASN A 1 59  ? -1.879  11.332  1.506   1.000 18.602 0 59  ASN A CG  1 ? 
ATOM   486  O  OD1 . ASN A 1 59  ? -2.870  11.989  1.214   1.000 25.554 0 59  ASN A OD1 1 ? 
ATOM   487  N  ND2 . ASN A 1 59  ? -1.047  11.723  2.455   1.000 20.839 0 59  ASN A ND2 1 ? 
ATOM   488  N  N   . SER A 1 60  ? -4.401  10.874  -1.028  1.000 15.523 0 60  SER A N   1 ? 
ATOM   489  C  CA  . SER A 1 60  ? -4.975  11.754  -2.038  1.000 15.977 0 60  SER A CA  1 ? 
ATOM   490  C  C   . SER A 1 60  ? -4.195  13.077  -2.178  1.000 16.678 0 60  SER A C   1 ? 
ATOM   491  O  O   . SER A 1 60  ? -4.398  13.803  -3.149  1.000 18.914 0 60  SER A O   1 ? 
ATOM   492  C  CB  . SER A 1 60  ? -6.429  12.068  -1.729  1.000 15.363 0 60  SER A CB  1 ? 
ATOM   493  O  OG  . SER A 1 60  ? -6.535  12.792  -0.576  1.000 15.216 0 60  SER A OG  1 ? 
ATOM   494  N  N   . ARG A 1 61  ? -3.319  13.406  -1.248  1.000 16.810 0 61  ARG A N   1 ? 
ATOM   495  C  CA  . ARG A 1 61  ? -2.484  14.607  -1.336  1.000 20.057 0 61  ARG A CA  1 ? 
ATOM   496  C  C   . ARG A 1 61  ? -1.645  14.544  -2.616  1.000 20.281 0 61  ARG A C   1 ? 
ATOM   497  O  O   . ARG A 1 61  ? -1.440  15.560  -3.292  1.000 22.228 0 61  ARG A O   1 ? 
ATOM   498  C  CB  . ARG A 1 61  ? -1.657  14.778  -0.047  1.000 22.653 0 61  ARG A CB  1 ? 
ATOM   499  C  CG  . ARG A 1 61  ? -0.704  15.973  -0.026  1.000 25.021 0 61  ARG A CG  1 ? 
ATOM   500  C  CD  . ARG A 1 61  ? -1.376  17.309  -0.255  1.000 27.063 0 61  ARG A CD  1 ? 
ATOM   501  N  NE  . ARG A 1 61  ? -2.320  17.609  0.814   1.000 30.966 0 61  ARG A NE  1 ? 
ATOM   502  C  CZ  . ARG A 1 61  ? -3.332  18.472  0.740   1.000 34.410 0 61  ARG A CZ  1 ? 
ATOM   503  N  NH1 . ARG A 1 61  ? -3.546  19.174  -0.363  1.000 35.538 0 61  ARG A NH1 1 ? 
ATOM   504  N  NH2 . ARG A 1 61  ? -4.143  18.609  1.779   1.000 33.184 0 61  ARG A NH2 1 ? 
ATOM   505  N  N   . TRP A 1 62  ? -1.195  13.343  -2.998  1.000 18.703 0 62  TRP A N   1 ? 
ATOM   506  C  CA  . TRP A 1 62  ? -0.257  13.198  -4.098  1.000 19.020 0 62  TRP A CA  1 ? 
ATOM   507  C  C   . TRP A 1 62  ? -0.725  12.235  -5.184  1.000 18.377 0 62  TRP A C   1 ? 
ATOM   508  O  O   . TRP A 1 62  ? -0.371  12.469  -6.335  1.000 19.573 0 62  TRP A O   1 ? 
ATOM   509  C  CB  . TRP A 1 62  ? 1.139   12.786  -3.588  1.000 18.645 0 62  TRP A CB  1 ? 
ATOM   510  C  CG  . TRP A 1 62  ? 1.696   13.681  -2.527  1.000 22.752 0 62  TRP A CG  1 ? 
ATOM   511  C  CD1 . TRP A 1 62  ? 1.669   13.467  -1.181  1.000 29.486 0 62  TRP A CD1 1 ? 
ATOM   512  C  CD2 . TRP A 1 62  ? 2.402   14.918  -2.716  1.000 27.115 0 62  TRP A CD2 1 ? 
ATOM   513  N  NE1 . TRP A 1 62  ? 2.298   14.486  -0.522  1.000 29.967 0 62  TRP A NE1 1 ? 
ATOM   514  C  CE2 . TRP A 1 62  ? 2.738   15.406  -1.435  1.000 28.578 0 62  TRP A CE2 1 ? 
ATOM   515  C  CE3 . TRP A 1 62  ? 2.764   15.670  -3.837  1.000 30.466 0 62  TRP A CE3 1 ? 
ATOM   516  C  CZ2 . TRP A 1 62  ? 3.429   16.605  -1.251  1.000 33.125 0 62  TRP A CZ2 1 ? 
ATOM   517  C  CZ3 . TRP A 1 62  ? 3.442   16.860  -3.658  1.000 31.692 0 62  TRP A CZ3 1 ? 
ATOM   518  C  CH2 . TRP A 1 62  ? 3.765   17.320  -2.380  1.000 35.424 0 62  TRP A CH2 1 ? 
ATOM   519  N  N   . TRP A 1 63  ? -1.444  11.134  -4.847  1.000 16.631 0 63  TRP A N   1 ? 
ATOM   520  C  CA  . TRP A 1 63  ? -1.443  9.958   -5.699  1.000 15.822 0 63  TRP A CA  1 ? 
ATOM   521  C  C   . TRP A 1 63  ? -2.743  9.690   -6.440  1.000 14.448 0 63  TRP A C   1 ? 
ATOM   522  O  O   . TRP A 1 63  ? -2.789  8.967   -7.385  1.000 16.644 0 63  TRP A O   1 ? 
ATOM   523  C  CB  . TRP A 1 63  ? -1.081  8.740   -4.834  1.000 14.239 0 63  TRP A CB  1 ? 
ATOM   524  C  CG  . TRP A 1 63  ? 0.274   8.918   -4.208  1.000 15.230 0 63  TRP A CG  1 ? 
ATOM   525  C  CD1 . TRP A 1 63  ? 0.528   9.172   -2.913  1.000 15.508 0 63  TRP A CD1 1 ? 
ATOM   526  C  CD2 . TRP A 1 63  ? 1.534   9.053   -4.905  1.000 15.509 0 63  TRP A CD2 1 ? 
ATOM   527  N  NE1 . TRP A 1 63  ? 1.882   9.362   -2.707  1.000 16.671 0 63  TRP A NE1 1 ? 
ATOM   528  C  CE2 . TRP A 1 63  ? 2.510   9.318   -3.915  1.000 17.283 0 63  TRP A CE2 1 ? 
ATOM   529  C  CE3 . TRP A 1 63  ? 1.935   8.925   -6.236  1.000 16.901 0 63  TRP A CE3 1 ? 
ATOM   530  C  CZ2 . TRP A 1 63  ? 3.873   9.434   -4.227  1.000 18.322 0 63  TRP A CZ2 1 ? 
ATOM   531  C  CZ3 . TRP A 1 63  ? 3.287   9.001   -6.519  1.000 17.516 0 63  TRP A CZ3 1 ? 
ATOM   532  C  CH2 . TRP A 1 63  ? 4.211   9.300   -5.536  1.000 18.976 0 63  TRP A CH2 1 ? 
ATOM   533  N  N   . CYS A 1 64  ? -3.883  10.160  -5.890  1.000 16.122 0 64  CYS A N   1 ? 
ATOM   534  C  CA  . CYS A 1 64  ? -5.197  9.867   -6.485  1.000 15.745 0 64  CYS A CA  1 ? 
ATOM   535  C  C   . CYS A 1 64  ? -6.155  11.041  -6.293  1.000 14.479 0 64  CYS A C   1 ? 
ATOM   536  O  O   . CYS A 1 64  ? -5.903  11.851  -5.488  1.000 15.759 0 64  CYS A O   1 ? 
ATOM   537  C  CB  . CYS A 1 64  ? -5.807  8.587   -5.915  1.000 15.687 0 64  CYS A CB  1 ? 
ATOM   538  S  SG  . CYS A 1 64  ? -6.152  8.608   -4.121  1.000 15.946 0 64  CYS A SG  1 ? 
ATOM   539  N  N   . ASN A 1 65  ? -7.246  11.052  -7.095  1.000 16.524 0 65  ASN A N   1 ? 
ATOM   540  C  CA  . ASN A 1 65  ? -8.265  12.103  -7.021  1.000 16.197 0 65  ASN A CA  1 ? 
ATOM   541  C  C   . ASN A 1 65  ? -9.511  11.628  -6.265  1.000 14.345 0 65  ASN A C   1 ? 
ATOM   542  O  O   . ASN A 1 65  ? -10.112 10.704  -6.720  1.000 15.848 0 65  ASN A O   1 ? 
ATOM   543  C  CB  . ASN A 1 65  ? -8.636  12.589  -8.424  1.000 19.832 0 65  ASN A CB  1 ? 
ATOM   544  C  CG  . ASN A 1 65  ? -9.565  13.789  -8.450  1.000 22.562 0 65  ASN A CG  1 ? 
ATOM   545  O  OD1 . ASN A 1 65  ? -9.939  14.354  -7.433  1.000 24.074 0 65  ASN A OD1 1 ? 
ATOM   546  N  ND2 . ASN A 1 65  ? -9.889  14.238  -9.653  1.000 29.807 0 65  ASN A ND2 1 ? 
ATOM   547  N  N   . ASP A 1 66  ? -9.790  12.300  -5.169  1.000 14.658 0 66  ASP A N   1 ? 
ATOM   548  C  CA  . ASP A 1 66  ? -10.999 11.990  -4.412  1.000 14.416 0 66  ASP A CA  1 ? 
ATOM   549  C  C   . ASP A 1 66  ? -12.023 13.124  -4.416  1.000 15.965 0 66  ASP A C   1 ? 
ATOM   550  O  O   . ASP A 1 66  ? -13.061 13.050  -3.718  1.000 16.624 0 66  ASP A O   1 ? 
ATOM   551  C  CB  . ASP A 1 66  ? -10.745 11.590  -2.959  1.000 15.105 0 66  ASP A CB  1 ? 
ATOM   552  C  CG  . ASP A 1 66  ? -10.209 12.642  -2.035  1.000 14.284 0 66  ASP A CG  1 ? 
ATOM   553  O  OD1 . ASP A 1 66  ? -10.059 13.806  -2.518  1.000 16.192 0 66  ASP A OD1 1 ? 
ATOM   554  O  OD2 . ASP A 1 66  ? -9.862  12.341  -0.881  1.000 15.281 0 66  ASP A OD2 1 ? 
ATOM   555  N  N   . GLY A 1 67  ? -11.775 14.157  -5.217  1.000 17.034 0 67  GLY A N   1 ? 
ATOM   556  C  CA  . GLY A 1 67  ? -12.733 15.239  -5.385  1.000 19.840 0 67  GLY A CA  1 ? 
ATOM   557  C  C   . GLY A 1 67  ? -12.811 16.201  -4.216  1.000 20.039 0 67  GLY A C   1 ? 
ATOM   558  O  O   . GLY A 1 67  ? -13.593 17.185  -4.300  1.000 23.659 0 67  GLY A O   1 ? 
ATOM   559  N  N   . ARG A 1 68  ? -12.007 16.039  -3.163  1.000 19.564 0 68  ARG A N   1 ? 
ATOM   560  C  CA  . ARG A 1 68  ? -12.143 16.918  -2.017  1.000 18.658 0 68  ARG A CA  1 ? 
ATOM   561  C  C   . ARG A 1 68  ? -10.791 17.256  -1.389  1.000 20.902 0 68  ARG A C   1 ? 
ATOM   562  O  O   . ARG A 1 68  ? -10.756 17.713  -0.256  1.000 23.057 0 68  ARG A O   1 ? 
ATOM   563  C  CB  . ARG A 1 68  ? -13.096 16.328  -0.973  1.000 18.350 0 68  ARG A CB  1 ? 
ATOM   564  C  CG  . ARG A 1 68  ? -12.542 15.101  -0.286  1.000 19.285 0 68  ARG A CG  1 ? 
ATOM   565  C  CD  . ARG A 1 68  ? -13.390 14.792  0.912   1.000 19.120 0 68  ARG A CD  1 ? 
ATOM   566  N  NE  . ARG A 1 68  ? -12.744 13.773  1.715   1.000 17.896 0 68  ARG A NE  1 ? 
ATOM   567  C  CZ  . ARG A 1 68  ? -13.338 12.985  2.613   1.000 17.461 0 68  ARG A CZ  1 ? 
ATOM   568  N  NH1 . ARG A 1 68  ? -14.655 13.045  2.763   1.000 19.191 0 68  ARG A NH1 1 ? 
ATOM   569  N  NH2 . ARG A 1 68  ? -12.602 12.120  3.324   1.000 17.926 0 68  ARG A NH2 1 ? 
ATOM   570  N  N   . THR A 1 69  ? -9.689  17.086  -2.125  1.000 17.473 0 69  THR A N   1 ? 
ATOM   571  C  CA  . THR A 1 69  ? -8.375  17.375  -1.560  1.000 17.953 0 69  THR A CA  1 ? 
ATOM   572  C  C   . THR A 1 69  ? -7.765  18.555  -2.330  1.000 21.314 0 69  THR A C   1 ? 
ATOM   573  O  O   . THR A 1 69  ? -7.181  18.350  -3.385  1.000 21.512 0 69  THR A O   1 ? 
ATOM   574  C  CB  . THR A 1 69  ? -7.422  16.162  -1.616  1.000 16.618 0 69  THR A CB  1 ? 
ATOM   575  O  OG1 . THR A 1 69  ? -8.084  15.029  -1.027  1.000 16.371 0 69  THR A OG1 1 ? 
ATOM   576  C  CG2 . THR A 1 69  ? -6.131  16.427  -0.874  1.000 19.016 0 69  THR A CG2 1 ? 
ATOM   577  N  N   . PRO A 1 70  ? -8.038  19.825  -1.947  1.000 25.225 0 70  PRO A N   1 ? 
ATOM   578  C  CA  . PRO A 1 70  ? -7.538  20.988  -2.690  1.000 26.684 0 70  PRO A CA  1 ? 
ATOM   579  C  C   . PRO A 1 70  ? -6.030  21.026  -2.865  1.000 26.564 0 70  PRO A C   1 ? 
ATOM   580  O  O   . PRO A 1 70  ? -5.282  20.658  -1.966  1.000 33.154 0 70  PRO A O   1 ? 
ATOM   581  C  CB  . PRO A 1 70  ? -7.930  22.145  -1.758  1.000 30.233 0 70  PRO A CB  1 ? 
ATOM   582  C  CG  . PRO A 1 70  ? -9.228  21.684  -1.174  1.000 30.261 0 70  PRO A CG  1 ? 
ATOM   583  C  CD  . PRO A 1 70  ? -8.955  20.227  -0.869  1.000 27.826 0 70  PRO A CD  1 ? 
ATOM   584  N  N   . GLY A 1 71  ? -5.598  21.515  -4.026  1.000 32.443 0 71  GLY A N   1 ? 
ATOM   585  C  CA  . GLY A 1 71  ? -4.192  21.786  -4.257  1.000 35.720 0 71  GLY A CA  1 ? 
ATOM   586  C  C   . GLY A 1 71  ? -3.356  20.525  -4.108  1.000 35.054 0 71  GLY A C   1 ? 
ATOM   587  O  O   . GLY A 1 71  ? -2.253  20.574  -3.562  1.000 46.999 0 71  GLY A O   1 ? 
ATOM   588  N  N   . SER A 1 72  ? -3.914  19.403  -4.580  1.000 31.584 0 72  SER A N   1 ? 
ATOM   589  C  CA  . SER A 1 72  ? -3.259  18.115  -4.463  1.000 27.981 0 72  SER A CA  1 ? 
ATOM   590  C  C   . SER A 1 72  ? -2.944  17.617  -5.865  1.000 28.650 0 72  SER A C   1 ? 
ATOM   591  O  O   . SER A 1 72  ? -3.347  18.226  -6.851  1.000 29.982 0 72  SER A O   1 ? 
ATOM   592  C  CB  . SER A 1 72  ? -4.126  17.139  -3.690  1.000 24.803 0 72  SER A CB  1 ? 
ATOM   593  O  OG  . SER A 1 72  ? -5.229  16.709  -4.467  1.000 23.646 0 72  SER A OG  1 ? 
ATOM   594  N  N   . ARG A 1 73  ? -2.214  16.505  -5.950  1.000 25.528 0 73  ARG A N   1 ? 
ATOM   595  C  CA  . ARG A 1 73  ? -1.864  15.912  -7.234  1.000 25.678 0 73  ARG A CA  1 ? 
ATOM   596  C  C   . ARG A 1 73  ? -2.558  14.558  -7.371  1.000 22.581 0 73  ARG A C   1 ? 
ATOM   597  O  O   . ARG A 1 73  ? -3.114  14.037  -6.392  1.000 25.326 0 73  ARG A O   1 ? 
ATOM   598  C  CB  . ARG A 1 73  ? -0.338  15.820  -7.340  1.000 31.560 0 73  ARG A CB  1 ? 
ATOM   599  C  CG  . ARG A 1 73  ? 0.354   17.162  -7.164  1.000 37.046 0 73  ARG A CG  1 ? 
ATOM   600  C  CD  . ARG A 1 73  ? 0.552   17.927  -8.458  1.000 43.782 0 73  ARG A CD  1 ? 
ATOM   601  N  NE  . ARG A 1 73  ? 1.976   18.018  -8.760  1.000 52.423 0 73  ARG A NE  1 ? 
ATOM   602  C  CZ  . ARG A 1 73  ? 2.535   17.751  -9.934  1.000 54.850 0 73  ARG A CZ  1 ? 
ATOM   603  N  NH1 . ARG A 1 73  ? 1.791   17.493  -10.994 1.000 56.058 0 73  ARG A NH1 1 ? 
ATOM   604  N  NH2 . ARG A 1 73  ? 3.852   17.768  -10.042 1.000 57.852 0 73  ARG A NH2 1 ? 
ATOM   605  N  N   . ASN A 1 74  ? -2.559  14.012  -8.580  1.000 22.141 0 74  ASN A N   1 ? 
ATOM   606  C  CA  . ASN A 1 74  ? -3.128  12.708  -8.897  1.000 21.289 0 74  ASN A CA  1 ? 
ATOM   607  C  C   . ASN A 1 74  ? -2.098  11.929  -9.724  1.000 20.782 0 74  ASN A C   1 ? 
ATOM   608  O  O   . ASN A 1 74  ? -2.340  11.617  -10.870 1.000 21.434 0 74  ASN A O   1 ? 
ATOM   609  C  CB  . ASN A 1 74  ? -4.478  12.863  -9.625  1.000 19.175 0 74  ASN A CB  1 ? 
ATOM   610  C  CG  . ASN A 1 74  ? -5.100  11.568  -10.074 1.000 19.366 0 74  ASN A CG  1 ? 
ATOM   611  O  OD1 . ASN A 1 74  ? -4.713  10.487  -9.621  1.000 20.838 0 74  ASN A OD1 1 ? 
ATOM   612  N  ND2 . ASN A 1 74  ? -6.122  11.661  -10.902 1.000 21.263 0 74  ASN A ND2 1 ? 
ATOM   613  N  N   . LEU A 1 75  ? -0.970  11.560  -9.098  1.000 20.007 0 75  LEU A N   1 ? 
ATOM   614  C  CA  . LEU A 1 75  ? 0.161   11.021  -9.855  1.000 20.937 0 75  LEU A CA  1 ? 
ATOM   615  C  C   . LEU A 1 75  ? -0.080  9.594   -10.348 1.000 21.486 0 75  LEU A C   1 ? 
ATOM   616  O  O   . LEU A 1 75  ? 0.553   9.162   -11.324 1.000 24.178 0 75  LEU A O   1 ? 
ATOM   617  C  CB  . LEU A 1 75  ? 1.442   11.161  -9.027  1.000 22.294 0 75  LEU A CB  1 ? 
ATOM   618  C  CG  . LEU A 1 75  ? 1.892   12.598  -8.772  1.000 24.430 0 75  LEU A CG  1 ? 
ATOM   619  C  CD1 . LEU A 1 75  ? 3.003   12.639  -7.733  1.000 27.208 0 75  LEU A CD1 1 ? 
ATOM   620  C  CD2 . LEU A 1 75  ? 2.349   13.299  -10.058 1.000 26.499 0 75  LEU A CD2 1 ? 
ATOM   621  N  N   . CYS A 1 76  ? -1.005  8.842   -9.721  1.000 20.367 0 76  CYS A N   1 ? 
ATOM   622  C  CA  . CYS A 1 76  ? -1.350  7.532   -10.229 1.000 20.774 0 76  CYS A CA  1 ? 
ATOM   623  C  C   . CYS A 1 76  ? -2.452  7.593   -11.287 1.000 19.133 0 76  CYS A C   1 ? 
ATOM   624  O  O   . CYS A 1 76  ? -2.836  6.588   -11.835 1.000 21.365 0 76  CYS A O   1 ? 
ATOM   625  C  CB  . CYS A 1 76  ? -1.708  6.578   -9.095  1.000 18.813 0 76  CYS A CB  1 ? 
ATOM   626  S  SG  . CYS A 1 76  ? -0.211  6.281   -8.112  1.000 18.542 0 76  CYS A SG  1 ? 
ATOM   627  N  N   A ASN A 1 77  ? -3.012  8.791   -11.468 0.500 20.132 0 77  ASN A N   1 ? 
ATOM   628  N  N   B ASN A 1 77  ? -2.984  8.795   -11.540 0.500 20.772 0 77  ASN A N   1 ? 
ATOM   629  C  CA  A ASN A 1 77  ? -4.006  9.092   -12.486 0.500 21.598 0 77  ASN A CA  1 ? 
ATOM   630  C  CA  B ASN A 1 77  ? -4.032  9.029   -12.527 0.500 22.444 0 77  ASN A CA  1 ? 
ATOM   631  C  C   A ASN A 1 77  ? -5.257  8.223   -12.330 0.500 21.130 0 77  ASN A C   1 ? 
ATOM   632  C  C   B ASN A 1 77  ? -5.213  8.084   -12.305 0.500 21.922 0 77  ASN A C   1 ? 
ATOM   633  O  O   A ASN A 1 77  ? -5.743  7.671   -13.305 0.500 22.167 0 77  ASN A O   1 ? 
ATOM   634  O  O   B ASN A 1 77  ? -5.572  7.290   -13.169 0.500 21.860 0 77  ASN A O   1 ? 
ATOM   635  C  CB  A ASN A 1 77  ? -3.429  8.971   -13.900 0.500 23.899 0 77  ASN A CB  1 ? 
ATOM   636  C  CB  B ASN A 1 77  ? -3.512  8.948   -13.966 0.500 25.710 0 77  ASN A CB  1 ? 
ATOM   637  C  CG  A ASN A 1 77  ? -3.811  10.162  -14.753 0.500 27.685 0 77  ASN A CG  1 ? 
ATOM   638  C  CG  B ASN A 1 77  ? -3.042  7.568   -14.362 0.500 30.293 0 77  ASN A CG  1 ? 
ATOM   639  O  OD1 A ASN A 1 77  ? -4.962  10.595  -14.734 0.500 27.533 0 77  ASN A OD1 1 ? 
ATOM   640  O  OD1 B ASN A 1 77  ? -3.844  6.644   -14.490 0.500 32.752 0 77  ASN A OD1 1 ? 
ATOM   641  N  ND2 A ASN A 1 77  ? -2.846  10.728  -15.461 0.500 30.789 0 77  ASN A ND2 1 ? 
ATOM   642  N  ND2 B ASN A 1 77  ? -1.742  7.425   -14.577 0.500 34.583 0 77  ASN A ND2 1 ? 
ATOM   643  N  N   . ILE A 1 78  ? -5.787  8.143   -11.100 1.000 20.575 0 78  ILE A N   1 ? 
ATOM   644  C  CA  . ILE A 1 78  ? -6.915  7.284   -10.768 1.000 20.087 0 78  ILE A CA  1 ? 
ATOM   645  C  C   . ILE A 1 78  ? -7.833  8.004   -9.780  1.000 18.686 0 78  ILE A C   1 ? 
ATOM   646  O  O   . ILE A 1 78  ? -7.375  8.791   -8.965  1.000 19.038 0 78  ILE A O   1 ? 
ATOM   647  C  CB  . ILE A 1 78  ? -6.465  5.947   -10.149 1.000 24.162 0 78  ILE A CB  1 ? 
ATOM   648  C  CG1 . ILE A 1 78  ? -5.539  6.200   -8.964  1.000 24.056 0 78  ILE A CG1 1 ? 
ATOM   649  C  CG2 . ILE A 1 78  ? -5.878  4.999   -11.179 1.000 28.265 0 78  ILE A CG2 1 ? 
ATOM   650  C  CD1 . ILE A 1 78  ? -5.214  4.973   -8.178  1.000 25.932 0 78  ILE A CD1 1 ? 
ATOM   651  N  N   . PRO A 1 79  ? -9.139  7.642   -9.761  1.000 20.112 0 79  PRO A N   1 ? 
ATOM   652  C  CA  . PRO A 1 79  ? -9.973  8.007   -8.627  1.000 18.167 0 79  PRO A CA  1 ? 
ATOM   653  C  C   . PRO A 1 79  ? -9.544  7.199   -7.410  1.000 16.673 0 79  PRO A C   1 ? 
ATOM   654  O  O   . PRO A 1 79  ? -9.314  6.007   -7.502  1.000 17.612 0 79  PRO A O   1 ? 
ATOM   655  C  CB  . PRO A 1 79  ? -11.402 7.669   -9.070  1.000 19.565 0 79  PRO A CB  1 ? 
ATOM   656  C  CG  . PRO A 1 79  ? -11.238 6.637   -10.162 1.000 22.444 0 79  PRO A CG  1 ? 
ATOM   657  C  CD  . PRO A 1 79  ? -9.854  6.842   -10.758 1.000 20.446 0 79  PRO A CD  1 ? 
ATOM   658  N  N   . CYS A 1 80  ? -9.565  7.867   -6.268  1.000 16.021 0 80  CYS A N   1 ? 
ATOM   659  C  CA  . CYS A 1 80  ? -9.182  7.190   -5.038  1.000 15.271 0 80  CYS A CA  1 ? 
ATOM   660  C  C   . CYS A 1 80  ? -10.081 5.984   -4.772  1.000 15.060 0 80  CYS A C   1 ? 
ATOM   661  O  O   . CYS A 1 80  ? -9.612  5.006   -4.231  1.000 16.290 0 80  CYS A O   1 ? 
ATOM   662  C  CB  . CYS A 1 80  ? -9.178  8.139   -3.866  1.000 13.613 0 80  CYS A CB  1 ? 
ATOM   663  S  SG  . CYS A 1 80  ? -7.973  9.486   -4.008  1.000 15.594 0 80  CYS A SG  1 ? 
ATOM   664  N  N   . SER A 1 81  ? -11.373 6.017   -5.169  1.000 16.120 0 81  SER A N   1 ? 
ATOM   665  C  CA  . SER A 1 81  ? -12.282 4.903   -4.958  1.000 17.829 0 81  SER A CA  1 ? 
ATOM   666  C  C   . SER A 1 81  ? -11.792 3.615   -5.646  1.000 17.847 0 81  SER A C   1 ? 
ATOM   667  O  O   . SER A 1 81  ? -12.121 2.518   -5.204  1.000 19.356 0 81  SER A O   1 ? 
ATOM   668  C  CB  . SER A 1 81  ? -13.648 5.281   -5.486  1.000 19.648 0 81  SER A CB  1 ? 
ATOM   669  O  OG  . SER A 1 81  ? -13.579 5.463   -6.904  1.000 22.038 0 81  SER A OG  1 ? 
ATOM   670  N  N   . ALA A 1 82  ? -11.019 3.725   -6.738  1.000 20.665 0 82  ALA A N   1 ? 
ATOM   671  C  CA  . ALA A 1 82  ? -10.457 2.553   -7.400  1.000 21.711 0 82  ALA A CA  1 ? 
ATOM   672  C  C   . ALA A 1 82  ? -9.540  1.783   -6.460  1.000 21.131 0 82  ALA A C   1 ? 
ATOM   673  O  O   . ALA A 1 82  ? -9.228  0.610   -6.672  1.000 24.067 0 82  ALA A O   1 ? 
ATOM   674  C  CB  . ALA A 1 82  ? -9.674  2.932   -8.633  1.000 22.907 0 82  ALA A CB  1 ? 
ATOM   675  N  N   . LEU A 1 83  ? -8.970  2.479   -5.494  1.000 18.584 0 83  LEU A N   1 ? 
ATOM   676  C  CA  . LEU A 1 83  ? -8.066  1.852   -4.549  1.000 17.512 0 83  LEU A CA  1 ? 
ATOM   677  C  C   . LEU A 1 83  ? -8.804  1.071   -3.473  1.000 17.275 0 83  LEU A C   1 ? 
ATOM   678  O  O   . LEU A 1 83  ? -8.150  0.550   -2.581  1.000 18.933 0 83  LEU A O   1 ? 
ATOM   679  C  CB  . LEU A 1 83  ? -7.223  2.959   -3.915  1.000 17.694 0 83  LEU A CB  1 ? 
ATOM   680  C  CG  . LEU A 1 83  ? -6.315  3.721   -4.868  1.000 19.733 0 83  LEU A CG  1 ? 
ATOM   681  C  CD1 . LEU A 1 83  ? -5.684  4.925   -4.177  1.000 21.372 0 83  LEU A CD1 1 ? 
ATOM   682  C  CD2 . LEU A 1 83  ? -5.239  2.772   -5.384  1.000 22.643 0 83  LEU A CD2 1 ? 
ATOM   683  N  N   . LEU A 1 84  ? -10.151 1.008   -3.497  1.000 17.171 0 84  LEU A N   1 ? 
ATOM   684  C  CA  . LEU A 1 84  ? -10.918 0.297   -2.488  1.000 17.414 0 84  LEU A CA  1 ? 
ATOM   685  C  C   . LEU A 1 84  ? -11.485 -1.047  -2.984  1.000 18.414 0 84  LEU A C   1 ? 
ATOM   686  O  O   . LEU A 1 84  ? -12.106 -1.774  -2.213  1.000 20.915 0 84  LEU A O   1 ? 
ATOM   687  C  CB  . LEU A 1 84  ? -12.057 1.183   -1.977  1.000 16.616 0 84  LEU A CB  1 ? 
ATOM   688  C  CG  . LEU A 1 84  ? -11.620 2.518   -1.390  1.000 17.441 0 84  LEU A CG  1 ? 
ATOM   689  C  CD1 . LEU A 1 84  ? -12.824 3.333   -0.960  1.000 19.586 0 84  LEU A CD1 1 ? 
ATOM   690  C  CD2 . LEU A 1 84  ? -10.662 2.363   -0.216  1.000 15.773 0 84  LEU A CD2 1 ? 
ATOM   691  N  N   . SER A 1 85  ? -11.239 -1.388  -4.251  1.000 18.651 0 85  SER A N   1 ? 
ATOM   692  C  CA  . SER A 1 85  ? -11.774 -2.573  -4.883  1.000 21.025 0 85  SER A CA  1 ? 
ATOM   693  C  C   . SER A 1 85  ? -11.283 -3.844  -4.203  1.000 19.685 0 85  SER A C   1 ? 
ATOM   694  O  O   . SER A 1 85  ? -10.164 -3.888  -3.661  1.000 19.123 0 85  SER A O   1 ? 
ATOM   695  C  CB  . SER A 1 85  ? -11.362 -2.584  -6.321  1.000 23.455 0 85  SER A CB  1 ? 
ATOM   696  O  OG  . SER A 1 85  ? -11.646 -3.851  -6.883  1.000 26.507 0 85  SER A OG  1 ? 
ATOM   697  N  N   . SER A 1 86  ? -12.050 -4.929  -4.362  1.000 19.286 0 86  SER A N   1 ? 
ATOM   698  C  CA  . SER A 1 86  ? -11.616 -6.241  -3.923  1.000 20.099 0 86  SER A CA  1 ? 
ATOM   699  C  C   . SER A 1 86  ? -10.330 -6.637  -4.632  1.000 20.356 0 86  SER A C   1 ? 
ATOM   700  O  O   . SER A 1 86  ? -9.552  -7.408  -4.052  1.000 21.769 0 86  SER A O   1 ? 
ATOM   701  C  CB  A SER A 1 86  ? -12.715 -7.275  -4.155  0.500 20.942 0 86  SER A CB  1 ? 
ATOM   702  C  CB  B SER A 1 86  ? -12.695 -7.268  -4.189  0.500 22.586 0 86  SER A CB  1 ? 
ATOM   703  O  OG  A SER A 1 86  ? -13.177 -7.266  -5.494  0.500 21.531 0 86  SER A OG  1 ? 
ATOM   704  O  OG  B SER A 1 86  ? -13.747 -7.116  -3.257  0.500 27.331 0 86  SER A OG  1 ? 
ATOM   705  N  N   . ASP A 1 87  ? -10.175 -6.147  -5.869  1.000 20.571 0 87  ASP A N   1 ? 
ATOM   706  C  CA  . ASP A 1 87  ? -9.041  -6.406  -6.748  1.000 21.624 0 87  ASP A CA  1 ? 
ATOM   707  C  C   . ASP A 1 87  ? -7.957  -5.373  -6.424  1.000 19.674 0 87  ASP A C   1 ? 
ATOM   708  O  O   . ASP A 1 87  ? -8.174  -4.181  -6.620  1.000 18.327 0 87  ASP A O   1 ? 
ATOM   709  C  CB  . ASP A 1 87  ? -9.537  -6.378  -8.203  1.000 24.540 0 87  ASP A CB  1 ? 
ATOM   710  C  CG  . ASP A 1 87  ? -8.499  -6.483  -9.306  1.000 28.742 0 87  ASP A CG  1 ? 
ATOM   711  O  OD1 . ASP A 1 87  ? -7.293  -6.448  -9.011  1.000 26.443 0 87  ASP A OD1 1 ? 
ATOM   712  O  OD2 . ASP A 1 87  ? -8.923  -6.576  -10.485 1.000 34.573 0 87  ASP A OD2 1 ? 
ATOM   713  N  N   . ILE A 1 88  ? -6.744  -5.824  -6.070  1.000 18.040 0 88  ILE A N   1 ? 
ATOM   714  C  CA  . ILE A 1 88  ? -5.700  -4.897  -5.615  1.000 16.771 0 88  ILE A CA  1 ? 
ATOM   715  C  C   . ILE A 1 88  ? -4.848  -4.319  -6.739  1.000 17.974 0 88  ILE A C   1 ? 
ATOM   716  O  O   . ILE A 1 88  ? -3.895  -3.587  -6.438  1.000 15.553 0 88  ILE A O   1 ? 
ATOM   717  C  CB  . ILE A 1 88  ? -4.805  -5.539  -4.544  1.000 16.821 0 88  ILE A CB  1 ? 
ATOM   718  C  CG1 . ILE A 1 88  ? -3.903  -6.645  -5.101  1.000 18.306 0 88  ILE A CG1 1 ? 
ATOM   719  C  CG2 . ILE A 1 88  ? -5.652  -6.005  -3.397  1.000 17.845 0 88  ILE A CG2 1 ? 
ATOM   720  C  CD1 . ILE A 1 88  ? -2.807  -7.102  -4.156  1.000 18.634 0 88  ILE A CD1 1 ? 
ATOM   721  N  N   . THR A 1 89  ? -5.167  -4.610  -8.002  1.000 17.742 0 89  THR A N   1 ? 
ATOM   722  C  CA  . THR A 1 89  ? -4.332  -4.186  -9.116  1.000 18.487 0 89  THR A CA  1 ? 
ATOM   723  C  C   . THR A 1 89  ? -4.008  -2.697  -9.033  1.000 17.695 0 89  THR A C   1 ? 
ATOM   724  O  O   . THR A 1 89  ? -2.844  -2.301  -9.165  1.000 17.692 0 89  THR A O   1 ? 
ATOM   725  C  CB  . THR A 1 89  ? -4.974  -4.500  -10.477 1.000 19.563 0 89  THR A CB  1 ? 
ATOM   726  O  OG1 . THR A 1 89  ? -5.216  -5.902  -10.540 1.000 22.393 0 89  THR A OG1 1 ? 
ATOM   727  C  CG2 . THR A 1 89  ? -4.075  -4.083  -11.621 1.000 21.427 0 89  THR A CG2 1 ? 
ATOM   728  N  N   . ALA A 1 90  ? -5.019  -1.845  -8.898  1.000 17.471 0 90  ALA A N   1 ? 
ATOM   729  C  CA  . ALA A 1 90  ? -4.806  -0.420  -8.887  1.000 18.090 0 90  ALA A CA  1 ? 
ATOM   730  C  C   . ALA A 1 90  ? -3.891  -0.029  -7.721  1.000 17.239 0 90  ALA A C   1 ? 
ATOM   731  O  O   . ALA A 1 90  ? -3.018  0.818   -7.911  1.000 16.743 0 90  ALA A O   1 ? 
ATOM   732  C  CB  . ALA A 1 90  ? -6.138  0.305   -8.837  1.000 19.251 0 90  ALA A CB  1 ? 
ATOM   733  N  N   . SER A 1 91  ? -4.122  -0.558  -6.527  1.000 14.665 0 91  SER A N   1 ? 
ATOM   734  C  CA  . SER A 1 91  ? -3.279  -0.216  -5.395  1.000 14.237 0 91  SER A CA  1 ? 
ATOM   735  C  C   . SER A 1 91  ? -1.820  -0.617  -5.662  1.000 14.758 0 91  SER A C   1 ? 
ATOM   736  O  O   . SER A 1 91  ? -0.881  0.101   -5.284  1.000 14.526 0 91  SER A O   1 ? 
ATOM   737  C  CB  . SER A 1 91  ? -3.754  -0.865  -4.144  1.000 14.809 0 91  SER A CB  1 ? 
ATOM   738  O  OG  . SER A 1 91  ? -4.886  -0.176  -3.638  1.000 16.679 0 91  SER A OG  1 ? 
ATOM   739  N  N   . VAL A 1 92  ? -1.606  -1.810  -6.232  1.000 15.047 0 92  VAL A N   1 ? 
ATOM   740  C  CA  . VAL A 1 92  ? -0.259  -2.289  -6.469  1.000 15.127 0 92  VAL A CA  1 ? 
ATOM   741  C  C   . VAL A 1 92  ? 0.432   -1.408  -7.499  1.000 15.656 0 92  VAL A C   1 ? 
ATOM   742  O  O   . VAL A 1 92  ? 1.593   -1.016  -7.283  1.000 16.132 0 92  VAL A O   1 ? 
ATOM   743  C  CB  . VAL A 1 92  ? -0.245  -3.768  -6.895  1.000 17.665 0 92  VAL A CB  1 ? 
ATOM   744  C  CG1 . VAL A 1 92  ? 1.120   -4.195  -7.435  1.000 18.191 0 92  VAL A CG1 1 ? 
ATOM   745  C  CG2 . VAL A 1 92  ? -0.699  -4.671  -5.781  1.000 18.384 0 92  VAL A CG2 1 ? 
ATOM   746  N  N   . ASN A 1 93  ? -0.236  -1.135  -8.629  1.000 16.985 0 93  ASN A N   1 ? 
ATOM   747  C  CA  . ASN A 1 93  ? 0.364   -0.303  -9.652  1.000 18.903 0 93  ASN A CA  1 ? 
ATOM   748  C  C   . ASN A 1 93  ? 0.752   1.056   -9.073  1.000 16.782 0 93  ASN A C   1 ? 
ATOM   749  O  O   . ASN A 1 93  ? 1.792   1.616   -9.457  1.000 18.220 0 93  ASN A O   1 ? 
ATOM   750  C  CB  . ASN A 1 93  ? -0.520  -0.201  -10.903 1.000 22.441 0 93  ASN A CB  1 ? 
ATOM   751  C  CG  . ASN A 1 93  ? -0.688  -1.548  -11.575 1.000 27.476 0 93  ASN A CG  1 ? 
ATOM   752  O  OD1 . ASN A 1 93  ? 0.013   -2.510  -11.261 1.000 34.937 0 93  ASN A OD1 1 ? 
ATOM   753  N  ND2 . ASN A 1 93  ? -1.639  -1.623  -12.492 1.000 28.120 0 93  ASN A ND2 1 ? 
ATOM   754  N  N   . CYS A 1 94  ? -0.099  1.672   -8.249  1.000 15.464 0 94  CYS A N   1 ? 
ATOM   755  C  CA  . CYS A 1 94  ? 0.206   2.974   -7.688  1.000 15.326 0 94  CYS A CA  1 ? 
ATOM   756  C  C   . CYS A 1 94  ? 1.357   2.855   -6.669  1.000 14.374 0 94  CYS A C   1 ? 
ATOM   757  O  O   . CYS A 1 94  ? 2.257   3.701   -6.657  1.000 15.875 0 94  CYS A O   1 ? 
ATOM   758  C  CB  . CYS A 1 94  ? -1.090  3.564   -7.135  1.000 16.810 0 94  CYS A CB  1 ? 
ATOM   759  S  SG  . CYS A 1 94  ? -0.916  5.250   -6.526  1.000 17.497 0 94  CYS A SG  1 ? 
ATOM   760  N  N   . ALA A 1 95  ? 1.302   1.819   -5.824  1.000 14.120 0 95  ALA A N   1 ? 
ATOM   761  C  CA  . ALA A 1 95  ? 2.377   1.608   -4.864  1.000 13.332 0 95  ALA A CA  1 ? 
ATOM   762  C  C   . ALA A 1 95  ? 3.747   1.514   -5.532  1.000 13.423 0 95  ALA A C   1 ? 
ATOM   763  O  O   . ALA A 1 95  ? 4.750   1.948   -4.943  1.000 13.751 0 95  ALA A O   1 ? 
ATOM   764  C  CB  . ALA A 1 95  ? 2.121   0.383   -4.041  1.000 13.478 0 95  ALA A CB  1 ? 
ATOM   765  N  N   . LYS A 1 96  ? 3.782   0.922   -6.723  1.000 14.977 0 96  LYS A N   1 ? 
ATOM   766  C  CA  . LYS A 1 96  ? 5.055   0.851   -7.445  1.000 14.840 0 96  LYS A CA  1 ? 
ATOM   767  C  C   . LYS A 1 96  ? 5.596   2.241   -7.766  1.000 16.225 0 96  LYS A C   1 ? 
ATOM   768  O  O   . LYS A 1 96  ? 6.829   2.462   -7.699  1.000 15.843 0 96  LYS A O   1 ? 
ATOM   769  C  CB  . LYS A 1 96  ? 4.891   0.054   -8.738  1.000 17.242 0 96  LYS A CB  1 ? 
ATOM   770  C  CG  . LYS A 1 96  ? 4.758   -1.428  -8.506  1.000 17.235 0 96  LYS A CG  1 ? 
ATOM   771  C  CD  . LYS A 1 96  ? 4.500   -2.174  -9.787  1.000 19.521 0 96  LYS A CD  1 ? 
ATOM   772  C  CE  . LYS A 1 96  ? 4.431   -3.657  -9.516  1.000 20.712 0 96  LYS A CE  1 ? 
ATOM   773  N  NZ  . LYS A 1 96  ? 3.975   -4.406  -10.718 1.000 25.104 0 96  LYS A NZ  1 ? 
ATOM   774  N  N   . LYS A 1 97  ? 4.721   3.197   -8.089  1.000 16.379 0 97  LYS A N   1 ? 
ATOM   775  C  CA  . LYS A 1 97  ? 5.157   4.563   -8.282  1.000 16.061 0 97  LYS A CA  1 ? 
ATOM   776  C  C   . LYS A 1 97  ? 5.633   5.181   -6.978  1.000 17.469 0 97  LYS A C   1 ? 
ATOM   777  O  O   . LYS A 1 97  ? 6.636   5.894   -6.950  1.000 19.207 0 97  LYS A O   1 ? 
ATOM   778  C  CB  . LYS A 1 97  ? 4.043   5.422   -8.905  1.000 19.111 0 97  LYS A CB  1 ? 
ATOM   779  C  CG  . LYS A 1 97  ? 3.564   4.991   -10.274 1.000 23.520 0 97  LYS A CG  1 ? 
ATOM   780  C  CD  . LYS A 1 97  ? 2.403   5.856   -10.754 1.000 26.958 0 97  LYS A CD  1 ? 
ATOM   781  C  CE  . LYS A 1 97  ? 2.359   6.125   -12.240 1.000 33.017 0 97  LYS A CE  1 ? 
ATOM   782  N  NZ  . LYS A 1 97  ? 1.640   5.040   -12.947 1.000 36.522 0 97  LYS A NZ  1 ? 
ATOM   783  N  N   . ILE A 1 98  ? 4.882   4.987   -5.915  1.000 16.436 0 98  ILE A N   1 ? 
ATOM   784  C  CA  . ILE A 1 98  ? 5.180   5.631   -4.649  1.000 15.840 0 98  ILE A CA  1 ? 
ATOM   785  C  C   . ILE A 1 98  ? 6.581   5.215   -4.202  1.000 15.565 0 98  ILE A C   1 ? 
ATOM   786  O  O   . ILE A 1 98  ? 7.385   6.061   -3.773  1.000 17.213 0 98  ILE A O   1 ? 
ATOM   787  C  CB  . ILE A 1 98  ? 4.109   5.286   -3.615  1.000 15.533 0 98  ILE A CB  1 ? 
ATOM   788  C  CG1 . ILE A 1 98  ? 2.748   5.866   -3.999  1.000 16.171 0 98  ILE A CG1 1 ? 
ATOM   789  C  CG2 . ILE A 1 98  ? 4.554   5.826   -2.275  1.000 15.945 0 98  ILE A CG2 1 ? 
ATOM   790  C  CD1 . ILE A 1 98  ? 1.586   5.311   -3.226  1.000 16.247 0 98  ILE A CD1 1 ? 
ATOM   791  N  N   . VAL A 1 99  ? 6.856   3.908   -4.241  1.000 14.208 0 99  VAL A N   1 ? 
ATOM   792  C  CA  . VAL A 1 99  ? 8.088   3.379   -3.673  1.000 13.906 0 99  VAL A CA  1 ? 
ATOM   793  C  C   . VAL A 1 99  ? 9.282   3.814   -4.499  1.000 16.526 0 99  VAL A C   1 ? 
ATOM   794  O  O   . VAL A 1 99  ? 10.426  3.717   -4.026  1.000 15.481 0 99  VAL A O   1 ? 
ATOM   795  C  CB  . VAL A 1 99  ? 7.993   1.857   -3.530  1.000 14.023 0 99  VAL A CB  1 ? 
ATOM   796  C  CG1 . VAL A 1 99  ? 8.108   1.119   -4.845  1.000 14.825 0 99  VAL A CG1 1 ? 
ATOM   797  C  CG2 . VAL A 1 99  ? 8.977   1.310   -2.509  1.000 13.493 0 99  VAL A CG2 1 ? 
ATOM   798  N  N   . SER A 1 100 ? 9.013   4.342   -5.690  1.000 17.108 0 100 SER A N   1 ? 
ATOM   799  C  CA  . SER A 1 100 ? 10.059  4.946   -6.506  1.000 17.736 0 100 SER A CA  1 ? 
ATOM   800  C  C   . SER A 1 100 ? 10.194  6.464   -6.294  1.000 16.937 0 100 SER A C   1 ? 
ATOM   801  O  O   . SER A 1 100 ? 10.910  7.115   -7.074  1.000 22.862 0 100 SER A O   1 ? 
ATOM   802  C  CB  . SER A 1 100 ? 9.733   4.642   -7.959  1.000 19.748 0 100 SER A CB  1 ? 
ATOM   803  O  OG  . SER A 1 100 ? 9.512   3.259   -8.150  1.000 22.016 0 100 SER A OG  1 ? 
ATOM   804  N  N   . ASP A 1 101 ? 9.565   7.086   -5.289  1.000 19.582 0 101 ASP A N   1 ? 
ATOM   805  C  CA  . ASP A 1 101 ? 9.517   8.550   -5.157  1.000 19.484 0 101 ASP A CA  1 ? 
ATOM   806  C  C   . ASP A 1 101 ? 10.774  9.123   -4.471  1.000 17.627 0 101 ASP A C   1 ? 
ATOM   807  O  O   . ASP A 1 101 ? 10.865  10.351  -4.246  1.000 18.374 0 101 ASP A O   1 ? 
ATOM   808  C  CB  . ASP A 1 101 ? 8.220   8.987   -4.443  1.000 20.360 0 101 ASP A CB  1 ? 
ATOM   809  C  CG  . ASP A 1 101 ? 8.189   8.893   -2.916  1.000 21.179 0 101 ASP A CG  1 ? 
ATOM   810  O  OD1 . ASP A 1 101 ? 9.196   8.437   -2.302  1.000 21.684 0 101 ASP A OD1 1 ? 
ATOM   811  O  OD2 . ASP A 1 101 ? 7.148   9.348   -2.282  1.000 24.981 0 101 ASP A OD2 1 ? 
ATOM   812  N  N   . GLY A 1 102 ? 11.776  8.281   -4.180  1.000 17.689 0 102 GLY A N   1 ? 
ATOM   813  C  CA  . GLY A 1 102 ? 12.968  8.734   -3.484  1.000 16.632 0 102 GLY A CA  1 ? 
ATOM   814  C  C   . GLY A 1 102 ? 13.119  8.143   -2.096  1.000 16.547 0 102 GLY A C   1 ? 
ATOM   815  O  O   . GLY A 1 102 ? 14.244  7.903   -1.638  1.000 18.387 0 102 GLY A O   1 ? 
ATOM   816  N  N   A ASN A 1 103 ? 12.010  7.912   -1.376  0.500 14.965 0 103 ASN A N   1 ? 
ATOM   817  N  N   B ASN A 1 103 ? 11.970  7.872   -1.471  0.500 17.944 0 103 ASN A N   1 ? 
ATOM   818  C  CA  A ASN A 1 103 ? 12.074  7.475   0.014   0.500 13.183 0 103 ASN A CA  1 ? 
ATOM   819  C  CA  B ASN A 1 103 ? 11.879  7.555   -0.063  0.500 17.904 0 103 ASN A CA  1 ? 
ATOM   820  C  C   A ASN A 1 103 ? 11.860  5.961   0.143   0.500 12.494 0 103 ASN A C   1 ? 
ATOM   821  C  C   B ASN A 1 103 ? 11.730  6.051   0.149   0.500 14.269 0 103 ASN A C   1 ? 
ATOM   822  O  O   A ASN A 1 103 ? 11.946  5.384   1.213   0.500 12.478 0 103 ASN A O   1 ? 
ATOM   823  O  O   B ASN A 1 103 ? 11.619  5.646   1.312   0.500 12.493 0 103 ASN A O   1 ? 
ATOM   824  C  CB  A ASN A 1 103 ? 11.071  8.283   0.863   0.500 13.832 0 103 ASN A CB  1 ? 
ATOM   825  C  CB  B ASN A 1 103 ? 10.661  8.264   0.543   0.500 22.614 0 103 ASN A CB  1 ? 
ATOM   826  C  CG  A ASN A 1 103 ? 11.418  9.756   0.915   0.500 13.377 0 103 ASN A CG  1 ? 
ATOM   827  C  CG  B ASN A 1 103 ? 10.939  8.856   1.903   0.500 26.396 0 103 ASN A CG  1 ? 
ATOM   828  O  OD1 A ASN A 1 103 ? 12.589  10.074  0.858   0.500 13.726 0 103 ASN A OD1 1 ? 
ATOM   829  O  OD1 B ASN A 1 103 ? 12.089  8.900   2.328   0.500 31.165 0 103 ASN A OD1 1 ? 
ATOM   830  N  ND2 A ASN A 1 103 ? 10.450  10.632  1.093   0.500 14.216 0 103 ASN A ND2 1 ? 
ATOM   831  N  ND2 B ASN A 1 103 ? 9.904   9.335   2.576   0.500 27.779 0 103 ASN A ND2 1 ? 
ATOM   832  N  N   . GLY A 1 104 ? 11.640  5.274   -0.951  1.000 12.868 0 104 GLY A N   1 ? 
ATOM   833  C  CA  . GLY A 1 104 ? 11.401  3.848   -0.856  1.000 13.009 0 104 GLY A CA  1 ? 
ATOM   834  C  C   . GLY A 1 104 ? 10.170  3.563   0.000   1.000 11.351 0 104 GLY A C   1 ? 
ATOM   835  O  O   . GLY A 1 104 ? 9.207   4.341   -0.030  1.000 12.663 0 104 GLY A O   1 ? 
ATOM   836  N  N   . MET A 1 105 ? 10.211  2.528   0.808   1.000 11.471 0 105 MET A N   1 ? 
ATOM   837  C  CA  . MET A 1 105 ? 9.051   2.196   1.624   1.000 10.978 0 105 MET A CA  1 ? 
ATOM   838  C  C   . MET A 1 105 ? 8.901   3.116   2.828   1.000 10.929 0 105 MET A C   1 ? 
ATOM   839  O  O   . MET A 1 105 ? 7.869   3.086   3.511   1.000 11.322 0 105 MET A O   1 ? 
ATOM   840  C  CB  . MET A 1 105 ? 8.978   0.747   2.048   1.000 11.030 0 105 MET A CB  1 ? 
ATOM   841  C  CG  . MET A 1 105 ? 8.625   -0.161  0.890   1.000 11.961 0 105 MET A CG  1 ? 
ATOM   842  S  SD  . MET A 1 105 ? 8.187   -1.839  1.373   1.000 12.402 0 105 MET A SD  1 ? 
ATOM   843  C  CE  . MET A 1 105 ? 6.536   -1.539  1.972   1.000 12.856 0 105 MET A CE  1 ? 
ATOM   844  N  N   . ASN A 1 106 ? 9.874   4.026   3.080   1.000 12.085 0 106 ASN A N   1 ? 
ATOM   845  C  CA  . ASN A 1 106 ? 9.694   5.040   4.121   1.000 11.453 0 106 ASN A CA  1 ? 
ATOM   846  C  C   . ASN A 1 106 ? 8.545   5.992   3.814   1.000 12.761 0 106 ASN A C   1 ? 
ATOM   847  O  O   . ASN A 1 106 ? 8.104   6.727   4.688   1.000 13.232 0 106 ASN A O   1 ? 
ATOM   848  C  CB  . ASN A 1 106 ? 10.976  5.840   4.370   1.000 12.709 0 106 ASN A CB  1 ? 
ATOM   849  C  CG  . ASN A 1 106 ? 12.142  4.971   4.799   1.000 11.970 0 106 ASN A CG  1 ? 
ATOM   850  O  OD1 . ASN A 1 106 ? 12.152  4.413   5.915   1.000 13.022 0 106 ASN A OD1 1 ? 
ATOM   851  N  ND2 . ASN A 1 106 ? 13.092  4.774   3.876   1.000 14.767 0 106 ASN A ND2 1 ? 
ATOM   852  N  N   . ALA A 1 107 ? 8.076   5.999   2.575   1.000 12.058 0 107 ALA A N   1 ? 
ATOM   853  C  CA  . ALA A 1 107 ? 6.875   6.742   2.233   1.000 13.737 0 107 ALA A CA  1 ? 
ATOM   854  C  C   . ALA A 1 107 ? 5.701   6.320   3.094   1.000 12.559 0 107 ALA A C   1 ? 
ATOM   855  O  O   . ALA A 1 107 ? 4.813   7.146   3.360   1.000 15.022 0 107 ALA A O   1 ? 
ATOM   856  C  CB  . ALA A 1 107 ? 6.487   6.553   0.804   1.000 14.764 0 107 ALA A CB  1 ? 
ATOM   857  N  N   . TRP A 1 108 ? 5.647   5.060   3.515   1.000 11.757 0 108 TRP A N   1 ? 
ATOM   858  C  CA  . TRP A 1 108 ? 4.640   4.544   4.430   1.000 12.500 0 108 TRP A CA  1 ? 
ATOM   859  C  C   . TRP A 1 108 ? 5.198   4.628   5.849   1.000 13.511 0 108 TRP A C   1 ? 
ATOM   860  O  O   . TRP A 1 108 ? 6.022   3.817   6.282   1.000 12.596 0 108 TRP A O   1 ? 
ATOM   861  C  CB  . TRP A 1 108 ? 4.246   3.101   4.088   1.000 12.044 0 108 TRP A CB  1 ? 
ATOM   862  C  CG  . TRP A 1 108 ? 3.498   2.970   2.814   1.000 12.014 0 108 TRP A CG  1 ? 
ATOM   863  C  CD1 . TRP A 1 108 ? 2.141   3.066   2.681   1.000 13.576 0 108 TRP A CD1 1 ? 
ATOM   864  C  CD2 . TRP A 1 108 ? 4.013   2.734   1.506   1.000 11.737 0 108 TRP A CD2 1 ? 
ATOM   865  N  NE1 . TRP A 1 108 ? 1.779   2.902   1.384   1.000 13.323 0 108 TRP A NE1 1 ? 
ATOM   866  C  CE2 . TRP A 1 108 ? 2.905   2.709   0.634   1.000 12.403 0 108 TRP A CE2 1 ? 
ATOM   867  C  CE3 . TRP A 1 108 ? 5.313   2.575   0.977   1.000 11.238 0 108 TRP A CE3 1 ? 
ATOM   868  C  CZ2 . TRP A 1 108 ? 3.032   2.460   -0.713  1.000 12.654 0 108 TRP A CZ2 1 ? 
ATOM   869  C  CZ3 . TRP A 1 108 ? 5.424   2.367   -0.370  1.000 12.465 0 108 TRP A CZ3 1 ? 
ATOM   870  C  CH2 . TRP A 1 108 ? 4.295   2.277   -1.204  1.000 12.604 0 108 TRP A CH2 1 ? 
ATOM   871  N  N   . VAL A 1 109 ? 4.839   5.675   6.612   1.000 16.024 0 109 VAL A N   1 ? 
ATOM   872  C  CA  . VAL A 1 109 ? 5.362   5.846   7.979   1.000 15.922 0 109 VAL A CA  1 ? 
ATOM   873  C  C   . VAL A 1 109 ? 5.049   4.607   8.852   1.000 16.062 0 109 VAL A C   1 ? 
ATOM   874  O  O   . VAL A 1 109 ? 5.878   4.281   9.674   1.000 16.337 0 109 VAL A O   1 ? 
ATOM   875  C  CB  . VAL A 1 109 ? 4.929   7.160   8.643   1.000 20.758 0 109 VAL A CB  1 ? 
ATOM   876  C  CG1 . VAL A 1 109 ? 5.369   8.363   7.834   1.000 23.061 0 109 VAL A CG1 1 ? 
ATOM   877  C  CG2 . VAL A 1 109 ? 3.447   7.138   8.835   1.000 24.583 0 109 VAL A CG2 1 ? 
ATOM   878  N  N   . ALA A 1 110 ? 3.953   3.931   8.646   1.000 15.109 0 110 ALA A N   1 ? 
ATOM   879  C  CA  . ALA A 1 110 ? 3.702   2.699   9.400   1.000 15.681 0 110 ALA A CA  1 ? 
ATOM   880  C  C   . ALA A 1 110 ? 4.695   1.569   9.041   1.000 13.875 0 110 ALA A C   1 ? 
ATOM   881  O  O   . ALA A 1 110 ? 5.065   0.780   9.948   1.000 14.237 0 110 ALA A O   1 ? 
ATOM   882  C  CB  . ALA A 1 110 ? 2.313   2.181   9.186   1.000 18.328 0 110 ALA A CB  1 ? 
ATOM   883  N  N   . TRP A 1 111 ? 5.102   1.464   7.768   1.000 11.966 0 111 TRP A N   1 ? 
ATOM   884  C  CA  . TRP A 1 111 ? 6.183   0.559   7.454   1.000 11.554 0 111 TRP A CA  1 ? 
ATOM   885  C  C   . TRP A 1 111 ? 7.437   0.931   8.224   1.000 12.155 0 111 TRP A C   1 ? 
ATOM   886  O  O   . TRP A 1 111 ? 8.088   0.069   8.862   1.000 12.349 0 111 TRP A O   1 ? 
ATOM   887  C  CB  . TRP A 1 111 ? 6.440   0.494   5.946   1.000 11.280 0 111 TRP A CB  1 ? 
ATOM   888  C  CG  . TRP A 1 111 ? 7.606   -0.401  5.641   1.000 11.867 0 111 TRP A CG  1 ? 
ATOM   889  C  CD1 . TRP A 1 111 ? 7.599   -1.753  5.475   1.000 11.316 0 111 TRP A CD1 1 ? 
ATOM   890  C  CD2 . TRP A 1 111 ? 8.979   -0.017  5.517   1.000 11.548 0 111 TRP A CD2 1 ? 
ATOM   891  N  NE1 . TRP A 1 111 ? 8.850   -2.230  5.256   1.000 11.833 0 111 TRP A NE1 1 ? 
ATOM   892  C  CE2 . TRP A 1 111 ? 9.715   -1.187  5.253   1.000 11.494 0 111 TRP A CE2 1 ? 
ATOM   893  C  CE3 . TRP A 1 111 ? 9.656   1.206   5.523   1.000 12.269 0 111 TRP A CE3 1 ? 
ATOM   894  C  CZ2 . TRP A 1 111 ? 11.088  -1.146  5.033   1.000 11.869 0 111 TRP A CZ2 1 ? 
ATOM   895  C  CZ3 . TRP A 1 111 ? 11.006  1.235   5.304   1.000 12.800 0 111 TRP A CZ3 1 ? 
ATOM   896  C  CH2 . TRP A 1 111 ? 11.726  0.067   5.049   1.000 13.608 0 111 TRP A CH2 1 ? 
ATOM   897  N  N   . ARG A 1 112 ? 7.794   2.222   8.205   1.000 12.319 0 112 ARG A N   1 ? 
ATOM   898  C  CA  . ARG A 1 112 ? 9.030   2.571   8.861   1.000 14.078 0 112 ARG A CA  1 ? 
ATOM   899  C  C   . ARG A 1 112 ? 8.948   2.277   10.373  1.000 13.322 0 112 ARG A C   1 ? 
ATOM   900  O  O   . ARG A 1 112 ? 9.915   1.852   10.985  1.000 14.465 0 112 ARG A O   1 ? 
ATOM   901  C  CB  . ARG A 1 112 ? 9.324   4.019   8.527   1.000 15.640 0 112 ARG A CB  1 ? 
ATOM   902  C  CG  . ARG A 1 112 ? 10.573  4.560   9.198   1.000 16.806 0 112 ARG A CG  1 ? 
ATOM   903  C  CD  . ARG A 1 112 ? 10.310  5.097   10.575  1.000 19.422 0 112 ARG A CD  1 ? 
ATOM   904  N  NE  . ARG A 1 112 ? 11.530  5.760   10.979  1.000 20.074 0 112 ARG A NE  1 ? 
ATOM   905  C  CZ  . ARG A 1 112 ? 11.597  6.634   11.965  1.000 21.550 0 112 ARG A CZ  1 ? 
ATOM   906  N  NH1 . ARG A 1 112 ? 12.741  7.251   12.197  1.000 22.105 0 112 ARG A NH1 1 ? 
ATOM   907  N  NH2 . ARG A 1 112 ? 10.536  6.903   12.708  1.000 24.822 0 112 ARG A NH2 1 ? 
ATOM   908  N  N   . ASN A 1 113 ? 7.807   2.598   10.985  1.000 12.878 0 113 ASN A N   1 ? 
ATOM   909  C  CA  . ASN A 1 113 ? 7.693   2.488   12.449  1.000 13.439 0 113 ASN A CA  1 ? 
ATOM   910  C  C   . ASN A 1 113 ? 7.397   1.081   12.959  1.000 13.719 0 113 ASN A C   1 ? 
ATOM   911  O  O   . ASN A 1 113 ? 7.662   0.796   14.133  1.000 14.887 0 113 ASN A O   1 ? 
ATOM   912  C  CB  . ASN A 1 113 ? 6.657   3.467   13.008  1.000 14.379 0 113 ASN A CB  1 ? 
ATOM   913  C  CG  . ASN A 1 113 ? 7.161   4.890   12.954  1.000 14.560 0 113 ASN A CG  1 ? 
ATOM   914  O  OD1 . ASN A 1 113 ? 8.341   5.094   13.134  1.000 17.068 0 113 ASN A OD1 1 ? 
ATOM   915  N  ND2 . ASN A 1 113 ? 6.269   5.856   12.768  1.000 16.444 0 113 ASN A ND2 1 ? 
ATOM   916  N  N   . ARG A 1 114 ? 6.898   0.179   12.097  1.000 14.075 0 114 ARG A N   1 ? 
ATOM   917  C  CA  . ARG A 1 114 ? 6.418   -1.111  12.577  1.000 13.484 0 114 ARG A CA  1 ? 
ATOM   918  C  C   . ARG A 1 114 ? 7.042   -2.297  11.845  1.000 13.025 0 114 ARG A C   1 ? 
ATOM   919  O  O   . ARG A 1 114 ? 7.057   -3.401  12.395  1.000 16.170 0 114 ARG A O   1 ? 
ATOM   920  C  CB  . ARG A 1 114 ? 4.911   -1.050  12.491  1.000 16.119 0 114 ARG A CB  1 ? 
ATOM   921  C  CG  . ARG A 1 114 ? 4.463   0.134   13.342  1.000 16.995 0 114 ARG A CG  1 ? 
ATOM   922  C  CD  . ARG A 1 114 ? 2.978   0.247   13.485  1.000 17.558 0 114 ARG A CD  1 ? 
ATOM   923  N  NE  . ARG A 1 114 ? 2.494   -0.756  14.395  1.000 16.912 0 114 ARG A NE  1 ? 
ATOM   924  C  CZ  . ARG A 1 114 ? 1.205   -0.820  14.717  1.000 17.031 0 114 ARG A CZ  1 ? 
ATOM   925  N  NH1 . ARG A 1 114 ? 0.364   -0.011  14.113  1.000 18.998 0 114 ARG A NH1 1 ? 
ATOM   926  N  NH2 . ARG A 1 114 ? 0.795   -1.728  15.548  1.000 18.097 0 114 ARG A NH2 1 ? 
ATOM   927  N  N   . CYS A 1 115 ? 7.558   -2.087  10.636  1.000 11.742 0 115 CYS A N   1 ? 
ATOM   928  C  CA  . CYS A 1 115 ? 8.055   -3.185  9.815   1.000 11.749 0 115 CYS A CA  1 ? 
ATOM   929  C  C   . CYS A 1 115 ? 9.552   -3.118  9.567   1.000 11.991 0 115 CYS A C   1 ? 
ATOM   930  O  O   . CYS A 1 115 ? 10.228  -4.147  9.497   1.000 12.795 0 115 CYS A O   1 ? 
ATOM   931  C  CB  . CYS A 1 115 ? 7.367   -3.205  8.463   1.000 11.612 0 115 CYS A CB  1 ? 
ATOM   932  S  SG  . CYS A 1 115 ? 5.555   -3.400  8.585   1.000 12.170 0 115 CYS A SG  1 ? 
ATOM   933  N  N   . LYS A 1 116 ? 10.069  -1.922  9.354   1.000 11.537 0 116 LYS A N   1 ? 
ATOM   934  C  CA  . LYS A 1 116 ? 11.473  -1.730  9.050   1.000 12.214 0 116 LYS A CA  1 ? 
ATOM   935  C  C   . LYS A 1 116 ? 12.335  -2.345  10.144  1.000 12.998 0 116 LYS A C   1 ? 
ATOM   936  O  O   . LYS A 1 116 ? 12.123  -2.085  11.316  1.000 13.234 0 116 LYS A O   1 ? 
ATOM   937  C  CB  . LYS A 1 116 ? 11.717  -0.234  8.874   1.000 12.247 0 116 LYS A CB  1 ? 
ATOM   938  C  CG  . LYS A 1 116 ? 13.084  0.179   8.342   1.000 12.315 0 116 LYS A CG  1 ? 
ATOM   939  C  CD  . LYS A 1 116 ? 13.220  1.654   8.192   1.000 12.447 0 116 LYS A CD  1 ? 
ATOM   940  C  CE  . LYS A 1 116 ? 14.517  2.108   7.535   1.000 13.304 0 116 LYS A CE  1 ? 
ATOM   941  N  NZ  . LYS A 1 116 ? 14.542  3.574   7.316   1.000 14.269 0 116 LYS A NZ  1 ? 
ATOM   942  N  N   . GLY A 1 117 ? 13.329  -3.137  9.746   1.000 12.990 0 117 GLY A N   1 ? 
ATOM   943  C  CA  . GLY A 1 117 ? 14.231  -3.820  10.660  1.000 15.541 0 117 GLY A CA  1 ? 
ATOM   944  C  C   . GLY A 1 117 ? 13.686  -5.102  11.267  1.000 15.428 0 117 GLY A C   1 ? 
ATOM   945  O  O   . GLY A 1 117 ? 14.431  -5.728  12.013  1.000 16.956 0 117 GLY A O   1 ? 
ATOM   946  N  N   . THR A 1 118 ? 12.447  -5.508  10.991  1.000 14.042 0 118 THR A N   1 ? 
ATOM   947  C  CA  . THR A 1 118 ? 11.914  -6.727  11.558  1.000 13.630 0 118 THR A CA  1 ? 
ATOM   948  C  C   . THR A 1 118 ? 12.225  -7.944  10.675  1.000 14.095 0 118 THR A C   1 ? 
ATOM   949  O  O   . THR A 1 118 ? 12.676  -7.855  9.528   1.000 15.606 0 118 THR A O   1 ? 
ATOM   950  C  CB  . THR A 1 118 ? 10.405  -6.572  11.793  1.000 15.940 0 118 THR A CB  1 ? 
ATOM   951  O  OG1 . THR A 1 118 ? 9.697   -6.550  10.561  1.000 14.559 0 118 THR A OG1 1 ? 
ATOM   952  C  CG2 . THR A 1 118 ? 10.084  -5.356  12.620  1.000 15.382 0 118 THR A CG2 1 ? 
ATOM   953  N  N   . ASP A 1 119 ? 12.027  -9.132  11.264  1.000 14.904 0 119 ASP A N   1 ? 
ATOM   954  C  CA  . ASP A 1 119 ? 12.035  -10.417 10.572  1.000 14.742 0 119 ASP A CA  1 ? 
ATOM   955  C  C   . ASP A 1 119 ? 10.752  -10.519 9.751   1.000 15.576 0 119 ASP A C   1 ? 
ATOM   956  O  O   . ASP A 1 119 ? 9.808   -11.214 10.118  1.000 16.012 0 119 ASP A O   1 ? 
ATOM   957  C  CB  . ASP A 1 119 ? 12.184  -11.553 11.596  1.000 15.252 0 119 ASP A CB  1 ? 
ATOM   958  C  CG  . ASP A 1 119 ? 13.594  -11.703 12.130  1.000 16.205 0 119 ASP A CG  1 ? 
ATOM   959  O  OD1 . ASP A 1 119 ? 14.483  -11.785 11.251  1.000 17.676 0 119 ASP A OD1 1 ? 
ATOM   960  O  OD2 . ASP A 1 119 ? 13.807  -11.854 13.408  1.000 18.399 0 119 ASP A OD2 1 ? 
ATOM   961  N  N   . VAL A 1 120 ? 10.771  -9.844  8.594   1.000 16.024 0 120 VAL A N   1 ? 
ATOM   962  C  CA  . VAL A 1 120 ? 9.554   -9.724  7.800   1.000 16.524 0 120 VAL A CA  1 ? 
ATOM   963  C  C   . VAL A 1 120 ? 9.144   -11.041 7.162   1.000 17.280 0 120 VAL A C   1 ? 
ATOM   964  O  O   . VAL A 1 120 ? 7.994   -11.140 6.711   1.000 17.395 0 120 VAL A O   1 ? 
ATOM   965  C  CB  . VAL A 1 120 ? 9.601   -8.611  6.742   1.000 18.751 0 120 VAL A CB  1 ? 
ATOM   966  C  CG1 . VAL A 1 120 ? 9.645   -7.227  7.362   1.000 19.650 0 120 VAL A CG1 1 ? 
ATOM   967  C  CG2 . VAL A 1 120 ? 10.742  -8.800  5.767   1.000 20.400 0 120 VAL A CG2 1 ? 
ATOM   968  N  N   A GLN A 1 121 ? 10.085  -12.011 7.100   0.500 18.074 0 121 GLN A N   1 ? 
ATOM   969  N  N   B GLN A 1 121 ? 9.986   -12.057 7.027   0.500 19.436 0 121 GLN A N   1 ? 
ATOM   970  C  CA  A GLN A 1 121 ? 9.794   -13.341 6.587   0.500 18.070 0 121 GLN A CA  1 ? 
ATOM   971  C  CA  B GLN A 1 121 ? 9.396   -13.186 6.332   0.500 20.379 0 121 GLN A CA  1 ? 
ATOM   972  C  C   A GLN A 1 121 ? 8.600   -13.923 7.330   0.500 16.833 0 121 GLN A C   1 ? 
ATOM   973  C  C   B GLN A 1 121 ? 8.584   -14.012 7.355   0.500 17.135 0 121 GLN A C   1 ? 
ATOM   974  O  O   A GLN A 1 121 ? 7.821   -14.636 6.711   0.500 18.824 0 121 GLN A O   1 ? 
ATOM   975  O  O   B GLN A 1 121 ? 7.939   -14.995 7.006   0.500 18.646 0 121 GLN A O   1 ? 
ATOM   976  C  CB  A GLN A 1 121 ? 11.026  -14.254 6.621   0.500 21.018 0 121 GLN A CB  1 ? 
ATOM   977  C  CB  B GLN A 1 121 ? 10.454  -13.777 5.382   0.500 22.700 0 121 GLN A CB  1 ? 
ATOM   978  C  CG  A GLN A 1 121 ? 11.952  -14.055 5.426   0.500 27.404 0 121 GLN A CG  1 ? 
ATOM   979  C  CG  B GLN A 1 121 ? 10.247  -13.484 3.863   0.500 23.580 0 121 GLN A CG  1 ? 
ATOM   980  C  CD  A GLN A 1 121 ? 12.484  -12.649 5.279   0.500 30.722 0 121 GLN A CD  1 ? 
ATOM   981  C  CD  B GLN A 1 121 ? 10.011  -12.086 3.298   0.500 21.076 0 121 GLN A CD  1 ? 
ATOM   982  O  OE1 A GLN A 1 121 ? 12.137  -11.924 4.348   0.500 34.806 0 121 GLN A OE1 1 ? 
ATOM   983  O  OE1 B GLN A 1 121 ? 10.218  -11.078 3.955   0.500 26.137 0 121 GLN A OE1 1 ? 
ATOM   984  N  NE2 A GLN A 1 121 ? 13.358  -12.258 6.191   0.500 33.313 0 121 GLN A NE2 1 ? 
ATOM   985  N  NE2 B GLN A 1 121 ? 9.651   -12.001 2.024   0.500 17.568 0 121 GLN A NE2 1 ? 
ATOM   986  N  N   . ALA A 1 122 ? 8.438   -13.532 8.600   1.000 16.522 0 122 ALA A N   1 ? 
ATOM   987  C  CA  . ALA A 1 122 ? 7.356   -14.041 9.441   1.000 17.681 0 122 ALA A CA  1 ? 
ATOM   988  C  C   . ALA A 1 122 ? 6.000   -13.843 8.765   1.000 16.573 0 122 ALA A C   1 ? 
ATOM   989  O  O   . ALA A 1 122 ? 5.072   -14.627 8.956   1.000 17.693 0 122 ALA A O   1 ? 
ATOM   990  C  CB  . ALA A 1 122 ? 7.329   -13.437 10.835  1.000 18.161 0 122 ALA A CB  1 ? 
ATOM   991  N  N   . TRP A 1 123 ? 5.892   -12.785 7.949   1.000 14.692 0 123 TRP A N   1 ? 
ATOM   992  C  CA  . TRP A 1 123 ? 4.596   -12.467 7.369   1.000 13.736 0 123 TRP A CA  1 ? 
ATOM   993  C  C   . TRP A 1 123 ? 4.178   -13.423 6.270   1.000 17.031 0 123 TRP A C   1 ? 
ATOM   994  O  O   . TRP A 1 123 ? 2.982   -13.499 5.945   1.000 17.112 0 123 TRP A O   1 ? 
ATOM   995  C  CB  . TRP A 1 123 ? 4.592   -11.030 6.834   1.000 15.153 0 123 TRP A CB  1 ? 
ATOM   996  C  CG  . TRP A 1 123 ? 4.603   -10.072 7.962   1.000 16.211 0 123 TRP A CG  1 ? 
ATOM   997  C  CD1 . TRP A 1 123 ? 5.706   -9.482  8.497   1.000 16.121 0 123 TRP A CD1 1 ? 
ATOM   998  C  CD2 . TRP A 1 123 ? 3.501   -9.698  8.787   1.000 16.215 0 123 TRP A CD2 1 ? 
ATOM   999  N  NE1 . TRP A 1 123 ? 5.389   -8.740  9.598   1.000 16.166 0 123 TRP A NE1 1 ? 
ATOM   1000 C  CE2 . TRP A 1 123 ? 4.045   -8.882  9.817   1.000 16.090 0 123 TRP A CE2 1 ? 
ATOM   1001 C  CE3 . TRP A 1 123 ? 2.129   -9.982  8.758   1.000 17.249 0 123 TRP A CE3 1 ? 
ATOM   1002 C  CZ2 . TRP A 1 123 ? 3.236   -8.338  10.821  1.000 18.365 0 123 TRP A CZ2 1 ? 
ATOM   1003 C  CZ3 . TRP A 1 123 ? 1.353   -9.464  9.777   1.000 18.792 0 123 TRP A CZ3 1 ? 
ATOM   1004 C  CH2 . TRP A 1 123 ? 1.899   -8.645  10.770  1.000 19.484 0 123 TRP A CH2 1 ? 
ATOM   1005 N  N   . ILE A 1 124 ? 5.141   -14.151 5.680   1.000 16.720 0 124 ILE A N   1 ? 
ATOM   1006 C  CA  . ILE A 1 124 ? 4.801   -15.097 4.627   1.000 18.146 0 124 ILE A CA  1 ? 
ATOM   1007 C  C   . ILE A 1 124 ? 5.126   -16.520 5.050   1.000 18.989 0 124 ILE A C   1 ? 
ATOM   1008 O  O   . ILE A 1 124 ? 4.954   -17.433 4.244   1.000 18.675 0 124 ILE A O   1 ? 
ATOM   1009 C  CB  . ILE A 1 124 ? 5.516   -14.695 3.330   1.000 20.111 0 124 ILE A CB  1 ? 
ATOM   1010 C  CG1 . ILE A 1 124 ? 7.034   -14.762 3.464   1.000 21.352 0 124 ILE A CG1 1 ? 
ATOM   1011 C  CG2 . ILE A 1 124 ? 5.047   -13.318 2.887   1.000 22.717 0 124 ILE A CG2 1 ? 
ATOM   1012 C  CD1 . ILE A 1 124 ? 7.717   -14.899 2.115   1.000 22.425 0 124 ILE A CD1 1 ? 
ATOM   1013 N  N   . ARG A 1 125 ? 5.457   -16.716 6.322   1.000 19.280 0 125 ARG A N   1 ? 
ATOM   1014 C  CA  . ARG A 1 125 ? 5.741   -18.063 6.804   1.000 21.168 0 125 ARG A CA  1 ? 
ATOM   1015 C  C   . ARG A 1 125 ? 4.513   -18.948 6.651   1.000 22.663 0 125 ARG A C   1 ? 
ATOM   1016 O  O   . ARG A 1 125 ? 3.421   -18.560 7.055   1.000 23.370 0 125 ARG A O   1 ? 
ATOM   1017 C  CB  . ARG A 1 125 ? 6.132   -18.018 8.282   1.000 24.845 0 125 ARG A CB  1 ? 
ATOM   1018 C  CG  . ARG A 1 125 ? 6.243   -19.380 8.960   1.000 30.321 0 125 ARG A CG  1 ? 
ATOM   1019 C  CD  . ARG A 1 125 ? 6.915   -19.261 10.321  1.000 37.674 0 125 ARG A CD  1 ? 
ATOM   1020 N  NE  . ARG A 1 125 ? 8.325   -18.912 10.160  1.000 43.255 0 125 ARG A NE  1 ? 
ATOM   1021 C  CZ  . ARG A 1 125 ? 8.910   -17.814 10.641  1.000 46.067 0 125 ARG A CZ  1 ? 
ATOM   1022 N  NH1 . ARG A 1 125 ? 8.286   -17.043 11.517  1.000 47.166 0 125 ARG A NH1 1 ? 
ATOM   1023 N  NH2 . ARG A 1 125 ? 10.140  -17.513 10.269  1.000 48.395 0 125 ARG A NH2 1 ? 
ATOM   1024 N  N   . GLY A 1 126 ? 4.703   -20.156 6.089   1.000 20.688 0 126 GLY A N   1 ? 
ATOM   1025 C  CA  . GLY A 1 126 ? 3.601   -21.096 5.998   1.000 22.265 0 126 GLY A CA  1 ? 
ATOM   1026 C  C   . GLY A 1 126 ? 2.840   -20.977 4.678   1.000 20.947 0 126 GLY A C   1 ? 
ATOM   1027 O  O   . GLY A 1 126 ? 2.204   -21.930 4.220   1.000 25.288 0 126 GLY A O   1 ? 
ATOM   1028 N  N   . CYS A 1 127 ? 2.928   -19.807 4.025   1.000 19.500 0 127 CYS A N   1 ? 
ATOM   1029 C  CA  . CYS A 1 127 ? 2.176   -19.580 2.809   1.000 17.909 0 127 CYS A CA  1 ? 
ATOM   1030 C  C   . CYS A 1 127 ? 2.757   -20.387 1.653   1.000 19.292 0 127 CYS A C   1 ? 
ATOM   1031 O  O   . CYS A 1 127 ? 3.979   -20.456 1.493   1.000 21.380 0 127 CYS A O   1 ? 
ATOM   1032 C  CB  . CYS A 1 127 ? 2.223   -18.102 2.464   1.000 18.469 0 127 CYS A CB  1 ? 
ATOM   1033 S  SG  . CYS A 1 127 ? 1.610   -16.986 3.757   1.000 19.654 0 127 CYS A SG  1 ? 
ATOM   1034 N  N   . ARG A 1 128 ? 1.875   -20.916 0.800   1.000 21.386 0 128 ARG A N   1 ? 
ATOM   1035 C  CA  . ARG A 1 128 ? 2.309   -21.659 -0.366  1.000 25.458 0 128 ARG A CA  1 ? 
ATOM   1036 C  C   . ARG A 1 128 ? 2.392   -20.660 -1.509  1.000 27.821 0 128 ARG A C   1 ? 
ATOM   1037 O  O   . ARG A 1 128 ? 1.367   -20.271 -2.081  1.000 34.072 0 128 ARG A O   1 ? 
ATOM   1038 C  CB  . ARG A 1 128 ? 1.374   -22.810 -0.762  1.000 28.881 0 128 ARG A CB  1 ? 
ATOM   1039 C  CG  . ARG A 1 128 ? 0.571   -23.428 0.371   1.000 33.774 0 128 ARG A CG  1 ? 
ATOM   1040 C  CD  . ARG A 1 128 ? 0.031   -24.777 -0.066  1.000 39.144 0 128 ARG A CD  1 ? 
ATOM   1041 N  NE  . ARG A 1 128 ? -0.588  -25.515 1.027   1.000 45.666 0 128 ARG A NE  1 ? 
ATOM   1042 C  CZ  . ARG A 1 128 ? -1.783  -25.253 1.547   1.000 48.807 0 128 ARG A CZ  1 ? 
ATOM   1043 N  NH1 . ARG A 1 128 ? -2.607  -24.413 0.949   1.000 48.146 0 128 ARG A NH1 1 ? 
ATOM   1044 N  NH2 . ARG A 1 128 ? -2.166  -25.868 2.655   1.000 52.946 0 128 ARG A NH2 1 ? 
ATOM   1045 N  N   . LEU A 1 129 ? 3.614   -20.235 -1.815  1.000 31.227 0 129 LEU A N   1 ? 
ATOM   1046 C  CA  . LEU A 1 129 ? 3.826   -19.142 -2.748  1.000 35.599 0 129 LEU A CA  1 ? 
ATOM   1047 C  C   . LEU A 1 129 ? 4.735   -19.606 -3.890  1.000 44.255 0 129 LEU A C   1 ? 
ATOM   1048 O  O   . LEU A 1 129 ? 4.703   -18.919 -4.935  1.000 43.910 0 129 LEU A O   1 ? 
ATOM   1049 C  CB  . LEU A 1 129 ? 4.439   -17.963 -1.990  1.000 34.862 0 129 LEU A CB  1 ? 
ATOM   1050 C  CG  . LEU A 1 129 ? 3.535   -17.336 -0.935  1.000 33.501 0 129 LEU A CG  1 ? 
ATOM   1051 C  CD1 . LEU A 1 129 ? 4.308   -16.359 -0.073  1.000 32.610 0 129 LEU A CD1 1 ? 
ATOM   1052 C  CD2 . LEU A 1 129 ? 2.344   -16.655 -1.596  1.000 38.169 0 129 LEU A CD2 1 ? 
ATOM   1053 O  OXT . LEU A 1 129 ? 5.427   -20.636 -3.704  1.000 49.366 0 129 LEU A OXT 1 ? 
HETATM 1054 CL CL  . CL  B 2 .   ? 14.844  2.090   -1.407  1.000 33.542 0 201 CL  A CL  1 ? 
HETATM 1055 NA NA  . NA  C 3 .   ? -5.241  14.226  -5.292  1.000 19.918 0 202 NA  A NA  1 ? 
HETATM 1056 N  N   . NO3 D 4 .   ? 3.976   -3.380  16.092  0.700 18.462 0 203 NO3 A N   1 ? 
HETATM 1057 O  O1  . NO3 D 4 .   ? 4.596   -2.494  15.582  0.700 19.076 0 203 NO3 A O1  1 ? 
HETATM 1058 O  O2  . NO3 D 4 .   ? 2.786   -3.208  16.404  0.700 24.283 0 203 NO3 A O2  1 ? 
HETATM 1059 O  O3  . NO3 D 4 .   ? 4.537   -4.519  16.275  0.700 18.601 0 203 NO3 A O3  1 ? 
HETATM 1060 N  N   . NO3 E 4 .   ? -6.099  -9.294  -6.475  1.000 31.733 0 204 NO3 A N   1 ? 
HETATM 1061 O  O1  . NO3 E 4 .   ? -6.798  -8.814  -5.614  1.000 27.066 0 204 NO3 A O1  1 ? 
HETATM 1062 O  O2  . NO3 E 4 .   ? -5.991  -10.512 -6.553  1.000 35.701 0 204 NO3 A O2  1 ? 
HETATM 1063 O  O3  . NO3 E 4 .   ? -5.573  -8.570  -7.317  1.000 35.281 0 204 NO3 A O3  1 ? 
HETATM 1064 RU RU1 . YWR F 5 .   ? 9.429   -9.813  14.716  0.450 9.857  0 205 YWR A RU1 1 ? 
HETATM 1065 RU RU2 . YWR F 5 .   ? 10.228  -9.685  16.841  0.450 10.872 0 205 YWR A RU2 1 ? 
HETATM 1066 O  O6  . YWR F 5 .   ? 9.407   -7.811  17.017  0.450 10.548 0 205 YWR A O6  1 ? 
HETATM 1067 O  O1  . YWR F 5 .   ? 10.233  -11.681 14.435  0.450 10.784 0 205 YWR A O1  1 ? 
HETATM 1068 O  O2  . YWR F 5 .   ? 11.106  -11.540 16.505  0.450 10.736 0 205 YWR A O2  1 ? 
HETATM 1069 O  O5  . YWR F 5 .   ? 8.638   -7.954  14.929  0.450 10.261 0 205 YWR A O5  1 ? 
HETATM 1070 O  O3  . YWR F 5 .   ? 11.214  -8.982  14.043  0.450 9.966  0 205 YWR A O3  1 ? 
HETATM 1071 O  O4  . YWR F 5 .   ? 11.902  -8.731  16.155  0.450 12.046 0 205 YWR A O4  1 ? 
HETATM 1072 N  N2  . YWR F 5 .   ? 8.553   -10.586 17.512  0.450 10.015 0 205 YWR A N2  1 ? 
HETATM 1073 N  N1  . YWR F 5 .   ? 7.699   -10.669 15.380  0.450 10.047 0 205 YWR A N1  1 ? 
HETATM 1074 C  C1  . YWR F 5 .   ? 10.883  -12.131 15.417  0.450 13.213 0 205 YWR A C1  1 ? 
HETATM 1075 C  C7  . YWR F 5 .   ? 7.631   -10.978 16.655  0.450 9.763  0 205 YWR A C7  1 ? 
HETATM 1076 C  C3  . YWR F 5 .   ? 12.039  -8.576  14.894  0.450 10.937 0 205 YWR A C3  1 ? 
HETATM 1077 C  C23 . YWR F 5 .   ? 3.348   -12.198 11.122  0.450 13.608 0 205 YWR A C23 1 ? 
HETATM 1078 C  C5  . YWR F 5 .   ? 8.895   -7.288  15.966  0.450 11.861 0 205 YWR A C5  1 ? 
HETATM 1079 O  O9  . YWR F 5 .   ? 11.506  -13.444 15.145  0.450 15.830 0 205 YWR A O9  1 ? 
HETATM 1080 C  C20 . YWR F 5 .   ? 8.817   -12.267 19.282  0.450 11.229 0 205 YWR A C20 1 ? 
HETATM 1081 C  C9  . YWR F 5 .   ? 6.383   -12.621 14.679  0.450 11.203 0 205 YWR A C9  1 ? 
HETATM 1082 C  C10 . YWR F 5 .   ? 5.439   -13.172 13.843  0.450 10.362 0 205 YWR A C10 1 ? 
HETATM 1083 C  C15 . YWR F 5 .   ? 8.557   -10.962 18.886  0.450 9.643  0 205 YWR A C15 1 ? 
HETATM 1084 C  C8  . YWR F 5 .   ? 6.687   -11.307 14.557  0.450 10.208 0 205 YWR A C8  1 ? 
HETATM 1085 O  O11 . YWR F 5 .   ? 8.680   -5.798  16.002  0.450 18.080 0 205 YWR A O11 1 ? 
HETATM 1086 C  C13 . YWR F 5 .   ? 6.044   -10.442 13.616  0.450 9.948  0 205 YWR A C13 1 ? 
HETATM 1087 C  C16 . YWR F 5 .   ? 8.335   -10.004 19.876  0.450 10.096 0 205 YWR A C16 1 ? 
HETATM 1088 C  C17 . YWR F 5 .   ? 8.364   -10.373 21.194  0.450 10.050 0 205 YWR A C17 1 ? 
HETATM 1089 C  C11 . YWR F 5 .   ? 4.757   -12.288 13.052  0.450 11.273 0 205 YWR A C11 1 ? 
HETATM 1090 O  O8  . YWR F 5 .   ? 3.833   -12.936 12.176  0.450 12.210 0 205 YWR A O8  1 ? 
HETATM 1091 C  C22 . YWR F 5 .   ? 9.070   -13.254 23.321  0.450 12.855 0 205 YWR A C22 1 ? 
HETATM 1092 C  C12 . YWR F 5 .   ? 5.084   -10.964 12.808  0.450 11.068 0 205 YWR A C12 1 ? 
HETATM 1093 O  O10 . YWR F 5 .   ? 13.260  -7.774  14.573  0.450 14.793 0 205 YWR A O10 1 ? 
HETATM 1094 C  C18 . YWR F 5 .   ? 8.648   -11.658 21.600  0.450 10.422 0 205 YWR A C18 1 ? 
HETATM 1095 C  C19 . YWR F 5 .   ? 8.825   -12.644 20.649  0.450 10.870 0 205 YWR A C19 1 ? 
HETATM 1096 O  O7  . YWR F 5 .   ? 8.690   -11.941 22.948  0.450 11.233 0 205 YWR A O7  1 ? 
HETATM 1097 RU RU1 . YWR G 5 .   ? 16.428  -12.112 11.952  0.500 12.064 0 206 YWR A RU1 1 ? 
HETATM 1098 RU RU2 . YWR G 5 .   ? 15.677  -12.219 14.098  0.500 11.978 0 206 YWR A RU2 1 ? 
HETATM 1099 O  O6  . YWR G 5 .   ? 17.586  -12.612 14.720  0.500 13.490 0 206 YWR A O6  1 ? 
HETATM 1100 O  O5  . YWR G 5 .   ? 18.342  -12.473 12.607  0.500 13.310 0 206 YWR A O5  1 ? 
HETATM 1101 O  O3  . YWR G 5 .   ? 16.163  -14.134 11.812  0.500 12.997 0 206 YWR A O3  1 ? 
HETATM 1102 O  O4  . YWR G 5 .   ? 15.362  -14.207 13.865  0.500 12.274 0 206 YWR A O4  1 ? 
HETATM 1103 N  N2  . YWR G 5 .   ? 16.081  -10.244 14.367  0.500 12.959 0 206 YWR A N2  1 ? 
HETATM 1104 N  N1  . YWR G 5 .   ? 16.714  -10.127 12.193  0.500 12.477 0 206 YWR A N1  1 ? 
HETATM 1105 C  C7  . YWR G 5 .   ? 16.483  -9.525  13.329  0.500 13.676 0 206 YWR A C7  1 ? 
HETATM 1106 C  C3  . YWR G 5 .   ? 15.726  -14.780 12.795  0.500 12.932 0 206 YWR A C3  1 ? 
HETATM 1107 C  C23 . YWR G 5 .   ? 17.005  -5.360  8.401   0.500 15.918 0 206 YWR A C23 1 ? 
HETATM 1108 C  C5  . YWR G 5 .   ? 18.521  -12.605 13.850  0.500 13.741 0 206 YWR A C5  1 ? 
HETATM 1109 C  C20 . YWR G 5 .   ? 16.972  -8.802  16.101  0.500 14.965 0 206 YWR A C20 1 ? 
HETATM 1110 C  C9  . YWR G 5 .   ? 18.144  -9.398  10.338  0.500 14.244 0 206 YWR A C9  1 ? 
HETATM 1111 C  C10 . YWR G 5 .   ? 18.402  -8.556  9.280   0.500 14.401 0 206 YWR A C10 1 ? 
HETATM 1112 C  C15 . YWR G 5 .   ? 15.961  -9.620  15.616  0.500 14.053 0 206 YWR A C15 1 ? 
HETATM 1113 C  C8  . YWR G 5 .   ? 17.029  -9.251  11.088  0.500 13.166 0 206 YWR A C8  1 ? 
HETATM 1114 O  O11 . YWR G 5 .   ? 19.938  -12.777 14.360  0.500 17.338 0 206 YWR A O11 1 ? 
HETATM 1115 C  C13 . YWR G 5 .   ? 16.103  -8.175  10.889  0.500 14.693 0 206 YWR A C13 1 ? 
HETATM 1116 C  C16 . YWR G 5 .   ? 14.825  -9.828  16.394  0.500 15.220 0 206 YWR A C16 1 ? 
HETATM 1117 C  C17 . YWR G 5 .   ? 14.643  -9.243  17.616  0.500 16.390 0 206 YWR A C17 1 ? 
HETATM 1118 C  C11 . YWR G 5 .   ? 17.559  -7.475  9.232   0.500 15.458 0 206 YWR A C11 1 ? 
HETATM 1119 O  O8  . YWR G 5 .   ? 17.720  -6.517  8.182   0.500 17.414 0 206 YWR A O8  1 ? 
HETATM 1120 C  C22 . YWR G 5 .   ? 14.384  -7.890  20.097  0.500 18.537 0 206 YWR A C22 1 ? 
HETATM 1121 C  C12 . YWR G 5 .   ? 16.323  -7.295  9.860   0.500 15.680 0 206 YWR A C12 1 ? 
HETATM 1122 O  O10 . YWR G 5 .   ? 15.547  -16.254 12.653  0.500 17.891 0 206 YWR A O10 1 ? 
HETATM 1123 C  C18 . YWR G 5 .   ? 15.631  -8.403  18.085  0.500 15.634 0 206 YWR A C18 1 ? 
HETATM 1124 C  C19 . YWR G 5 .   ? 16.780  -8.176  17.347  0.500 14.412 0 206 YWR A C19 1 ? 
HETATM 1125 O  O7  . YWR G 5 .   ? 15.564  -7.772  19.306  0.500 16.873 0 206 YWR A O7  1 ? 
HETATM 1126 RU RU1 . YWR H 5 .   ? 8.866   12.367  -7.349  0.350 12.275 0 207 YWR A RU1 1 ? 
HETATM 1127 RU RU2 . YWR H 5 .   ? 8.639   12.430  -9.622  0.350 12.741 0 207 YWR A RU2 1 ? 
HETATM 1128 O  O6  . YWR H 5 .   ? 7.604   10.695  -9.596  0.350 14.776 0 207 YWR A O6  1 ? 
HETATM 1129 O  O1  . YWR H 5 .   ? 9.980   14.076  -7.440  0.350 13.539 0 207 YWR A O1  1 ? 
HETATM 1130 O  O2  . YWR H 5 .   ? 9.713   14.170  -9.652  0.350 12.289 0 207 YWR A O2  1 ? 
HETATM 1131 O  O5  . YWR H 5 .   ? 7.817   10.615  -7.373  0.350 12.606 0 207 YWR A O5  1 ? 
HETATM 1132 O  O3  . YWR H 5 .   ? 10.560  11.231  -7.577  0.350 14.258 0 207 YWR A O3  1 ? 
HETATM 1133 O  O4  . YWR H 5 .   ? 10.402  11.373  -9.767  0.350 14.491 0 207 YWR A O4  1 ? 
HETATM 1134 N  N2  . YWR H 5 .   ? 6.874   13.437  -9.400  0.350 11.724 0 207 YWR A N2  1 ? 
HETATM 1135 N  N1  . YWR H 5 .   ? 7.159   13.437  -7.077  0.350 12.317 0 207 YWR A N1  1 ? 
HETATM 1136 C  C1  . YWR H 5 .   ? 10.167  14.625  -8.567  0.350 13.449 0 207 YWR A C1  1 ? 
HETATM 1137 C  C7  . YWR H 5 .   ? 6.503   13.789  -8.167  0.350 13.116 0 207 YWR A C7  1 ? 
HETATM 1138 C  C3  . YWR H 5 .   ? 10.935  10.914  -8.720  0.350 15.315 0 207 YWR A C3  1 ? 
HETATM 1139 C  C23 . YWR H 5 .   ? 5.634   13.387  -1.010  0.350 16.119 0 207 YWR A C23 1 ? 
HETATM 1140 C  C5  . YWR H 5 .   ? 7.361   10.154  -8.456  0.350 14.479 0 207 YWR A C5  1 ? 
HETATM 1141 O  O9  . YWR H 5 .   ? 10.992  15.865  -8.644  0.350 16.340 0 207 YWR A O9  1 ? 
HETATM 1142 C  C20 . YWR H 5 .   ? 5.384   15.013  -10.641 0.350 14.917 0 207 YWR A C20 1 ? 
HETATM 1143 C  C9  . YWR H 5 .   ? 7.145   14.898  -5.051  0.350 14.097 0 207 YWR A C9  1 ? 
HETATM 1144 C  C10 . YWR H 5 .   ? 6.916   15.093  -3.704  0.350 15.055 0 207 YWR A C10 1 ? 
HETATM 1145 C  C15 . YWR H 5 .   ? 6.012   13.780  -10.468 0.350 13.671 0 207 YWR A C15 1 ? 
HETATM 1146 C  C8  . YWR H 5 .   ? 6.788   13.763  -5.700  0.350 14.016 0 207 YWR A C8  1 ? 
HETATM 1147 O  O11 . YWR H 5 .   ? 6.498   8.907   -8.406  0.350 18.913 0 207 YWR A O11 1 ? 
HETATM 1148 C  C13 . YWR H 5 .   ? 6.125   12.705  -4.992  0.350 14.970 0 207 YWR A C13 1 ? 
HETATM 1149 C  C16 . YWR H 5 .   ? 5.800   12.826  -11.467 0.350 15.056 0 207 YWR A C16 1 ? 
HETATM 1150 C  C17 . YWR H 5 .   ? 4.991   13.022  -12.554 0.350 17.379 0 207 YWR A C17 1 ? 
HETATM 1151 C  C11 . YWR H 5 .   ? 6.144   14.085  -3.192  0.350 14.983 0 207 YWR A C11 1 ? 
HETATM 1152 O  O8  . YWR H 5 .   ? 5.990   14.437  -1.817  0.350 15.838 0 207 YWR A O8  1 ? 
HETATM 1153 C  C22 . YWR H 5 .   ? 2.513   15.538  -13.567 0.350 20.899 0 207 YWR A C22 1 ? 
HETATM 1154 C  C12 . YWR H 5 .   ? 5.824   12.817  -3.664  0.350 14.963 0 207 YWR A C12 1 ? 
HETATM 1155 O  O10 . YWR H 5 .   ? 12.081  9.969   -8.830  0.350 18.226 0 207 YWR A O10 1 ? 
HETATM 1156 C  C18 . YWR H 5 .   ? 4.366   14.238  -12.718 0.350 17.360 0 207 YWR A C18 1 ? 
HETATM 1157 C  C19 . YWR H 5 .   ? 4.562   15.224  -11.772 0.350 15.752 0 207 YWR A C19 1 ? 
HETATM 1158 O  O7  . YWR H 5 .   ? 3.535   14.569  -13.765 0.350 19.694 0 207 YWR A O7  1 ? 
HETATM 1159 N  N   . NO3 I 4 .   ? 8.778   18.095  -9.753  1.000 52.669 0 208 NO3 A N   1 ? 
HETATM 1160 O  O1  . NO3 I 4 .   ? 9.708   18.372  -8.996  1.000 50.528 0 208 NO3 A O1  1 ? 
HETATM 1161 O  O2  . NO3 I 4 .   ? 7.686   18.642  -9.616  1.000 50.689 0 208 NO3 A O2  1 ? 
HETATM 1162 O  O3  . NO3 I 4 .   ? 8.941   17.270  -10.652 1.000 46.984 0 208 NO3 A O3  1 ? 
HETATM 1163 O  O   . HOH J 6 .   ? 12.719  -12.467 8.315   1.000 26.888 0 301 HOH A O   1 ? 
HETATM 1164 O  O   . HOH J 6 .   ? 1.764   5.168   7.266   1.000 21.819 0 302 HOH A O   1 ? 
HETATM 1165 O  O   . HOH J 6 .   ? 4.517   18.432  -12.358 1.000 27.427 0 303 HOH A O   1 ? 
HETATM 1166 O  O   . HOH J 6 .   ? -7.395  -8.360  9.113   1.000 29.343 0 304 HOH A O   1 ? 
HETATM 1167 O  O   . HOH J 6 .   ? 6.705   -4.723  14.716  1.000 23.992 0 305 HOH A O   1 ? 
HETATM 1168 O  O   . HOH J 6 .   ? 3.046   1.609   -11.736 1.000 31.490 0 306 HOH A O   1 ? 
HETATM 1169 O  O   . HOH J 6 .   ? 12.318  5.528   -3.772  1.000 18.072 0 307 HOH A O   1 ? 
HETATM 1170 O  O   . HOH J 6 .   ? 9.347   12.315  -5.141  0.350 11.793 0 308 HOH A O   1 ? 
HETATM 1171 O  O   . HOH J 6 .   ? -7.017  -1.594  -1.530  1.000 27.058 0 309 HOH A O   1 ? 
HETATM 1172 O  O   . HOH J 6 .   ? -14.733 -5.629  -1.297  1.000 34.959 0 310 HOH A O   1 ? 
HETATM 1173 O  O   . HOH J 6 .   ? -1.128  5.777   6.849   1.000 21.640 0 311 HOH A O   1 ? 
HETATM 1174 O  O   . HOH J 6 .   ? -1.161  2.706   10.263  1.000 22.893 0 312 HOH A O   1 ? 
HETATM 1175 O  O   . HOH J 6 .   ? -9.798  13.907  1.322   1.000 16.694 0 313 HOH A O   1 ? 
HETATM 1176 O  O   . HOH J 6 .   ? -13.283 3.013   5.172   1.000 14.630 0 314 HOH A O   1 ? 
HETATM 1177 O  O   . HOH J 6 .   ? -4.294  8.478   7.791   1.000 30.710 0 315 HOH A O   1 ? 
HETATM 1178 O  O   . HOH J 6 .   ? 7.228   9.786   0.370   1.000 32.466 0 316 HOH A O   1 ? 
HETATM 1179 O  O   . HOH J 6 .   ? -7.809  -2.719  -8.851  1.000 21.075 0 317 HOH A O   1 ? 
HETATM 1180 O  O   . HOH J 6 .   ? 14.897  7.098   10.590  0.450 13.246 0 318 HOH A O   1 ? 
HETATM 1181 O  O   . HOH J 6 .   ? -0.807  9.399   5.631   1.000 30.148 0 319 HOH A O   1 ? 
HETATM 1182 O  O   . HOH J 6 .   ? -13.845 -5.121  3.319   1.000 17.036 0 320 HOH A O   1 ? 
HETATM 1183 O  O   . HOH J 6 .   ? -9.314  -10.012 -4.730  1.000 34.054 0 321 HOH A O   1 ? 
HETATM 1184 O  O   . HOH J 6 .   ? -15.844 6.683   -7.732  1.000 25.972 0 322 HOH A O   1 ? 
HETATM 1185 O  O   . HOH J 6 .   ? 8.074   -6.719  -10.569 1.000 33.730 0 323 HOH A O   1 ? 
HETATM 1186 O  O   . HOH J 6 .   ? 6.105   -18.944 2.305   1.000 28.683 0 324 HOH A O   1 ? 
HETATM 1187 O  O   . HOH J 6 .   ? -14.201 0.732   -5.279  1.000 32.216 0 325 HOH A O   1 ? 
HETATM 1188 O  O   . HOH J 6 .   ? -9.653  -0.578  -9.111  1.000 26.926 0 326 HOH A O   1 ? 
HETATM 1189 O  O   . HOH J 6 .   ? -13.285 3.471   -8.777  1.000 31.434 0 327 HOH A O   1 ? 
HETATM 1190 O  O   . HOH J 6 .   ? 14.045  11.850  -0.657  0.500 15.979 0 328 HOH A O   1 ? 
HETATM 1191 O  O   . HOH J 6 .   ? 7.429   -7.898  11.348  1.000 15.680 0 329 HOH A O   1 ? 
HETATM 1192 O  O   . HOH J 6 .   ? -0.815  14.438  3.422   1.000 31.928 0 330 HOH A O   1 ? 
HETATM 1193 O  O   . HOH J 6 .   ? -7.553  -2.997  -3.522  1.000 21.778 0 331 HOH A O   1 ? 
HETATM 1194 O  O   . HOH J 6 .   ? -3.737  5.803   7.263   1.000 20.431 0 332 HOH A O   1 ? 
HETATM 1195 O  O   . HOH J 6 .   ? -14.643 -4.593  -5.307  1.000 30.744 0 333 HOH A O   1 ? 
HETATM 1196 O  O   . HOH J 6 .   ? 9.376   -7.515  -8.573  1.000 35.675 0 334 HOH A O   1 ? 
HETATM 1197 O  O   . HOH J 6 .   ? -9.503  16.400  -4.818  1.000 26.236 0 335 HOH A O   1 ? 
HETATM 1198 O  O   . HOH J 6 .   ? 11.918  -4.516  7.031   1.000 19.641 0 336 HOH A O   1 ? 
HETATM 1199 O  O   . HOH J 6 .   ? 15.837  10.189  -1.860  1.000 22.357 0 337 HOH A O   1 ? 
HETATM 1200 O  O   . HOH J 6 .   ? 15.656  -1.455  -1.632  1.000 23.527 0 338 HOH A O   1 ? 
HETATM 1201 O  O   . HOH J 6 .   ? 13.927  5.410   9.346   1.000 17.066 0 339 HOH A O   1 ? 
HETATM 1202 O  O   . HOH J 6 .   ? -1.963  -2.247  15.735  1.000 18.232 0 340 HOH A O   1 ? 
HETATM 1203 O  O   . HOH J 6 .   ? -0.139  5.779   4.290   1.000 24.208 0 341 HOH A O   1 ? 
HETATM 1204 O  O   . HOH J 6 .   ? 6.494   -10.637 -7.238  1.000 23.481 0 342 HOH A O   1 ? 
HETATM 1205 O  O   . HOH J 6 .   ? -4.111  1.118   -1.245  1.000 13.896 0 343 HOH A O   1 ? 
HETATM 1206 O  O   . HOH J 6 .   ? 13.929  -6.136  7.661   1.000 20.583 0 344 HOH A O   1 ? 
HETATM 1207 O  O   . HOH J 6 .   ? 16.952  -6.319  -1.494  1.000 25.374 0 345 HOH A O   1 ? 
HETATM 1208 O  O   . HOH J 6 .   ? -12.682 8.174   5.718   0.500 18.589 0 346 HOH A O   1 ? 
HETATM 1209 O  O   . HOH J 6 .   ? 12.231  -3.468  -9.108  1.000 30.168 0 347 HOH A O   1 ? 
HETATM 1210 O  O   . HOH J 6 .   ? 8.895   -9.871  12.469  0.450 10.041 0 348 HOH A O   1 ? 
HETATM 1211 O  O   . HOH J 6 .   ? 6.111   -6.063  12.884  1.000 27.383 0 349 HOH A O   1 ? 
HETATM 1212 O  O   . HOH J 6 .   ? 10.323  -0.419  12.818  1.000 15.135 0 350 HOH A O   1 ? 
HETATM 1213 O  O   . HOH J 6 .   ? -3.333  2.613   -10.136 1.000 26.587 0 351 HOH A O   1 ? 
HETATM 1214 O  O   . HOH J 6 .   ? 17.234  -12.416 9.758   0.500 20.395 0 352 HOH A O   1 ? 
HETATM 1215 O  O   . HOH J 6 .   ? -9.494  -1.823  8.244   1.000 19.838 0 353 HOH A O   1 ? 
HETATM 1216 O  O   . HOH J 6 .   ? -14.058 -9.773  3.265   1.000 27.593 0 354 HOH A O   1 ? 
HETATM 1217 O  O   . HOH J 6 .   ? -16.563 15.161  2.100   1.000 23.757 0 355 HOH A O   1 ? 
HETATM 1218 O  O   A HOH J 6 .   ? -10.696 9.392   9.408   0.500 18.792 0 356 HOH A O   1 ? 
HETATM 1219 O  O   B HOH J 6 .   ? -11.453 8.922   8.080   0.500 16.950 0 356 HOH A O   1 ? 
HETATM 1220 O  O   A HOH J 6 .   ? 0.500   7.578   0.266   0.500 14.493 0 357 HOH A O   1 ? 
HETATM 1221 O  O   B HOH J 6 .   ? 1.147   6.301   0.644   0.500 17.460 0 357 HOH A O   1 ? 
HETATM 1222 O  O   . HOH J 6 .   ? 1.915   7.093   2.760   1.000 32.986 0 358 HOH A O   1 ? 
HETATM 1223 O  O   . HOH J 6 .   ? -3.210  -3.706  12.172  1.000 33.264 0 359 HOH A O   1 ? 
HETATM 1224 O  O   . HOH J 6 .   ? 3.244   9.793   -0.089  1.000 31.351 0 360 HOH A O   1 ? 
HETATM 1225 O  O   . HOH J 6 .   ? 13.610  -6.773  4.672   1.000 21.449 0 361 HOH A O   1 ? 
HETATM 1226 O  O   . HOH J 6 .   ? 2.544   7.310   5.626   1.000 21.759 0 362 HOH A O   1 ? 
HETATM 1227 O  O   . HOH J 6 .   ? 1.498   -15.554 -6.814  1.000 30.391 0 363 HOH A O   1 ? 
HETATM 1228 O  O   . HOH J 6 .   ? 8.799   12.441  -12.060 0.350 14.964 0 364 HOH A O   1 ? 
HETATM 1229 O  O   . HOH J 6 .   ? -13.486 18.895  -6.764  1.000 38.062 0 365 HOH A O   1 ? 
HETATM 1230 O  O   . HOH J 6 .   ? -6.851  -1.472  -5.619  1.000 21.341 0 366 HOH A O   1 ? 
HETATM 1231 O  O   . HOH J 6 .   ? 0.904   9.579   3.379   1.000 35.848 0 367 HOH A O   1 ? 
HETATM 1232 O  O   . HOH J 6 .   ? -3.486  -16.525 5.666   1.000 34.049 0 368 HOH A O   1 ? 
HETATM 1233 O  O   . HOH J 6 .   ? -14.788 -9.961  -2.829  1.000 45.280 0 369 HOH A O   1 ? 
HETATM 1234 O  O   . HOH J 6 .   ? -1.758  15.220  7.123   1.000 31.151 0 370 HOH A O   1 ? 
HETATM 1235 O  O   . HOH J 6 .   ? -4.787  -16.230 3.772   1.000 27.610 0 371 HOH A O   1 ? 
HETATM 1236 O  O   . HOH J 6 .   ? -1.157  -20.442 1.407   1.000 39.232 0 372 HOH A O   1 ? 
HETATM 1237 O  O   . HOH J 6 .   ? -1.261  3.950   -11.226 1.000 31.379 0 373 HOH A O   1 ? 
HETATM 1238 O  O   . HOH J 6 .   ? -7.806  14.737  -4.685  1.000 23.872 0 374 HOH A O   1 ? 
HETATM 1239 O  O   . HOH J 6 .   ? -6.013  15.082  -7.242  1.000 23.095 0 375 HOH A O   1 ? 
HETATM 1240 O  O   . HOH J 6 .   ? 8.493   16.416  -1.156  1.000 32.986 0 376 HOH A O   1 ? 
HETATM 1241 O  O   . HOH J 6 .   ? -8.672  9.779   -12.215 1.000 33.577 0 377 HOH A O   1 ? 
HETATM 1242 O  O   A HOH J 6 .   ? 9.788   7.787   9.039   0.500 19.731 0 378 HOH A O   1 ? 
HETATM 1243 O  O   B HOH J 6 .   ? 9.245   6.903   7.234   0.500 18.790 0 378 HOH A O   1 ? 
HETATM 1244 O  O   . HOH J 6 .   ? 6.372   2.574   -11.364 1.000 44.214 0 379 HOH A O   1 ? 
HETATM 1245 O  O   . HOH J 6 .   ? 12.080  -15.321 12.262  1.000 34.360 0 380 HOH A O   1 ? 
HETATM 1246 O  O   . HOH J 6 .   ? -4.419  -18.435 1.829   1.000 35.745 0 381 HOH A O   1 ? 
HETATM 1247 O  O   . HOH J 6 .   ? -3.173  -15.523 -5.688  0.500 33.170 0 382 HOH A O   1 ? 
HETATM 1248 O  O   . HOH J 6 .   ? 8.312   -9.816  -9.684  1.000 50.330 0 383 HOH A O   1 ? 
HETATM 1249 O  O   . HOH J 6 .   ? -13.657 14.037  -8.535  1.000 24.168 0 384 HOH A O   1 ? 
HETATM 1250 O  O   . HOH J 6 .   ? 10.930  -6.138  -9.919  1.000 35.082 0 385 HOH A O   1 ? 
HETATM 1251 O  O   . HOH J 6 .   ? -4.760  1.587   -12.195 1.000 30.707 0 386 HOH A O   1 ? 
HETATM 1252 O  O   . HOH J 6 .   ? 13.875  -15.608 1.907   1.000 38.551 0 387 HOH A O   1 ? 
# 
